data_8I5N
#
_entry.id   8I5N
#
_cell.length_a   1.00
_cell.length_b   1.00
_cell.length_c   1.00
_cell.angle_alpha   90.00
_cell.angle_beta   90.00
_cell.angle_gamma   90.00
#
_symmetry.space_group_name_H-M   'P 1'
#
loop_
_entity.id
_entity.type
_entity.pdbx_description
1 polymer 'ATP-sensitive inward rectifier potassium channel 10'
2 non-polymer '[(2R)-2-octanoyloxy-3-[oxidanyl-[(1R,2R,3S,4R,5R,6S)-2,3,6-tris(oxidanyl)-4,5-diphosphonooxy-cyclohexyl]oxy-phosphoryl]oxy-propyl] octanoate'
#
_entity_poly.entity_id   1
_entity_poly.type   'polypeptide(L)'
_entity_poly.pdbx_seq_one_letter_code
;GAPGIRRRRVLTKDGRSNVRMEHIADKRFLYLKDLWTTFIDMQWRYKLLLFSATFAGTWFLFGVVWYLVAVAHGDLLELG
PPANHTPCVVQVHTLTGAFLFSLESQTTIGYGFRYISEECPLAIVLLIAQLVLTTILEIFITGTFLAKIARPKKRAETIR
FSQHAVVAYHNGKLCLMIRVANMRKSLLIGCQVTGKLLQTHQTKEGENIRLNQVNVTFQVDTASDSPFLILPLTFYHVVD
ETSPLKDLPLRSGEGDFELVLILSGTVESTSATCQVRTSYLPEEILWGYEFTPAISLSASGKYVADFSLFDQVVKVASPG
GLRDSTVRYGDPEKLKLDYKDDDDK
;
_entity_poly.pdbx_strand_id   A,B,C,D
#
loop_
_chem_comp.id
_chem_comp.type
_chem_comp.name
_chem_comp.formula
PIO non-polymer '[(2R)-2-octanoyloxy-3-[oxidanyl-[(1R,2R,3S,4R,5R,6S)-2,3,6-tris(oxidanyl)-4,5-diphosphonooxy-cyclohexyl]oxy-phosphoryl]oxy-propyl] octanoate' 'C25 H49 O19 P3'
#
# COMPACT_ATOMS: atom_id res chain seq x y z
N ARG A 7 -9.92 -17.77 34.20
CA ARG A 7 -10.93 -16.77 34.46
C ARG A 7 -11.43 -16.13 33.18
N ARG A 8 -12.54 -15.44 33.29
CA ARG A 8 -13.03 -14.58 32.22
C ARG A 8 -12.04 -13.45 32.00
N ARG A 9 -11.78 -13.13 30.73
CA ARG A 9 -10.84 -12.06 30.43
C ARG A 9 -11.26 -11.34 29.17
N VAL A 10 -10.77 -10.11 29.03
CA VAL A 10 -11.01 -9.30 27.85
C VAL A 10 -10.23 -9.83 26.67
N LEU A 11 -8.91 -9.82 26.78
CA LEU A 11 -8.03 -10.19 25.69
C LEU A 11 -7.23 -11.40 26.11
N THR A 12 -7.20 -12.40 25.23
CA THR A 12 -6.39 -13.57 25.48
C THR A 12 -4.95 -13.16 25.69
N LYS A 13 -4.26 -13.91 26.54
CA LYS A 13 -2.91 -13.57 26.96
C LYS A 13 -2.00 -13.23 25.79
N ASP A 14 -2.25 -13.83 24.63
CA ASP A 14 -1.47 -13.51 23.44
C ASP A 14 -1.98 -12.29 22.72
N GLY A 15 -3.25 -11.94 22.90
CA GLY A 15 -3.82 -10.74 22.34
C GLY A 15 -4.90 -10.97 21.33
N ARG A 16 -5.62 -12.08 21.40
CA ARG A 16 -6.70 -12.33 20.46
C ARG A 16 -8.00 -11.83 21.04
N SER A 17 -8.92 -11.46 20.17
CA SER A 17 -10.21 -10.98 20.63
C SER A 17 -10.91 -12.06 21.43
N ASN A 18 -11.65 -11.62 22.44
CA ASN A 18 -12.36 -12.54 23.30
C ASN A 18 -13.82 -12.10 23.45
N VAL A 19 -14.48 -11.77 22.35
CA VAL A 19 -15.89 -11.46 22.33
C VAL A 19 -16.53 -12.25 21.21
N ARG A 20 -17.83 -12.46 21.31
CA ARG A 20 -18.64 -12.88 20.18
C ARG A 20 -19.76 -11.89 20.00
N MET A 21 -20.24 -11.78 18.78
CA MET A 21 -21.38 -10.92 18.48
C MET A 21 -22.54 -11.82 18.10
N GLU A 22 -23.74 -11.36 18.41
CA GLU A 22 -24.93 -12.17 18.22
C GLU A 22 -26.10 -11.32 17.75
N HIS A 23 -26.97 -11.96 16.97
CA HIS A 23 -28.23 -11.38 16.55
C HIS A 23 -28.01 -10.12 15.71
N ILE A 24 -27.01 -10.17 14.84
CA ILE A 24 -26.84 -9.16 13.81
C ILE A 24 -27.90 -9.40 12.74
N ALA A 25 -28.75 -8.40 12.52
CA ALA A 25 -29.73 -8.50 11.45
C ALA A 25 -29.09 -8.09 10.12
N ASP A 26 -29.38 -8.87 9.08
CA ASP A 26 -28.93 -8.54 7.73
C ASP A 26 -27.41 -8.67 7.63
N LYS A 27 -26.87 -9.76 8.16
CA LYS A 27 -25.43 -10.02 8.09
C LYS A 27 -25.04 -10.46 6.68
N ARG A 28 -25.84 -11.34 6.08
CA ARG A 28 -25.46 -11.97 4.83
C ARG A 28 -25.36 -10.95 3.71
N PHE A 29 -26.41 -10.18 3.48
CA PHE A 29 -26.37 -9.14 2.47
C PHE A 29 -25.18 -8.23 2.70
N LEU A 30 -24.92 -7.86 3.96
CA LEU A 30 -23.84 -6.94 4.26
C LEU A 30 -22.50 -7.53 3.88
N TYR A 31 -22.36 -8.85 4.03
CA TYR A 31 -21.12 -9.49 3.62
C TYR A 31 -21.03 -9.57 2.10
N LEU A 32 -22.17 -9.71 1.44
CA LEU A 32 -22.17 -9.79 -0.01
C LEU A 32 -21.80 -8.46 -0.64
N LYS A 33 -22.20 -7.35 -0.03
CA LYS A 33 -21.74 -6.06 -0.49
C LYS A 33 -20.23 -5.96 -0.41
N ASP A 34 -19.67 -6.15 0.77
CA ASP A 34 -18.24 -6.05 1.02
C ASP A 34 -17.60 -7.42 0.83
N LEU A 35 -17.48 -7.81 -0.43
CA LEU A 35 -16.87 -9.10 -0.72
C LEU A 35 -15.39 -9.10 -0.37
N TRP A 36 -14.67 -8.07 -0.79
CA TRP A 36 -13.23 -8.06 -0.66
C TRP A 36 -12.80 -8.37 0.77
N THR A 37 -13.27 -7.57 1.70
CA THR A 37 -12.95 -7.80 3.10
C THR A 37 -13.43 -9.15 3.56
N THR A 38 -14.54 -9.62 3.00
CA THR A 38 -15.12 -10.86 3.48
C THR A 38 -14.22 -12.02 3.12
N PHE A 39 -13.56 -11.94 1.98
CA PHE A 39 -12.62 -12.97 1.60
C PHE A 39 -11.33 -12.83 2.37
N ILE A 40 -10.91 -11.60 2.59
CA ILE A 40 -9.69 -11.39 3.32
C ILE A 40 -9.81 -11.90 4.75
N ASP A 41 -11.02 -11.85 5.31
CA ASP A 41 -11.20 -12.21 6.70
C ASP A 41 -11.67 -13.64 6.89
N MET A 42 -11.87 -14.39 5.81
CA MET A 42 -12.45 -15.72 5.93
C MET A 42 -11.40 -16.75 6.28
N GLN A 43 -11.86 -17.92 6.70
CA GLN A 43 -10.95 -18.95 7.11
C GLN A 43 -10.12 -19.43 5.92
N TRP A 44 -9.01 -20.09 6.23
CA TRP A 44 -8.09 -20.51 5.20
C TRP A 44 -8.63 -21.72 4.46
N ARG A 45 -9.20 -22.67 5.18
CA ARG A 45 -9.74 -23.85 4.52
C ARG A 45 -10.71 -23.46 3.43
N TYR A 46 -11.81 -22.82 3.80
CA TYR A 46 -12.79 -22.37 2.84
C TYR A 46 -12.15 -21.49 1.77
N LYS A 47 -11.05 -20.83 2.08
CA LYS A 47 -10.45 -19.95 1.10
C LYS A 47 -9.76 -20.75 0.01
N LEU A 48 -8.94 -21.72 0.41
CA LEU A 48 -8.34 -22.63 -0.55
C LEU A 48 -9.43 -23.28 -1.38
N LEU A 49 -10.48 -23.74 -0.72
CA LEU A 49 -11.55 -24.43 -1.40
C LEU A 49 -12.13 -23.53 -2.47
N LEU A 50 -12.35 -22.27 -2.13
CA LEU A 50 -12.98 -21.35 -3.04
C LEU A 50 -12.06 -20.99 -4.20
N PHE A 51 -10.77 -20.93 -3.92
CA PHE A 51 -9.75 -20.69 -4.93
C PHE A 51 -9.81 -21.78 -6.00
N SER A 52 -9.57 -23.02 -5.57
CA SER A 52 -9.57 -24.14 -6.48
C SER A 52 -10.92 -24.30 -7.17
N ALA A 53 -12.01 -24.08 -6.43
CA ALA A 53 -13.33 -24.20 -7.02
C ALA A 53 -13.53 -23.17 -8.10
N THR A 54 -13.22 -21.92 -7.83
CA THR A 54 -13.28 -20.92 -8.88
C THR A 54 -12.64 -21.44 -10.15
N PHE A 55 -11.35 -21.77 -10.07
CA PHE A 55 -10.64 -22.18 -11.27
C PHE A 55 -11.33 -23.36 -11.94
N ALA A 56 -11.34 -24.50 -11.27
CA ALA A 56 -11.74 -25.75 -11.91
C ALA A 56 -13.23 -25.76 -12.22
N GLY A 57 -14.03 -24.98 -11.50
CA GLY A 57 -15.45 -24.98 -11.73
C GLY A 57 -15.84 -24.07 -12.88
N THR A 58 -15.14 -22.95 -13.05
CA THR A 58 -15.26 -22.24 -14.30
C THR A 58 -14.92 -23.16 -15.46
N TRP A 59 -13.82 -23.89 -15.32
CA TRP A 59 -13.45 -24.88 -16.33
C TRP A 59 -14.61 -25.81 -16.62
N PHE A 60 -15.16 -26.43 -15.58
CA PHE A 60 -16.18 -27.46 -15.72
C PHE A 60 -17.46 -26.91 -16.35
N LEU A 61 -17.92 -25.77 -15.86
CA LEU A 61 -19.12 -25.16 -16.41
C LEU A 61 -18.95 -24.89 -17.89
N PHE A 62 -17.84 -24.26 -18.26
CA PHE A 62 -17.67 -23.90 -19.66
C PHE A 62 -17.45 -25.14 -20.51
N GLY A 63 -16.93 -26.21 -19.91
CA GLY A 63 -16.85 -27.47 -20.62
C GLY A 63 -18.21 -28.02 -20.97
N VAL A 64 -19.12 -28.04 -20.00
CA VAL A 64 -20.49 -28.44 -20.30
C VAL A 64 -21.07 -27.55 -21.38
N VAL A 65 -20.80 -26.25 -21.29
CA VAL A 65 -21.36 -25.31 -22.26
C VAL A 65 -20.86 -25.64 -23.66
N TRP A 66 -19.56 -25.88 -23.79
CA TRP A 66 -18.97 -26.20 -25.07
C TRP A 66 -19.54 -27.50 -25.61
N TYR A 67 -19.72 -28.49 -24.74
CA TYR A 67 -20.35 -29.74 -25.14
C TYR A 67 -21.74 -29.50 -25.72
N LEU A 68 -22.50 -28.61 -25.09
CA LEU A 68 -23.83 -28.32 -25.60
C LEU A 68 -23.76 -27.65 -26.97
N VAL A 69 -22.86 -26.68 -27.12
CA VAL A 69 -22.68 -26.06 -28.43
C VAL A 69 -22.34 -27.12 -29.47
N ALA A 70 -21.51 -28.08 -29.08
CA ALA A 70 -21.16 -29.17 -30.00
C ALA A 70 -22.42 -29.93 -30.41
N VAL A 71 -23.21 -30.35 -29.44
CA VAL A 71 -24.42 -31.09 -29.75
C VAL A 71 -25.30 -30.31 -30.70
N ALA A 72 -25.67 -29.09 -30.31
CA ALA A 72 -26.61 -28.31 -31.11
C ALA A 72 -26.14 -28.17 -32.54
N HIS A 73 -24.83 -28.30 -32.77
CA HIS A 73 -24.27 -28.27 -34.11
C HIS A 73 -23.95 -29.66 -34.63
N GLY A 74 -24.27 -30.70 -33.86
CA GLY A 74 -24.14 -32.08 -34.32
C GLY A 74 -22.72 -32.55 -34.52
N ASP A 75 -21.76 -31.95 -33.82
CA ASP A 75 -20.36 -32.26 -34.06
C ASP A 75 -20.00 -33.64 -33.57
N LEU A 76 -20.86 -34.24 -32.75
CA LEU A 76 -20.54 -35.53 -32.16
C LEU A 76 -20.37 -36.59 -33.25
N LEU A 77 -19.53 -37.58 -32.95
CA LEU A 77 -19.17 -38.57 -33.95
C LEU A 77 -20.34 -39.50 -34.30
N GLU A 78 -20.90 -40.17 -33.30
CA GLU A 78 -21.90 -41.17 -33.63
C GLU A 78 -23.26 -40.56 -33.93
N LEU A 79 -23.38 -39.23 -33.93
CA LEU A 79 -24.40 -38.61 -34.75
C LEU A 79 -24.10 -38.79 -36.23
N GLY A 80 -22.93 -39.34 -36.56
CA GLY A 80 -22.56 -39.65 -37.91
C GLY A 80 -22.44 -38.41 -38.77
N PRO A 81 -21.56 -37.48 -38.40
CA PRO A 81 -21.40 -36.26 -39.18
C PRO A 81 -20.85 -36.59 -40.56
N PRO A 82 -21.42 -36.02 -41.61
CA PRO A 82 -20.89 -36.28 -42.94
C PRO A 82 -19.44 -35.83 -43.07
N ALA A 83 -18.77 -36.33 -44.10
CA ALA A 83 -17.41 -35.87 -44.38
C ALA A 83 -17.40 -34.40 -44.74
N ASN A 84 -18.57 -33.79 -44.96
CA ASN A 84 -18.71 -32.39 -45.30
C ASN A 84 -18.57 -31.48 -44.09
N HIS A 85 -18.57 -32.06 -42.89
CA HIS A 85 -19.01 -31.34 -41.71
C HIS A 85 -17.85 -30.62 -41.03
N THR A 86 -17.92 -29.30 -41.00
CA THR A 86 -17.00 -28.51 -40.19
C THR A 86 -17.61 -28.28 -38.82
N PRO A 87 -16.97 -28.72 -37.75
CA PRO A 87 -17.58 -28.54 -36.43
C PRO A 87 -17.39 -27.13 -35.92
N CYS A 88 -18.19 -26.78 -34.91
CA CYS A 88 -17.99 -25.51 -34.23
C CYS A 88 -16.61 -25.47 -33.59
N VAL A 89 -16.10 -26.63 -33.18
CA VAL A 89 -14.79 -26.76 -32.59
C VAL A 89 -14.14 -28.02 -33.14
N VAL A 90 -12.82 -28.01 -33.20
CA VAL A 90 -12.11 -29.15 -33.74
C VAL A 90 -11.84 -30.15 -32.64
N GLN A 91 -12.01 -31.42 -32.95
CA GLN A 91 -11.55 -32.51 -32.10
C GLN A 91 -12.32 -32.55 -30.79
N VAL A 92 -13.51 -31.94 -30.77
CA VAL A 92 -14.36 -32.05 -29.61
C VAL A 92 -15.58 -32.88 -29.97
N HIS A 93 -15.63 -34.08 -29.44
CA HIS A 93 -16.73 -35.00 -29.64
C HIS A 93 -17.10 -35.72 -28.36
N THR A 94 -16.54 -35.28 -27.24
CA THR A 94 -16.85 -35.84 -25.94
C THR A 94 -16.79 -34.73 -24.91
N LEU A 95 -17.66 -34.82 -23.92
CA LEU A 95 -17.65 -33.84 -22.84
C LEU A 95 -16.27 -33.78 -22.20
N THR A 96 -15.54 -34.90 -22.23
CA THR A 96 -14.18 -34.89 -21.73
C THR A 96 -13.32 -33.90 -22.48
N GLY A 97 -13.27 -34.01 -23.80
CA GLY A 97 -12.49 -33.07 -24.58
C GLY A 97 -13.04 -31.66 -24.44
N ALA A 98 -14.33 -31.54 -24.22
CA ALA A 98 -14.90 -30.23 -23.95
C ALA A 98 -14.23 -29.59 -22.75
N PHE A 99 -14.25 -30.29 -21.62
CA PHE A 99 -13.58 -29.80 -20.42
C PHE A 99 -12.12 -29.53 -20.71
N LEU A 100 -11.50 -30.39 -21.51
CA LEU A 100 -10.08 -30.23 -21.76
C LEU A 100 -9.82 -28.96 -22.56
N PHE A 101 -10.76 -28.56 -23.40
CA PHE A 101 -10.57 -27.35 -24.18
C PHE A 101 -10.85 -26.13 -23.33
N SER A 102 -11.88 -26.22 -22.50
CA SER A 102 -12.10 -25.19 -21.49
C SER A 102 -10.81 -24.90 -20.75
N LEU A 103 -10.16 -25.97 -20.31
CA LEU A 103 -8.92 -25.83 -19.56
C LEU A 103 -7.82 -25.23 -20.41
N GLU A 104 -7.62 -25.75 -21.61
CA GLU A 104 -6.50 -25.32 -22.44
C GLU A 104 -6.62 -23.85 -22.84
N SER A 105 -7.84 -23.34 -22.93
CA SER A 105 -8.03 -21.98 -23.41
C SER A 105 -8.09 -21.00 -22.25
N GLN A 106 -8.72 -21.40 -21.15
CA GLN A 106 -8.92 -20.49 -20.04
C GLN A 106 -7.63 -20.24 -19.28
N THR A 107 -6.87 -21.30 -19.02
CA THR A 107 -5.49 -21.16 -18.56
C THR A 107 -4.61 -20.56 -19.63
N THR A 108 -4.99 -20.72 -20.89
CA THR A 108 -4.14 -20.32 -21.99
C THR A 108 -2.94 -21.24 -22.09
N ILE A 109 -3.17 -22.54 -21.87
CA ILE A 109 -2.15 -23.54 -22.18
C ILE A 109 -2.11 -23.78 -23.69
N GLY A 110 -3.28 -23.84 -24.33
CA GLY A 110 -3.37 -23.87 -25.78
C GLY A 110 -2.42 -24.81 -26.49
N TYR A 111 -2.58 -26.11 -26.29
CA TYR A 111 -1.75 -27.07 -27.00
C TYR A 111 -1.89 -26.92 -28.50
N GLY A 112 -3.09 -27.16 -29.03
CA GLY A 112 -3.39 -26.98 -30.43
C GLY A 112 -4.02 -28.17 -31.10
N PHE A 113 -4.27 -29.24 -30.35
CA PHE A 113 -4.95 -30.41 -30.90
C PHE A 113 -6.44 -30.16 -30.96
N ARG A 114 -6.93 -29.24 -30.15
CA ARG A 114 -8.28 -28.74 -30.22
C ARG A 114 -8.18 -27.24 -30.33
N TYR A 115 -8.73 -26.69 -31.41
CA TYR A 115 -8.79 -25.26 -31.59
C TYR A 115 -10.16 -24.89 -32.14
N ILE A 116 -10.44 -23.60 -32.16
CA ILE A 116 -11.71 -23.12 -32.68
C ILE A 116 -11.62 -23.03 -34.19
N SER A 117 -12.75 -23.18 -34.87
CA SER A 117 -12.83 -22.97 -36.30
C SER A 117 -13.70 -21.78 -36.64
N GLU A 118 -13.43 -21.20 -37.80
CA GLU A 118 -14.11 -19.98 -38.24
C GLU A 118 -15.60 -20.18 -38.48
N GLU A 119 -16.13 -21.40 -38.28
CA GLU A 119 -17.48 -21.69 -38.76
C GLU A 119 -18.53 -21.05 -37.86
N CYS A 120 -18.42 -21.24 -36.55
CA CYS A 120 -19.48 -20.88 -35.63
C CYS A 120 -19.15 -19.57 -34.94
N PRO A 121 -19.94 -18.51 -35.15
CA PRO A 121 -19.63 -17.24 -34.45
C PRO A 121 -20.00 -17.27 -32.98
N LEU A 122 -21.14 -17.88 -32.65
CA LEU A 122 -21.53 -18.01 -31.25
C LEU A 122 -20.41 -18.64 -30.43
N ALA A 123 -19.73 -19.64 -30.99
CA ALA A 123 -18.53 -20.18 -30.34
C ALA A 123 -17.56 -19.07 -30.00
N ILE A 124 -17.33 -18.17 -30.94
CA ILE A 124 -16.36 -17.09 -30.74
C ILE A 124 -16.76 -16.21 -29.57
N VAL A 125 -17.98 -15.68 -29.61
CA VAL A 125 -18.40 -14.81 -28.51
C VAL A 125 -18.35 -15.57 -27.19
N LEU A 126 -18.75 -16.84 -27.21
CA LEU A 126 -18.73 -17.63 -26.01
C LEU A 126 -17.33 -17.70 -25.43
N LEU A 127 -16.34 -17.88 -26.30
CA LEU A 127 -14.96 -17.93 -25.83
C LEU A 127 -14.54 -16.59 -25.26
N ILE A 128 -14.91 -15.49 -25.92
CA ILE A 128 -14.52 -14.19 -25.42
C ILE A 128 -15.11 -13.97 -24.04
N ALA A 129 -16.35 -14.39 -23.84
CA ALA A 129 -16.98 -14.21 -22.54
C ALA A 129 -16.28 -15.04 -21.49
N GLN A 130 -16.09 -16.33 -21.77
CA GLN A 130 -15.33 -17.17 -20.86
C GLN A 130 -14.05 -16.47 -20.44
N LEU A 131 -13.33 -15.93 -21.41
CA LEU A 131 -12.01 -15.37 -21.14
C LEU A 131 -12.12 -14.18 -20.22
N VAL A 132 -12.98 -13.24 -20.57
CA VAL A 132 -13.10 -12.00 -19.81
C VAL A 132 -13.53 -12.28 -18.38
N LEU A 133 -14.62 -13.04 -18.20
CA LEU A 133 -15.08 -13.35 -16.87
C LEU A 133 -14.01 -14.07 -16.04
N THR A 134 -13.40 -15.12 -16.60
CA THR A 134 -12.44 -15.87 -15.81
C THR A 134 -11.21 -15.03 -15.49
N THR A 135 -10.86 -14.11 -16.38
CA THR A 135 -9.82 -13.14 -16.09
C THR A 135 -10.15 -12.35 -14.84
N ILE A 136 -11.35 -11.77 -14.83
CA ILE A 136 -11.84 -11.05 -13.66
C ILE A 136 -11.66 -11.87 -12.39
N LEU A 137 -12.26 -13.06 -12.37
CA LEU A 137 -12.26 -13.85 -11.15
C LEU A 137 -10.86 -14.23 -10.71
N GLU A 138 -10.03 -14.71 -11.63
CA GLU A 138 -8.63 -14.95 -11.30
C GLU A 138 -8.03 -13.75 -10.60
N ILE A 139 -8.20 -12.56 -11.17
CA ILE A 139 -7.62 -11.36 -10.58
C ILE A 139 -8.08 -11.20 -9.15
N PHE A 140 -9.40 -11.21 -8.95
CA PHE A 140 -9.95 -10.95 -7.63
C PHE A 140 -9.38 -11.92 -6.60
N ILE A 141 -9.43 -13.21 -6.91
CA ILE A 141 -9.02 -14.20 -5.93
C ILE A 141 -7.54 -14.06 -5.61
N THR A 142 -6.71 -13.83 -6.63
CA THR A 142 -5.29 -13.70 -6.37
C THR A 142 -5.00 -12.49 -5.52
N GLY A 143 -5.75 -11.41 -5.74
CA GLY A 143 -5.55 -10.23 -4.92
C GLY A 143 -5.89 -10.48 -3.47
N THR A 144 -7.03 -11.11 -3.22
CA THR A 144 -7.41 -11.39 -1.85
C THR A 144 -6.39 -12.30 -1.19
N PHE A 145 -5.90 -13.28 -1.93
CA PHE A 145 -4.89 -14.20 -1.39
C PHE A 145 -3.60 -13.47 -1.02
N LEU A 146 -3.12 -12.62 -1.93
CA LEU A 146 -1.96 -11.78 -1.64
C LEU A 146 -2.16 -11.03 -0.34
N ALA A 147 -3.25 -10.26 -0.26
CA ALA A 147 -3.48 -9.43 0.91
C ALA A 147 -3.58 -10.26 2.18
N LYS A 148 -4.29 -11.38 2.12
CA LYS A 148 -4.50 -12.19 3.30
C LYS A 148 -3.21 -12.79 3.82
N ILE A 149 -2.27 -13.10 2.93
CA ILE A 149 -0.94 -13.39 3.43
C ILE A 149 -0.34 -12.15 4.06
N ALA A 150 -0.43 -11.01 3.38
CA ALA A 150 0.39 -9.87 3.74
C ALA A 150 0.05 -9.34 5.12
N ARG A 151 -1.14 -9.66 5.63
CA ARG A 151 -1.58 -9.09 6.90
C ARG A 151 -0.46 -9.18 7.94
N PRO A 152 -0.33 -8.19 8.83
CA PRO A 152 0.74 -8.18 9.81
C PRO A 152 0.36 -8.74 11.17
N LYS A 153 -0.90 -9.14 11.39
CA LYS A 153 -1.21 -9.86 12.61
C LYS A 153 -0.18 -10.93 12.90
N LYS A 154 -0.01 -11.87 11.96
CA LYS A 154 0.94 -12.96 12.17
C LYS A 154 2.31 -12.43 12.55
N ARG A 155 2.72 -11.31 11.95
CA ARG A 155 3.96 -10.67 12.34
C ARG A 155 3.99 -10.40 13.83
N ALA A 156 2.85 -10.03 14.41
CA ALA A 156 2.82 -9.61 15.80
C ALA A 156 3.42 -10.64 16.72
N GLU A 157 3.39 -11.92 16.33
CA GLU A 157 3.82 -12.97 17.25
C GLU A 157 5.31 -12.89 17.52
N THR A 158 6.05 -12.20 16.67
CA THR A 158 7.50 -12.10 16.86
C THR A 158 7.85 -10.92 17.74
N ILE A 159 6.86 -10.30 18.34
CA ILE A 159 7.05 -9.36 19.44
C ILE A 159 6.38 -9.96 20.65
N ARG A 160 7.05 -9.90 21.79
CA ARG A 160 6.56 -10.59 22.97
C ARG A 160 6.62 -9.68 24.19
N PHE A 161 5.51 -9.63 24.91
CA PHE A 161 5.44 -9.05 26.22
C PHE A 161 5.98 -10.02 27.26
N SER A 162 6.32 -9.49 28.43
CA SER A 162 6.60 -10.35 29.56
C SER A 162 5.36 -11.15 29.93
N GLN A 163 5.57 -12.30 30.58
CA GLN A 163 4.45 -13.07 31.09
C GLN A 163 3.87 -12.42 32.33
N HIS A 164 4.70 -11.73 33.10
CA HIS A 164 4.30 -11.20 34.39
C HIS A 164 4.61 -9.71 34.50
N ALA A 165 3.66 -8.99 35.09
CA ALA A 165 3.85 -7.61 35.50
C ALA A 165 4.26 -7.57 36.96
N VAL A 166 5.18 -6.68 37.29
CA VAL A 166 5.80 -6.69 38.60
C VAL A 166 5.90 -5.27 39.14
N VAL A 167 5.68 -5.11 40.44
CA VAL A 167 5.57 -3.81 41.07
C VAL A 167 6.77 -3.61 41.98
N ALA A 168 7.41 -2.45 41.88
CA ALA A 168 8.53 -2.18 42.77
C ALA A 168 8.95 -0.71 42.68
N TYR A 169 9.97 -0.36 43.45
CA TYR A 169 10.45 1.01 43.51
C TYR A 169 11.51 1.23 42.44
N HIS A 170 11.15 1.98 41.41
CA HIS A 170 12.07 2.40 40.38
C HIS A 170 12.33 3.88 40.56
N ASN A 171 13.60 4.23 40.74
CA ASN A 171 13.99 5.61 41.01
C ASN A 171 13.24 6.15 42.22
N GLY A 172 12.86 5.25 43.12
CA GLY A 172 12.16 5.62 44.34
C GLY A 172 10.66 5.72 44.20
N LYS A 173 10.13 5.71 42.99
CA LYS A 173 8.70 5.79 42.75
C LYS A 173 8.14 4.40 42.56
N LEU A 174 6.98 4.16 43.16
CA LEU A 174 6.31 2.88 42.95
C LEU A 174 5.86 2.81 41.51
N CYS A 175 6.32 1.77 40.81
CA CYS A 175 6.02 1.62 39.40
C CYS A 175 5.62 0.18 39.13
N LEU A 176 4.58 0.03 38.31
CA LEU A 176 4.23 -1.26 37.72
C LEU A 176 5.03 -1.41 36.44
N MET A 177 5.66 -2.55 36.27
CA MET A 177 6.65 -2.74 35.22
C MET A 177 6.35 -3.98 34.40
N ILE A 178 6.51 -3.83 33.09
CA ILE A 178 6.40 -4.90 32.13
C ILE A 178 7.61 -4.83 31.21
N ARG A 179 7.82 -5.87 30.44
CA ARG A 179 8.94 -5.92 29.52
C ARG A 179 8.47 -6.38 28.14
N VAL A 180 9.03 -5.76 27.11
CA VAL A 180 8.69 -6.05 25.73
C VAL A 180 9.97 -6.41 24.99
N ALA A 181 9.82 -7.12 23.87
CA ALA A 181 10.96 -7.44 23.04
C ALA A 181 10.51 -7.88 21.66
N ASN A 182 11.47 -7.95 20.75
CA ASN A 182 11.25 -8.28 19.36
C ASN A 182 12.13 -9.47 18.99
N MET A 183 11.51 -10.54 18.50
CA MET A 183 12.24 -11.74 18.17
C MET A 183 12.77 -11.78 16.74
N ARG A 184 12.95 -10.64 16.10
CA ARG A 184 13.45 -10.58 14.73
C ARG A 184 14.33 -9.36 14.51
N LYS A 185 15.12 -9.43 13.43
CA LYS A 185 16.06 -8.37 13.12
C LYS A 185 15.36 -7.19 12.46
N SER A 186 14.31 -7.47 11.71
CA SER A 186 13.51 -6.39 11.15
C SER A 186 12.99 -5.50 12.27
N LEU A 187 12.83 -4.23 11.97
CA LEU A 187 12.52 -3.26 13.01
C LEU A 187 11.05 -2.90 13.02
N LEU A 188 10.58 -2.54 14.20
CA LEU A 188 9.33 -1.83 14.41
C LEU A 188 9.70 -0.38 14.67
N ILE A 189 8.83 0.54 14.26
CA ILE A 189 9.13 1.96 14.34
C ILE A 189 7.88 2.72 14.74
N GLY A 190 8.07 3.86 15.42
CA GLY A 190 6.96 4.67 15.88
C GLY A 190 6.09 3.95 16.89
N CYS A 191 6.65 2.94 17.55
CA CYS A 191 5.87 2.15 18.49
C CYS A 191 5.43 3.02 19.66
N GLN A 192 4.25 2.72 20.19
CA GLN A 192 3.74 3.38 21.37
C GLN A 192 2.95 2.38 22.20
N VAL A 193 3.24 2.38 23.49
CA VAL A 193 2.59 1.52 24.46
C VAL A 193 1.50 2.31 25.15
N THR A 194 0.31 1.74 25.20
CA THR A 194 -0.80 2.33 25.93
C THR A 194 -1.63 1.22 26.56
N GLY A 195 -1.81 1.30 27.86
CA GLY A 195 -2.64 0.35 28.58
C GLY A 195 -4.00 0.95 28.83
N LYS A 196 -4.99 0.09 28.92
CA LYS A 196 -6.28 0.47 29.44
C LYS A 196 -6.56 -0.40 30.65
N LEU A 197 -7.38 0.12 31.55
CA LEU A 197 -7.77 -0.57 32.75
C LEU A 197 -9.26 -0.81 32.67
N LEU A 198 -9.67 -2.07 32.88
CA LEU A 198 -11.03 -2.52 32.63
C LEU A 198 -11.51 -3.33 33.83
N GLN A 199 -12.47 -2.78 34.58
CA GLN A 199 -13.06 -3.53 35.67
C GLN A 199 -14.53 -3.80 35.44
N THR A 200 -15.16 -4.33 36.49
CA THR A 200 -16.44 -5.00 36.41
C THR A 200 -17.50 -4.20 37.13
N HIS A 201 -18.56 -3.85 36.41
CA HIS A 201 -19.69 -3.12 36.96
C HIS A 201 -20.95 -3.95 36.76
N GLN A 202 -21.46 -4.51 37.85
CA GLN A 202 -22.68 -5.31 37.82
C GLN A 202 -23.86 -4.44 38.18
N THR A 203 -25.02 -4.77 37.60
CA THR A 203 -26.26 -4.05 37.83
C THR A 203 -27.24 -4.96 38.56
N LYS A 204 -28.49 -4.51 38.65
CA LYS A 204 -29.68 -5.29 39.00
C LYS A 204 -29.44 -6.75 38.61
N GLU A 205 -28.99 -7.03 37.40
CA GLU A 205 -29.18 -8.33 36.76
C GLU A 205 -27.82 -8.82 36.27
N GLY A 206 -27.75 -10.10 35.93
CA GLY A 206 -26.64 -10.56 35.12
C GLY A 206 -26.95 -10.34 33.65
N GLU A 207 -27.74 -9.32 33.37
CA GLU A 207 -28.25 -9.08 32.03
C GLU A 207 -27.33 -8.21 31.21
N ASN A 208 -26.54 -7.36 31.86
CA ASN A 208 -25.78 -6.36 31.14
C ASN A 208 -24.62 -5.91 32.00
N ILE A 209 -23.64 -5.28 31.37
CA ILE A 209 -22.46 -4.76 32.06
C ILE A 209 -21.99 -3.52 31.33
N ARG A 210 -21.67 -2.48 32.09
CA ARG A 210 -20.97 -1.32 31.57
C ARG A 210 -19.51 -1.46 31.92
N LEU A 211 -18.66 -1.43 30.90
CA LEU A 211 -17.22 -1.46 31.11
C LEU A 211 -16.69 -0.05 31.07
N ASN A 212 -16.10 0.38 32.17
CA ASN A 212 -15.48 1.68 32.27
C ASN A 212 -14.00 1.53 31.96
N GLN A 213 -13.56 2.13 30.87
CA GLN A 213 -12.16 2.14 30.48
C GLN A 213 -11.46 3.23 31.29
N VAL A 214 -10.19 3.04 31.59
CA VAL A 214 -9.35 4.13 32.08
C VAL A 214 -7.99 4.01 31.43
N ASN A 215 -7.56 5.08 30.77
CA ASN A 215 -6.23 5.08 30.20
C ASN A 215 -5.19 4.90 31.29
N VAL A 216 -4.15 4.13 30.97
CA VAL A 216 -2.92 4.12 31.74
C VAL A 216 -1.80 4.32 30.73
N THR A 217 -0.95 5.30 31.00
CA THR A 217 0.18 5.57 30.14
C THR A 217 1.41 4.90 30.72
N PHE A 218 2.31 4.49 29.83
CA PHE A 218 3.51 3.79 30.22
C PHE A 218 4.70 4.51 29.62
N GLN A 219 5.74 4.66 30.43
CA GLN A 219 6.87 5.50 30.11
C GLN A 219 8.15 4.69 30.15
N VAL A 220 9.16 5.24 29.49
CA VAL A 220 10.45 4.58 29.36
C VAL A 220 11.53 5.54 29.83
N ASP A 221 11.67 6.67 29.12
CA ASP A 221 12.64 7.71 29.44
C ASP A 221 11.96 9.02 29.72
N THR A 222 11.20 9.53 28.76
CA THR A 222 10.52 10.80 28.85
C THR A 222 9.02 10.62 28.80
N ALA A 223 8.56 9.38 28.69
CA ALA A 223 7.14 9.09 28.61
C ALA A 223 6.54 9.60 27.31
N SER A 224 7.27 9.41 26.21
CA SER A 224 6.88 10.00 24.94
C SER A 224 6.52 8.95 23.90
N ASP A 225 7.52 8.18 23.51
CA ASP A 225 7.42 7.03 22.62
C ASP A 225 8.85 6.61 22.38
N SER A 226 9.06 5.45 21.78
CA SER A 226 10.41 5.04 21.49
C SER A 226 10.58 4.74 20.01
N PRO A 227 11.40 5.49 19.29
CA PRO A 227 11.45 5.35 17.81
C PRO A 227 11.65 3.93 17.35
N PHE A 228 12.56 3.19 17.98
CA PHE A 228 12.91 1.86 17.53
C PHE A 228 12.97 0.93 18.72
N LEU A 229 12.47 -0.28 18.53
CA LEU A 229 12.49 -1.30 19.56
C LEU A 229 13.70 -2.19 19.36
N ILE A 230 14.87 -1.60 19.62
CA ILE A 230 16.13 -2.29 19.38
C ILE A 230 16.30 -3.46 20.32
N LEU A 231 16.09 -3.24 21.61
CA LEU A 231 16.41 -4.22 22.63
C LEU A 231 15.23 -4.35 23.56
N PRO A 232 15.16 -5.42 24.35
CA PRO A 232 14.04 -5.59 25.28
C PRO A 232 13.82 -4.36 26.13
N LEU A 233 12.67 -3.71 25.95
CA LEU A 233 12.38 -2.44 26.58
C LEU A 233 11.53 -2.64 27.82
N THR A 234 11.95 -1.99 28.89
CA THR A 234 11.27 -2.00 30.17
C THR A 234 10.30 -0.83 30.23
N PHE A 235 9.01 -1.14 30.22
CA PHE A 235 7.99 -0.11 30.31
C PHE A 235 7.44 -0.08 31.73
N TYR A 236 7.39 1.12 32.31
CA TYR A 236 6.97 1.28 33.69
C TYR A 236 5.94 2.40 33.78
N HIS A 237 5.03 2.24 34.73
CA HIS A 237 3.95 3.18 34.98
C HIS A 237 4.00 3.63 36.43
N VAL A 238 3.81 4.92 36.63
CA VAL A 238 3.94 5.57 37.93
C VAL A 238 2.71 5.28 38.77
N VAL A 239 2.88 4.55 39.85
CA VAL A 239 1.79 4.37 40.83
C VAL A 239 1.96 5.44 41.89
N ASP A 240 1.45 6.62 41.59
CA ASP A 240 1.15 7.63 42.60
C ASP A 240 -0.33 8.01 42.46
N GLU A 241 -0.74 9.05 43.18
CA GLU A 241 -2.16 9.30 43.32
C GLU A 241 -2.82 9.75 42.02
N THR A 242 -2.02 10.09 41.01
CA THR A 242 -2.52 10.19 39.65
C THR A 242 -2.93 8.84 39.08
N SER A 243 -2.60 7.76 39.77
CA SER A 243 -2.77 6.45 39.18
C SER A 243 -4.20 5.98 39.37
N PRO A 244 -4.87 5.54 38.31
CA PRO A 244 -6.13 4.81 38.50
C PRO A 244 -5.93 3.51 39.26
N LEU A 245 -4.70 3.04 39.38
CA LEU A 245 -4.38 1.83 40.12
C LEU A 245 -4.20 2.08 41.60
N LYS A 246 -4.13 3.35 42.01
CA LYS A 246 -3.52 3.70 43.27
C LYS A 246 -4.04 2.84 44.42
N ASP A 247 -5.31 2.96 44.74
CA ASP A 247 -5.86 2.24 45.87
C ASP A 247 -6.63 1.01 45.45
N LEU A 248 -6.34 0.46 44.27
CA LEU A 248 -6.72 -0.91 44.01
C LEU A 248 -6.29 -1.76 45.20
N PRO A 249 -6.87 -2.93 45.38
CA PRO A 249 -6.29 -3.83 46.38
C PRO A 249 -4.96 -4.29 45.83
N LEU A 250 -3.92 -3.65 46.32
CA LEU A 250 -2.57 -3.78 45.81
C LEU A 250 -1.94 -5.08 46.19
N ARG A 251 -2.68 -5.86 46.95
CA ARG A 251 -2.16 -7.08 47.53
C ARG A 251 -2.26 -8.24 46.55
N SER A 252 -1.78 -9.39 46.99
CA SER A 252 -1.86 -10.64 46.24
C SER A 252 -3.26 -10.89 45.70
N GLY A 253 -3.36 -10.96 44.36
CA GLY A 253 -4.41 -11.69 43.71
C GLY A 253 -5.77 -11.02 43.60
N GLU A 254 -6.22 -10.32 44.63
CA GLU A 254 -7.60 -9.88 44.68
C GLU A 254 -7.76 -8.52 44.02
N GLY A 255 -8.97 -8.23 43.60
CA GLY A 255 -9.30 -7.19 42.66
C GLY A 255 -9.91 -7.81 41.43
N ASP A 256 -10.89 -7.13 40.86
CA ASP A 256 -11.64 -7.64 39.71
C ASP A 256 -11.37 -6.71 38.54
N PHE A 257 -10.27 -6.94 37.85
CA PHE A 257 -9.85 -6.04 36.79
C PHE A 257 -9.06 -6.78 35.73
N GLU A 258 -8.72 -6.04 34.68
CA GLU A 258 -7.80 -6.49 33.66
C GLU A 258 -7.02 -5.28 33.16
N LEU A 259 -5.71 -5.42 33.14
CA LEU A 259 -4.82 -4.41 32.58
C LEU A 259 -4.50 -4.83 31.15
N VAL A 260 -5.23 -4.24 30.22
CA VAL A 260 -5.00 -4.50 28.81
C VAL A 260 -3.83 -3.67 28.34
N LEU A 261 -2.89 -4.30 27.64
CA LEU A 261 -1.70 -3.64 27.14
C LEU A 261 -1.64 -3.72 25.63
N ILE A 262 -1.34 -2.58 25.01
CA ILE A 262 -1.40 -2.38 23.57
C ILE A 262 -0.10 -1.74 23.14
N LEU A 263 0.44 -2.21 22.03
CA LEU A 263 1.65 -1.64 21.45
C LEU A 263 1.42 -1.49 19.96
N SER A 264 1.36 -0.24 19.51
CA SER A 264 1.03 0.06 18.13
C SER A 264 2.17 0.82 17.46
N GLY A 265 2.57 0.35 16.29
CA GLY A 265 3.63 1.03 15.58
C GLY A 265 3.82 0.48 14.19
N THR A 266 4.48 1.27 13.36
CA THR A 266 4.71 0.96 11.95
C THR A 266 5.80 -0.08 11.78
N VAL A 267 5.67 -0.94 10.78
CA VAL A 267 6.72 -1.90 10.42
C VAL A 267 7.63 -1.30 9.36
N GLU A 268 8.88 -1.75 9.35
CA GLU A 268 9.90 -1.13 8.51
C GLU A 268 9.73 -1.52 7.05
N SER A 269 9.60 -2.81 6.78
CA SER A 269 9.69 -3.31 5.43
C SER A 269 8.39 -3.25 4.66
N THR A 270 7.30 -2.82 5.29
CA THR A 270 5.99 -2.83 4.63
C THR A 270 5.18 -1.57 4.84
N SER A 271 5.56 -0.71 5.78
CA SER A 271 4.82 0.51 6.09
C SER A 271 3.45 0.21 6.69
N ALA A 272 3.25 -1.02 7.15
CA ALA A 272 2.02 -1.38 7.80
C ALA A 272 2.06 -1.05 9.27
N THR A 273 0.91 -0.68 9.82
CA THR A 273 0.80 -0.53 11.26
C THR A 273 0.51 -1.87 11.91
N CYS A 274 1.25 -2.16 12.97
CA CYS A 274 1.28 -3.46 13.60
C CYS A 274 0.94 -3.24 15.07
N GLN A 275 0.06 -4.08 15.59
CA GLN A 275 -0.50 -3.91 16.92
C GLN A 275 -0.38 -5.21 17.68
N VAL A 276 0.37 -5.18 18.76
CA VAL A 276 0.43 -6.30 19.68
C VAL A 276 -0.48 -6.00 20.86
N ARG A 277 -1.09 -7.03 21.42
CA ARG A 277 -1.95 -6.88 22.58
C ARG A 277 -1.69 -8.03 23.53
N THR A 278 -1.88 -7.78 24.81
CA THR A 278 -2.03 -8.83 25.80
C THR A 278 -2.68 -8.21 27.03
N SER A 279 -2.72 -8.97 28.11
CA SER A 279 -3.41 -8.53 29.30
C SER A 279 -2.73 -9.03 30.55
N TYR A 280 -3.13 -8.44 31.67
CA TYR A 280 -2.69 -8.86 32.99
C TYR A 280 -3.90 -8.94 33.91
N LEU A 281 -4.00 -10.06 34.62
CA LEU A 281 -5.05 -10.27 35.58
C LEU A 281 -4.58 -9.83 36.95
N PRO A 282 -5.52 -9.61 37.87
CA PRO A 282 -5.11 -9.24 39.23
C PRO A 282 -4.20 -10.27 39.87
N GLU A 283 -4.33 -11.53 39.44
CA GLU A 283 -3.50 -12.59 39.99
C GLU A 283 -2.14 -12.64 39.32
N GLU A 284 -2.06 -12.17 38.07
CA GLU A 284 -0.82 -12.30 37.32
C GLU A 284 0.22 -11.29 37.80
N ILE A 285 -0.21 -10.27 38.55
CA ILE A 285 0.71 -9.21 38.92
C ILE A 285 1.47 -9.61 40.16
N LEU A 286 2.74 -9.25 40.22
CA LEU A 286 3.63 -9.64 41.29
C LEU A 286 4.13 -8.42 42.03
N TRP A 287 4.40 -8.60 43.31
CA TRP A 287 4.75 -7.52 44.21
C TRP A 287 6.23 -7.61 44.54
N GLY A 288 6.91 -6.48 44.47
CA GLY A 288 8.33 -6.44 44.82
C GLY A 288 9.17 -7.45 44.08
N TYR A 289 9.36 -7.25 42.78
CA TYR A 289 10.17 -8.14 41.97
C TYR A 289 10.91 -7.34 40.90
N GLU A 290 11.97 -7.92 40.38
CA GLU A 290 12.93 -7.24 39.53
C GLU A 290 13.26 -8.15 38.35
N PHE A 291 12.90 -7.71 37.15
CA PHE A 291 13.34 -8.40 35.94
C PHE A 291 14.86 -8.47 35.93
N THR A 292 15.39 -9.67 35.86
CA THR A 292 16.82 -9.77 35.66
C THR A 292 17.17 -9.06 34.37
N PRO A 293 18.14 -8.14 34.37
CA PRO A 293 18.48 -7.44 33.14
C PRO A 293 18.90 -8.44 32.09
N ALA A 294 18.37 -8.28 30.88
CA ALA A 294 18.47 -9.29 29.85
C ALA A 294 19.48 -8.95 28.76
N ILE A 295 20.21 -7.85 28.89
CA ILE A 295 21.16 -7.40 27.88
C ILE A 295 22.55 -7.51 28.45
N SER A 296 23.46 -8.08 27.68
CA SER A 296 24.87 -8.17 28.04
C SER A 296 25.71 -7.89 26.81
N LEU A 297 26.93 -7.45 27.06
CA LEU A 297 27.83 -7.11 25.98
C LEU A 297 28.85 -8.23 25.78
N SER A 298 29.48 -8.22 24.61
CA SER A 298 30.30 -9.34 24.17
C SER A 298 31.62 -8.81 23.62
N ALA A 299 32.58 -9.73 23.48
CA ALA A 299 33.91 -9.35 23.04
C ALA A 299 33.88 -8.68 21.67
N SER A 300 33.06 -9.20 20.76
CA SER A 300 33.05 -8.66 19.40
C SER A 300 32.58 -7.22 19.39
N GLY A 301 31.83 -6.82 20.40
CA GLY A 301 31.74 -5.42 20.77
C GLY A 301 30.36 -4.81 20.94
N LYS A 302 29.28 -5.50 20.56
CA LYS A 302 27.95 -4.89 20.61
C LYS A 302 26.99 -5.80 21.38
N TYR A 303 25.75 -5.34 21.55
CA TYR A 303 24.93 -5.82 22.64
C TYR A 303 24.17 -7.08 22.26
N VAL A 304 23.97 -7.95 23.23
CA VAL A 304 23.32 -9.24 23.04
C VAL A 304 22.05 -9.27 23.87
N ALA A 305 20.96 -9.70 23.25
CA ALA A 305 19.68 -9.84 23.93
C ALA A 305 19.39 -11.33 24.13
N ASP A 306 19.63 -11.83 25.35
CA ASP A 306 19.51 -13.25 25.65
C ASP A 306 18.15 -13.52 26.26
N PHE A 307 17.25 -14.11 25.47
CA PHE A 307 15.86 -14.26 25.84
C PHE A 307 15.59 -15.40 26.81
N SER A 308 16.63 -15.98 27.41
CA SER A 308 16.38 -16.94 28.47
C SER A 308 16.05 -16.22 29.77
N LEU A 309 16.52 -14.98 29.91
CA LEU A 309 16.32 -14.15 31.09
C LEU A 309 15.15 -13.20 30.93
N PHE A 310 14.66 -13.05 29.70
CA PHE A 310 13.59 -12.11 29.39
C PHE A 310 12.48 -12.16 30.43
N ASP A 311 11.96 -13.34 30.71
CA ASP A 311 10.86 -13.51 31.64
C ASP A 311 11.33 -13.87 33.03
N GLN A 312 12.63 -13.92 33.28
CA GLN A 312 13.14 -14.23 34.60
C GLN A 312 12.99 -13.03 35.53
N VAL A 313 12.70 -13.31 36.80
CA VAL A 313 12.62 -12.29 37.83
C VAL A 313 13.33 -12.80 39.08
N VAL A 314 13.74 -11.86 39.93
CA VAL A 314 14.16 -12.18 41.28
C VAL A 314 13.72 -11.06 42.21
N LYS A 315 13.69 -11.37 43.49
CA LYS A 315 13.11 -10.49 44.48
C LYS A 315 14.05 -9.33 44.81
N VAL A 316 13.48 -8.17 45.10
CA VAL A 316 14.25 -7.01 45.52
C VAL A 316 14.40 -7.04 47.04
N ARG B 7 35.35 2.37 17.44
CA ARG B 7 34.76 2.12 18.74
C ARG B 7 33.45 1.35 18.64
N ARG B 8 33.01 0.84 19.77
CA ARG B 8 31.68 0.27 19.88
C ARG B 8 30.65 1.37 19.67
N ARG B 9 29.59 1.06 18.94
CA ARG B 9 28.56 2.05 18.68
C ARG B 9 27.21 1.38 18.56
N VAL B 10 26.16 2.18 18.79
CA VAL B 10 24.79 1.72 18.66
C VAL B 10 24.43 1.52 17.20
N LEU B 11 24.47 2.59 16.42
CA LEU B 11 24.04 2.55 15.04
C LEU B 11 25.23 2.88 14.16
N THR B 12 25.44 2.07 13.14
CA THR B 12 26.49 2.34 12.18
C THR B 12 26.28 3.72 11.57
N LYS B 13 27.38 4.37 11.25
CA LYS B 13 27.37 5.76 10.80
C LYS B 13 26.35 5.99 9.69
N ASP B 14 26.07 4.97 8.88
CA ASP B 14 25.06 5.10 7.84
C ASP B 14 23.66 4.83 8.36
N GLY B 15 23.54 4.10 9.46
CA GLY B 15 22.26 3.86 10.09
C GLY B 15 21.80 2.43 10.10
N ARG B 16 22.72 1.47 10.05
CA ARG B 16 22.34 0.07 10.07
C ARG B 16 22.34 -0.43 11.50
N SER B 17 21.51 -1.43 11.77
CA SER B 17 21.46 -1.98 13.11
C SER B 17 22.82 -2.55 13.49
N ASN B 18 23.12 -2.43 14.76
CA ASN B 18 24.40 -2.91 15.27
C ASN B 18 24.18 -3.76 16.51
N VAL B 19 23.24 -4.69 16.46
CA VAL B 19 23.01 -5.65 17.52
C VAL B 19 22.91 -7.03 16.89
N ARG B 20 23.16 -8.05 17.69
CA ARG B 20 22.78 -9.41 17.34
C ARG B 20 21.92 -9.96 18.46
N MET B 21 21.06 -10.89 18.11
CA MET B 21 20.24 -11.57 19.08
C MET B 21 20.70 -13.01 19.19
N GLU B 22 20.57 -13.60 20.36
CA GLU B 22 21.08 -14.92 20.62
C GLU B 22 20.15 -15.71 21.51
N HIS B 23 20.17 -17.03 21.32
CA HIS B 23 19.47 -17.97 22.17
C HIS B 23 17.96 -17.71 22.16
N ILE B 24 17.43 -17.41 20.98
CA ILE B 24 15.99 -17.40 20.78
C ILE B 24 15.52 -18.84 20.72
N ALA B 25 14.61 -19.20 21.63
CA ALA B 25 14.02 -20.53 21.59
C ALA B 25 12.86 -20.55 20.61
N ASP B 26 12.78 -21.61 19.81
CA ASP B 26 11.67 -21.81 18.89
C ASP B 26 11.68 -20.75 17.79
N LYS B 27 12.85 -20.51 17.22
CA LYS B 27 12.97 -19.56 16.12
C LYS B 27 12.41 -20.14 14.83
N ARG B 28 12.73 -21.41 14.56
CA ARG B 28 12.41 -22.01 13.27
C ARG B 28 10.90 -22.09 13.05
N PHE B 29 10.19 -22.70 14.00
CA PHE B 29 8.73 -22.76 13.89
C PHE B 29 8.15 -21.36 13.71
N LEU B 30 8.67 -20.40 14.46
CA LEU B 30 8.13 -19.04 14.39
C LEU B 30 8.34 -18.45 13.01
N TYR B 31 9.43 -18.79 12.35
CA TYR B 31 9.64 -18.31 10.99
C TYR B 31 8.74 -19.04 10.02
N LEU B 32 8.45 -20.31 10.30
CA LEU B 32 7.58 -21.07 9.42
C LEU B 32 6.14 -20.56 9.47
N LYS B 33 5.69 -20.13 10.64
CA LYS B 33 4.39 -19.47 10.72
C LYS B 33 4.34 -18.25 9.83
N ASP B 34 5.24 -17.30 10.07
CA ASP B 34 5.28 -16.05 9.34
C ASP B 34 6.21 -16.20 8.14
N LEU B 35 5.71 -16.89 7.13
CA LEU B 35 6.50 -17.10 5.91
C LEU B 35 6.71 -15.79 5.18
N TRP B 36 5.63 -15.04 4.97
CA TRP B 36 5.67 -13.86 4.12
C TRP B 36 6.82 -12.94 4.52
N THR B 37 6.81 -12.52 5.77
CA THR B 37 7.87 -11.65 6.26
C THR B 37 9.22 -12.33 6.17
N THR B 38 9.24 -13.65 6.33
CA THR B 38 10.51 -14.35 6.36
C THR B 38 11.16 -14.31 5.00
N PHE B 39 10.36 -14.34 3.96
CA PHE B 39 10.90 -14.23 2.62
C PHE B 39 11.26 -12.81 2.31
N ILE B 40 10.44 -11.88 2.76
CA ILE B 40 10.73 -10.48 2.51
C ILE B 40 12.03 -10.07 3.17
N ASP B 41 12.37 -10.69 4.29
CA ASP B 41 13.55 -10.26 5.04
C ASP B 41 14.78 -11.11 4.74
N MET B 42 14.66 -12.11 3.87
CA MET B 42 15.77 -13.03 3.66
C MET B 42 16.76 -12.47 2.67
N GLN B 43 17.94 -13.07 2.64
CA GLN B 43 18.99 -12.59 1.77
C GLN B 43 18.58 -12.73 0.31
N TRP B 44 19.27 -11.99 -0.55
CA TRP B 44 18.92 -11.99 -1.96
C TRP B 44 19.38 -13.26 -2.64
N ARG B 45 20.59 -13.72 -2.33
CA ARG B 45 21.09 -14.94 -2.94
C ARG B 45 20.10 -16.07 -2.75
N TYR B 46 19.88 -16.47 -1.52
CA TYR B 46 18.92 -17.52 -1.22
C TYR B 46 17.56 -17.22 -1.81
N LYS B 47 17.23 -15.94 -2.02
CA LYS B 47 15.91 -15.64 -2.55
C LYS B 47 15.83 -15.99 -4.02
N LEU B 48 16.80 -15.54 -4.79
CA LEU B 48 16.88 -15.95 -6.19
C LEU B 48 16.87 -17.45 -6.29
N LEU B 49 17.67 -18.10 -5.46
CA LEU B 49 17.78 -19.54 -5.51
C LEU B 49 16.41 -20.16 -5.30
N LEU B 50 15.68 -19.64 -4.34
CA LEU B 50 14.39 -20.22 -4.00
C LEU B 50 13.36 -19.96 -5.10
N PHE B 51 13.47 -18.80 -5.73
CA PHE B 51 12.62 -18.45 -6.86
C PHE B 51 12.78 -19.47 -7.99
N SER B 52 14.00 -19.56 -8.50
CA SER B 52 14.29 -20.48 -9.59
C SER B 52 13.99 -21.92 -9.19
N ALA B 53 14.31 -22.29 -7.97
CA ALA B 53 14.06 -23.64 -7.52
C ALA B 53 12.58 -23.94 -7.49
N THR B 54 11.78 -23.06 -6.92
CA THR B 54 10.34 -23.23 -6.99
C THR B 54 9.91 -23.58 -8.41
N PHE B 55 10.20 -22.69 -9.35
CA PHE B 55 9.74 -22.92 -10.71
C PHE B 55 10.23 -24.27 -11.24
N ALA B 56 11.55 -24.38 -11.41
CA ALA B 56 12.10 -25.52 -12.14
C ALA B 56 11.94 -26.82 -11.37
N GLY B 57 11.81 -26.76 -10.05
CA GLY B 57 11.68 -27.96 -9.26
C GLY B 57 10.26 -28.48 -9.23
N THR B 58 9.28 -27.58 -9.23
CA THR B 58 7.93 -28.02 -9.53
C THR B 58 7.91 -28.71 -10.88
N TRP B 59 8.53 -28.08 -11.87
CA TRP B 59 8.64 -28.71 -13.17
C TRP B 59 9.20 -30.12 -13.06
N PHE B 60 10.34 -30.27 -12.41
CA PHE B 60 11.06 -31.52 -12.34
C PHE B 60 10.25 -32.59 -11.61
N LEU B 61 9.69 -32.24 -10.46
CA LEU B 61 8.90 -33.19 -9.71
C LEU B 61 7.74 -33.70 -10.54
N PHE B 62 7.00 -32.79 -11.16
CA PHE B 62 5.84 -33.22 -11.91
C PHE B 62 6.24 -33.98 -13.16
N GLY B 63 7.44 -33.71 -13.67
CA GLY B 63 7.95 -34.51 -14.76
C GLY B 63 8.18 -35.96 -14.36
N VAL B 64 8.83 -36.16 -13.22
CA VAL B 64 8.97 -37.52 -12.71
C VAL B 64 7.61 -38.16 -12.52
N VAL B 65 6.66 -37.39 -12.00
CA VAL B 65 5.33 -37.92 -11.74
C VAL B 65 4.68 -38.38 -13.03
N TRP B 66 4.76 -37.55 -14.06
CA TRP B 66 4.17 -37.88 -15.35
C TRP B 66 4.84 -39.10 -15.95
N TYR B 67 6.17 -39.21 -15.81
CA TYR B 67 6.87 -40.39 -16.26
C TYR B 67 6.34 -41.64 -15.57
N LEU B 68 6.07 -41.55 -14.28
CA LEU B 68 5.55 -42.71 -13.57
C LEU B 68 4.16 -43.07 -14.08
N VAL B 69 3.30 -42.08 -14.27
CA VAL B 69 1.99 -42.35 -14.84
C VAL B 69 2.13 -43.04 -16.19
N ALA B 70 3.11 -42.60 -16.99
CA ALA B 70 3.35 -43.23 -18.27
C ALA B 70 3.69 -44.71 -18.08
N VAL B 71 4.66 -44.99 -17.21
CA VAL B 71 5.06 -46.37 -16.97
C VAL B 71 3.85 -47.21 -16.57
N ALA B 72 3.17 -46.81 -15.50
CA ALA B 72 2.07 -47.60 -14.97
C ALA B 72 1.05 -47.91 -16.05
N HIS B 73 0.97 -47.08 -17.08
CA HIS B 73 0.09 -47.32 -18.21
C HIS B 73 0.83 -47.90 -19.41
N GLY B 74 2.13 -48.17 -19.27
CA GLY B 74 2.89 -48.85 -20.31
C GLY B 74 3.10 -48.06 -21.58
N ASP B 75 3.06 -46.73 -21.48
CA ASP B 75 3.13 -45.91 -22.68
C ASP B 75 4.51 -45.95 -23.31
N LEU B 76 5.50 -46.42 -22.58
CA LEU B 76 6.86 -46.41 -23.08
C LEU B 76 6.97 -47.25 -24.34
N LEU B 77 7.92 -46.86 -25.21
CA LEU B 77 8.03 -47.48 -26.52
C LEU B 77 8.55 -48.92 -26.43
N GLU B 78 9.71 -49.12 -25.81
CA GLU B 78 10.30 -50.46 -25.85
C GLU B 78 9.65 -51.40 -24.85
N LEU B 79 8.63 -50.95 -24.12
CA LEU B 79 7.64 -51.90 -23.63
C LEU B 79 6.83 -52.49 -24.77
N GLY B 80 7.02 -51.98 -25.99
CA GLY B 80 6.39 -52.50 -27.16
C GLY B 80 4.89 -52.35 -27.13
N PRO B 81 4.41 -51.12 -27.02
CA PRO B 81 2.96 -50.90 -26.98
C PRO B 81 2.33 -51.31 -28.29
N PRO B 82 1.22 -52.04 -28.25
CA PRO B 82 0.55 -52.42 -29.50
C PRO B 82 0.11 -51.19 -30.28
N ALA B 83 -0.17 -51.40 -31.56
CA ALA B 83 -0.72 -50.34 -32.38
C ALA B 83 -2.09 -49.90 -31.86
N ASN B 84 -2.67 -50.67 -30.93
CA ASN B 84 -3.97 -50.39 -30.34
C ASN B 84 -3.90 -49.30 -29.29
N HIS B 85 -2.69 -48.92 -28.87
CA HIS B 85 -2.48 -48.37 -27.54
C HIS B 85 -2.62 -46.86 -27.55
N THR B 86 -3.61 -46.37 -26.82
CA THR B 86 -3.73 -44.94 -26.56
C THR B 86 -3.03 -44.61 -25.25
N PRO B 87 -2.00 -43.77 -25.26
CA PRO B 87 -1.29 -43.49 -24.01
C PRO B 87 -2.05 -42.52 -23.13
N CYS B 88 -1.67 -42.48 -21.85
CA CYS B 88 -2.21 -41.47 -20.96
C CYS B 88 -1.86 -40.08 -21.46
N VAL B 89 -0.72 -39.96 -22.12
CA VAL B 89 -0.26 -38.71 -22.70
C VAL B 89 0.35 -38.99 -24.05
N VAL B 90 0.28 -38.01 -24.95
CA VAL B 90 0.80 -38.20 -26.28
C VAL B 90 2.27 -37.83 -26.31
N GLN B 91 3.04 -38.63 -27.01
CA GLN B 91 4.42 -38.29 -27.35
C GLN B 91 5.30 -38.23 -26.11
N VAL B 92 4.87 -38.88 -25.04
CA VAL B 92 5.71 -39.00 -23.85
C VAL B 92 6.13 -40.44 -23.69
N HIS B 93 7.40 -40.70 -23.95
CA HIS B 93 7.99 -42.01 -23.81
C HIS B 93 9.37 -41.93 -23.19
N THR B 94 9.75 -40.76 -22.69
CA THR B 94 11.00 -40.56 -22.00
C THR B 94 10.80 -39.55 -20.89
N LEU B 95 11.52 -39.76 -19.79
CA LEU B 95 11.46 -38.80 -18.70
C LEU B 95 11.80 -37.41 -19.18
N THR B 96 12.62 -37.32 -20.22
CA THR B 96 12.92 -36.02 -20.80
C THR B 96 11.66 -35.35 -21.30
N GLY B 97 10.91 -36.02 -22.17
CA GLY B 97 9.67 -35.44 -22.64
C GLY B 97 8.68 -35.21 -21.52
N ALA B 98 8.76 -36.05 -20.50
CA ALA B 98 7.92 -35.81 -19.33
C ALA B 98 8.19 -34.44 -18.74
N PHE B 99 9.45 -34.16 -18.42
CA PHE B 99 9.82 -32.86 -17.91
C PHE B 99 9.40 -31.77 -18.88
N LEU B 100 9.55 -32.05 -20.17
CA LEU B 100 9.24 -31.03 -21.17
C LEU B 100 7.75 -30.71 -21.16
N PHE B 101 6.92 -31.71 -20.85
CA PHE B 101 5.48 -31.47 -20.82
C PHE B 101 5.09 -30.77 -19.54
N SER B 102 5.71 -31.17 -18.43
CA SER B 102 5.57 -30.42 -17.20
C SER B 102 5.80 -28.95 -17.47
N LEU B 103 6.89 -28.65 -18.15
CA LEU B 103 7.24 -27.27 -18.44
C LEU B 103 6.21 -26.60 -19.35
N GLU B 104 5.84 -27.28 -20.44
CA GLU B 104 4.96 -26.66 -21.43
C GLU B 104 3.58 -26.37 -20.85
N SER B 105 3.15 -27.15 -19.87
CA SER B 105 1.80 -26.98 -19.35
C SER B 105 1.78 -26.05 -18.15
N GLN B 106 2.81 -26.13 -17.31
CA GLN B 106 2.82 -25.37 -16.09
C GLN B 106 3.09 -23.90 -16.36
N THR B 107 4.05 -23.60 -17.21
CA THR B 107 4.21 -22.27 -17.76
C THR B 107 3.06 -21.90 -18.66
N THR B 108 2.38 -22.88 -19.22
CA THR B 108 1.36 -22.64 -20.21
C THR B 108 1.99 -22.13 -21.51
N ILE B 109 3.13 -22.71 -21.87
CA ILE B 109 3.68 -22.50 -23.20
C ILE B 109 2.92 -23.33 -24.23
N GLY B 110 2.57 -24.57 -23.87
CA GLY B 110 1.67 -25.38 -24.68
C GLY B 110 1.92 -25.40 -26.17
N TYR B 111 3.05 -25.94 -26.59
CA TYR B 111 3.33 -26.04 -28.01
C TYR B 111 2.25 -26.85 -28.72
N GLY B 112 2.12 -28.13 -28.37
CA GLY B 112 1.09 -29.00 -28.91
C GLY B 112 1.59 -30.30 -29.48
N PHE B 113 2.90 -30.53 -29.42
CA PHE B 113 3.45 -31.80 -29.87
C PHE B 113 3.26 -32.88 -28.82
N ARG B 114 3.07 -32.46 -27.58
CA ARG B 114 2.67 -33.32 -26.49
C ARG B 114 1.43 -32.71 -25.88
N TYR B 115 0.33 -33.45 -25.89
CA TYR B 115 -0.88 -33.02 -25.24
C TYR B 115 -1.49 -34.19 -24.50
N ILE B 116 -2.49 -33.90 -23.69
CA ILE B 116 -3.18 -34.94 -22.93
C ILE B 116 -4.21 -35.60 -23.82
N SER B 117 -4.51 -36.86 -23.56
CA SER B 117 -5.58 -37.56 -24.24
C SER B 117 -6.70 -37.91 -23.28
N GLU B 118 -7.89 -38.07 -23.84
CA GLU B 118 -9.10 -38.33 -23.06
C GLU B 118 -9.07 -39.66 -22.34
N GLU B 119 -8.00 -40.45 -22.48
CA GLU B 119 -8.05 -41.83 -22.03
C GLU B 119 -7.96 -41.92 -20.52
N CYS B 120 -6.98 -41.26 -19.93
CA CYS B 120 -6.65 -41.47 -18.52
C CYS B 120 -7.22 -40.33 -17.68
N PRO B 121 -8.17 -40.61 -16.77
CA PRO B 121 -8.70 -39.52 -15.93
C PRO B 121 -7.73 -39.07 -14.85
N LEU B 122 -7.03 -40.02 -14.23
CA LEU B 122 -6.03 -39.66 -13.24
C LEU B 122 -5.05 -38.64 -13.79
N ALA B 123 -4.64 -38.81 -15.05
CA ALA B 123 -3.83 -37.79 -15.71
C ALA B 123 -4.48 -36.42 -15.59
N ILE B 124 -5.79 -36.36 -15.84
CA ILE B 124 -6.50 -35.08 -15.82
C ILE B 124 -6.43 -34.45 -14.44
N VAL B 125 -6.84 -35.18 -13.41
CA VAL B 125 -6.80 -34.60 -12.07
C VAL B 125 -5.38 -34.20 -11.71
N LEU B 126 -4.40 -35.03 -12.10
CA LEU B 126 -3.02 -34.72 -11.80
C LEU B 126 -2.63 -33.39 -12.41
N LEU B 127 -3.06 -33.14 -13.64
CA LEU B 127 -2.75 -31.87 -14.28
C LEU B 127 -3.42 -30.73 -13.55
N ILE B 128 -4.68 -30.90 -13.16
CA ILE B 128 -5.38 -29.83 -12.48
C ILE B 128 -4.65 -29.48 -11.18
N ALA B 129 -4.18 -30.51 -10.47
CA ALA B 129 -3.47 -30.27 -9.23
C ALA B 129 -2.18 -29.53 -9.47
N GLN B 130 -1.37 -30.04 -10.40
CA GLN B 130 -0.16 -29.34 -10.77
C GLN B 130 -0.45 -27.87 -11.01
N LEU B 131 -1.50 -27.59 -11.77
CA LEU B 131 -1.78 -26.22 -12.18
C LEU B 131 -2.10 -25.36 -10.98
N VAL B 132 -3.04 -25.82 -10.17
CA VAL B 132 -3.50 -25.04 -9.05
C VAL B 132 -2.36 -24.75 -8.08
N LEU B 133 -1.66 -25.79 -7.65
CA LEU B 133 -0.55 -25.59 -6.72
C LEU B 133 0.51 -24.65 -7.29
N THR B 134 0.95 -24.89 -8.51
CA THR B 134 2.02 -24.05 -9.06
C THR B 134 1.55 -22.62 -9.26
N THR B 135 0.28 -22.43 -9.54
CA THR B 135 -0.31 -21.10 -9.57
C THR B 135 -0.12 -20.41 -8.23
N ILE B 136 -0.53 -21.08 -7.16
CA ILE B 136 -0.34 -20.58 -5.81
C ILE B 136 1.11 -20.13 -5.59
N LEU B 137 2.05 -21.05 -5.79
CA LEU B 137 3.43 -20.77 -5.47
C LEU B 137 3.99 -19.61 -6.30
N GLU B 138 3.75 -19.64 -7.61
CA GLU B 138 4.10 -18.50 -8.45
C GLU B 138 3.64 -17.20 -7.82
N ILE B 139 2.36 -17.15 -7.45
CA ILE B 139 1.81 -15.92 -6.90
C ILE B 139 2.60 -15.49 -5.68
N PHE B 140 2.76 -16.39 -4.73
CA PHE B 140 3.41 -16.05 -3.48
C PHE B 140 4.79 -15.48 -3.73
N ILE B 141 5.60 -16.19 -4.51
CA ILE B 141 6.98 -15.78 -4.69
C ILE B 141 7.05 -14.43 -5.40
N THR B 142 6.20 -14.22 -6.40
CA THR B 142 6.25 -12.96 -7.11
C THR B 142 5.86 -11.82 -6.20
N GLY B 143 4.90 -12.07 -5.31
CA GLY B 143 4.50 -11.02 -4.38
C GLY B 143 5.63 -10.65 -3.44
N THR B 144 6.29 -11.66 -2.87
CA THR B 144 7.39 -11.37 -1.97
C THR B 144 8.50 -10.62 -2.70
N PHE B 145 8.78 -11.01 -3.94
CA PHE B 145 9.80 -10.34 -4.72
C PHE B 145 9.44 -8.88 -4.97
N LEU B 146 8.22 -8.63 -5.40
CA LEU B 146 7.74 -7.26 -5.56
C LEU B 146 7.98 -6.45 -4.30
N ALA B 147 7.46 -6.92 -3.17
CA ALA B 147 7.58 -6.17 -1.93
C ALA B 147 9.03 -5.95 -1.53
N LYS B 148 9.86 -6.98 -1.68
CA LYS B 148 11.24 -6.86 -1.25
C LYS B 148 12.01 -5.85 -2.08
N ILE B 149 11.67 -5.71 -3.35
CA ILE B 149 12.19 -4.56 -4.07
C ILE B 149 11.64 -3.28 -3.48
N ALA B 150 10.32 -3.24 -3.26
CA ALA B 150 9.65 -1.98 -2.99
C ALA B 150 10.14 -1.32 -1.71
N ARG B 151 10.72 -2.10 -0.81
CA ARG B 151 11.10 -1.56 0.49
C ARG B 151 11.82 -0.22 0.33
N PRO B 152 11.62 0.72 1.26
CA PRO B 152 12.23 2.04 1.13
C PRO B 152 13.53 2.21 1.90
N LYS B 153 14.00 1.21 2.64
CA LYS B 153 15.33 1.29 3.20
C LYS B 153 16.32 1.79 2.17
N LYS B 154 16.45 1.07 1.05
CA LYS B 154 17.40 1.46 0.01
C LYS B 154 17.21 2.92 -0.39
N ARG B 155 15.96 3.37 -0.45
CA ARG B 155 15.70 4.78 -0.71
C ARG B 155 16.44 5.67 0.29
N ALA B 156 16.54 5.23 1.53
CA ALA B 156 17.10 6.07 2.58
C ALA B 156 18.49 6.59 2.20
N GLU B 157 19.21 5.86 1.37
CA GLU B 157 20.60 6.22 1.11
C GLU B 157 20.70 7.54 0.35
N THR B 158 19.61 7.95 -0.30
CA THR B 158 19.62 9.18 -1.06
C THR B 158 19.27 10.38 -0.20
N ILE B 159 19.19 10.17 1.11
CA ILE B 159 19.16 11.26 2.08
C ILE B 159 20.41 11.10 2.92
N ARG B 160 21.08 12.22 3.18
CA ARG B 160 22.37 12.17 3.84
C ARG B 160 22.45 13.19 4.96
N PHE B 161 22.88 12.73 6.12
CA PHE B 161 23.28 13.58 7.23
C PHE B 161 24.68 14.12 6.99
N SER B 162 25.01 15.18 7.71
CA SER B 162 26.39 15.62 7.76
C SER B 162 27.26 14.53 8.38
N GLN B 163 28.56 14.57 8.06
CA GLN B 163 29.50 13.67 8.69
C GLN B 163 29.79 14.10 10.12
N HIS B 164 29.75 15.40 10.37
CA HIS B 164 30.17 15.97 11.63
C HIS B 164 29.09 16.84 12.23
N ALA B 165 28.92 16.71 13.55
CA ALA B 165 28.12 17.62 14.34
C ALA B 165 29.02 18.68 14.95
N VAL B 166 28.52 19.91 14.99
CA VAL B 166 29.36 21.05 15.36
C VAL B 166 28.60 21.96 16.31
N VAL B 167 29.31 22.52 17.28
CA VAL B 167 28.70 23.28 18.36
C VAL B 167 29.12 24.74 18.22
N ALA B 168 28.15 25.64 18.32
CA ALA B 168 28.49 27.06 18.25
C ALA B 168 27.30 27.90 18.66
N TYR B 169 27.51 29.22 18.62
CA TYR B 169 26.47 30.17 19.03
C TYR B 169 25.61 30.53 17.83
N HIS B 170 24.37 30.04 17.84
CA HIS B 170 23.39 30.39 16.84
C HIS B 170 22.35 31.27 17.51
N ASN B 171 22.18 32.48 16.97
CA ASN B 171 21.28 33.46 17.56
C ASN B 171 21.65 33.72 19.02
N GLY B 172 22.93 33.52 19.34
CA GLY B 172 23.43 33.75 20.68
C GLY B 172 23.29 32.58 21.62
N LYS B 173 22.53 31.56 21.24
CA LYS B 173 22.34 30.39 22.07
C LYS B 173 23.30 29.29 21.64
N LEU B 174 23.89 28.61 22.61
CA LEU B 174 24.75 27.49 22.30
C LEU B 174 23.89 26.39 21.70
N CYS B 175 24.24 25.95 20.49
CA CYS B 175 23.46 24.96 19.79
C CYS B 175 24.41 23.94 19.17
N LEU B 176 24.01 22.66 19.30
CA LEU B 176 24.64 21.58 18.54
C LEU B 176 23.91 21.48 17.21
N MET B 177 24.68 21.42 16.13
CA MET B 177 24.14 21.57 14.79
C MET B 177 24.57 20.43 13.90
N ILE B 178 23.63 19.96 13.11
CA ILE B 178 23.84 18.95 12.08
C ILE B 178 23.18 19.44 10.81
N ARG B 179 23.48 18.79 9.70
CA ARG B 179 22.92 19.16 8.43
C ARG B 179 22.40 17.93 7.71
N VAL B 180 21.25 18.09 7.06
CA VAL B 180 20.60 17.02 6.32
C VAL B 180 20.38 17.47 4.89
N ALA B 181 20.22 16.50 3.99
CA ALA B 181 19.92 16.83 2.60
C ALA B 181 19.39 15.61 1.87
N ASN B 182 18.85 15.86 0.69
CA ASN B 182 18.20 14.85 -0.15
C ASN B 182 18.88 14.86 -1.51
N MET B 183 19.39 13.71 -1.94
CA MET B 183 20.10 13.62 -3.19
C MET B 183 19.21 13.28 -4.38
N ARG B 184 17.91 13.57 -4.30
CA ARG B 184 16.99 13.26 -5.39
C ARG B 184 15.90 14.32 -5.49
N LYS B 185 15.26 14.35 -6.65
CA LYS B 185 14.22 15.34 -6.91
C LYS B 185 12.90 14.95 -6.26
N SER B 186 12.64 13.64 -6.16
CA SER B 186 11.48 13.18 -5.44
C SER B 186 11.52 13.72 -4.00
N LEU B 187 10.34 13.96 -3.45
CA LEU B 187 10.28 14.64 -2.17
C LEU B 187 10.03 13.65 -1.03
N LEU B 188 10.51 14.05 0.15
CA LEU B 188 10.11 13.48 1.42
C LEU B 188 9.16 14.47 2.06
N ILE B 189 8.21 13.97 2.82
CA ILE B 189 7.17 14.80 3.39
C ILE B 189 6.85 14.36 4.81
N GLY B 190 6.41 15.31 5.63
CA GLY B 190 6.10 15.03 7.02
C GLY B 190 7.30 14.59 7.82
N CYS B 191 8.50 14.93 7.34
CA CYS B 191 9.71 14.49 8.01
C CYS B 191 9.80 15.10 9.39
N GLN B 192 10.39 14.35 10.31
CA GLN B 192 10.65 14.82 11.66
C GLN B 192 11.95 14.24 12.15
N VAL B 193 12.78 15.11 12.71
CA VAL B 193 14.07 14.75 13.27
C VAL B 193 13.92 14.58 14.77
N THR B 194 14.41 13.47 15.28
CA THR B 194 14.44 13.23 16.70
C THR B 194 15.71 12.47 17.06
N GLY B 195 16.48 13.02 17.99
CA GLY B 195 17.68 12.36 18.46
C GLY B 195 17.39 11.69 19.78
N LYS B 196 18.13 10.65 20.05
CA LYS B 196 18.20 10.07 21.37
C LYS B 196 19.64 10.12 21.82
N LEU B 197 19.82 10.15 23.13
CA LEU B 197 21.14 10.19 23.73
C LEU B 197 21.30 8.92 24.53
N LEU B 198 22.40 8.20 24.29
CA LEU B 198 22.62 6.86 24.81
C LEU B 198 24.01 6.76 25.41
N GLN B 199 24.08 6.62 26.74
CA GLN B 199 25.36 6.43 27.39
C GLN B 199 25.47 5.08 28.07
N THR B 200 26.54 4.92 28.82
CA THR B 200 27.03 3.63 29.25
C THR B 200 26.88 3.51 30.77
N HIS B 201 26.17 2.47 31.21
CA HIS B 201 25.98 2.19 32.62
C HIS B 201 26.52 0.79 32.90
N GLN B 202 27.66 0.72 33.58
CA GLN B 202 28.27 -0.54 33.95
C GLN B 202 27.86 -0.92 35.36
N THR B 203 27.75 -2.22 35.61
CA THR B 203 27.37 -2.77 36.89
C THR B 203 28.55 -3.51 37.50
N LYS B 204 28.28 -4.24 38.58
CA LYS B 204 29.13 -5.29 39.16
C LYS B 204 30.01 -5.88 38.06
N GLU B 205 29.43 -6.26 36.93
CA GLU B 205 30.03 -7.26 36.04
C GLU B 205 30.07 -6.66 34.64
N GLY B 206 30.84 -7.30 33.75
CA GLY B 206 30.66 -7.04 32.34
C GLY B 206 29.56 -7.93 31.79
N GLU B 207 28.60 -8.27 32.65
CA GLU B 207 27.57 -9.24 32.32
C GLU B 207 26.36 -8.60 31.68
N ASN B 208 26.10 -7.33 31.97
CA ASN B 208 24.86 -6.71 31.55
C ASN B 208 25.05 -5.21 31.53
N ILE B 209 24.15 -4.52 30.84
CA ILE B 209 24.17 -3.07 30.75
C ILE B 209 22.73 -2.57 30.62
N ARG B 210 22.43 -1.53 31.37
CA ARG B 210 21.18 -0.80 31.19
C ARG B 210 21.48 0.45 30.39
N LEU B 211 20.81 0.60 29.27
CA LEU B 211 20.93 1.78 28.44
C LEU B 211 19.81 2.73 28.78
N ASN B 212 20.18 3.91 29.24
CA ASN B 212 19.23 4.97 29.55
C ASN B 212 19.13 5.88 28.33
N GLN B 213 17.95 5.91 27.71
CA GLN B 213 17.68 6.78 26.59
C GLN B 213 17.34 8.15 27.16
N VAL B 214 17.67 9.21 26.42
CA VAL B 214 17.12 10.53 26.70
C VAL B 214 16.77 11.19 25.38
N ASN B 215 15.52 11.62 25.24
CA ASN B 215 15.14 12.34 24.06
C ASN B 215 15.95 13.61 23.93
N VAL B 216 16.32 13.94 22.71
CA VAL B 216 16.79 15.27 22.34
C VAL B 216 15.99 15.69 21.13
N THR B 217 15.39 16.87 21.22
CA THR B 217 14.60 17.41 20.14
C THR B 217 15.47 18.37 19.34
N PHE B 218 15.20 18.44 18.05
CA PHE B 218 15.98 19.28 17.15
C PHE B 218 15.02 20.17 16.39
N GLN B 219 15.41 21.44 16.27
CA GLN B 219 14.53 22.47 15.77
C GLN B 219 15.16 23.15 14.56
N VAL B 220 14.30 23.80 13.80
CA VAL B 220 14.70 24.46 12.57
C VAL B 220 14.24 25.92 12.62
N ASP B 221 12.92 26.11 12.66
CA ASP B 221 12.32 27.43 12.74
C ASP B 221 11.49 27.58 14.01
N THR B 222 10.50 26.73 14.19
CA THR B 222 9.59 26.76 15.32
C THR B 222 9.71 25.51 16.16
N ALA B 223 10.61 24.60 15.78
CA ALA B 223 10.81 23.36 16.50
C ALA B 223 9.59 22.45 16.37
N SER B 224 9.02 22.39 15.17
CA SER B 224 7.77 21.68 14.99
C SER B 224 7.92 20.45 14.10
N ASP B 225 8.25 20.71 12.84
CA ASP B 225 8.56 19.72 11.82
C ASP B 225 8.71 20.54 10.54
N SER B 226 9.22 19.92 9.48
CA SER B 226 9.33 20.64 8.25
C SER B 226 8.62 19.90 7.13
N PRO B 227 7.55 20.47 6.54
CA PRO B 227 6.73 19.70 5.59
C PRO B 227 7.52 19.04 4.49
N PHE B 228 8.47 19.76 3.90
CA PHE B 228 9.21 19.27 2.74
C PHE B 228 10.69 19.55 2.95
N LEU B 229 11.49 18.58 2.55
CA LEU B 229 12.94 18.71 2.64
C LEU B 229 13.49 19.17 1.30
N ILE B 230 13.16 20.43 0.98
CA ILE B 230 13.52 21.00 -0.31
C ILE B 230 15.03 21.13 -0.44
N LEU B 231 15.69 21.71 0.55
CA LEU B 231 17.08 22.08 0.44
C LEU B 231 17.80 21.59 1.69
N PRO B 232 19.13 21.51 1.66
CA PRO B 232 19.88 21.06 2.83
C PRO B 232 19.47 21.82 4.08
N LEU B 233 18.88 21.11 5.04
CA LEU B 233 18.30 21.71 6.22
C LEU B 233 19.25 21.61 7.40
N THR B 234 19.43 22.74 8.07
CA THR B 234 20.27 22.85 9.24
C THR B 234 19.43 22.61 10.48
N PHE B 235 19.68 21.50 11.16
CA PHE B 235 18.97 21.19 12.38
C PHE B 235 19.85 21.48 13.58
N TYR B 236 19.29 22.21 14.53
CA TYR B 236 20.06 22.66 15.68
C TYR B 236 19.28 22.37 16.96
N HIS B 237 20.03 22.10 18.02
CA HIS B 237 19.47 21.78 19.33
C HIS B 237 20.05 22.73 20.37
N VAL B 238 19.18 23.20 21.25
CA VAL B 238 19.52 24.22 22.23
C VAL B 238 20.30 23.58 23.38
N VAL B 239 21.54 23.97 23.54
CA VAL B 239 22.33 23.56 24.71
C VAL B 239 22.17 24.65 25.75
N ASP B 240 21.08 24.58 26.49
CA ASP B 240 20.96 25.26 27.77
C ASP B 240 20.60 24.23 28.83
N GLU B 241 20.26 24.69 30.03
CA GLU B 241 20.18 23.78 31.17
C GLU B 241 19.03 22.81 31.05
N THR B 242 18.11 23.04 30.11
CA THR B 242 17.16 22.01 29.71
C THR B 242 17.86 20.86 28.96
N SER B 243 19.11 21.03 28.61
CA SER B 243 19.75 20.07 27.73
C SER B 243 20.26 18.89 28.54
N PRO B 244 19.93 17.66 28.13
CA PRO B 244 20.65 16.51 28.69
C PRO B 244 22.12 16.52 28.36
N LEU B 245 22.54 17.33 27.40
CA LEU B 245 23.94 17.46 27.03
C LEU B 245 24.68 18.45 27.89
N LYS B 246 23.96 19.21 28.71
CA LYS B 246 24.50 20.46 29.23
C LYS B 246 25.89 20.30 29.79
N ASP B 247 26.02 19.54 30.87
CA ASP B 247 27.31 19.40 31.52
C ASP B 247 28.01 18.10 31.17
N LEU B 248 27.67 17.51 30.03
CA LEU B 248 28.57 16.55 29.44
C LEU B 248 29.98 17.13 29.43
N PRO B 249 31.00 16.30 29.32
CA PRO B 249 32.31 16.89 29.08
C PRO B 249 32.30 17.45 27.68
N LEU B 250 32.10 18.75 27.62
CA LEU B 250 31.85 19.47 26.38
C LEU B 250 33.07 19.61 25.55
N ARG B 251 34.19 19.12 26.09
CA ARG B 251 35.49 19.32 25.49
C ARG B 251 35.75 18.28 24.40
N SER B 252 36.91 18.41 23.78
CA SER B 252 37.40 17.47 22.78
C SER B 252 37.26 16.03 23.23
N GLY B 253 36.46 15.26 22.50
CA GLY B 253 36.63 13.81 22.43
C GLY B 253 36.06 13.01 23.57
N GLU B 254 36.20 13.46 24.81
CA GLU B 254 35.91 12.60 25.95
C GLU B 254 34.44 12.69 26.33
N GLY B 255 33.98 11.68 27.03
CA GLY B 255 32.58 11.36 27.21
C GLY B 255 32.29 10.02 26.57
N ASP B 256 31.41 9.25 27.22
CA ASP B 256 31.09 7.91 26.77
C ASP B 256 29.61 7.89 26.39
N PHE B 257 29.34 8.30 25.15
CA PHE B 257 27.96 8.44 24.72
C PHE B 257 27.85 8.20 23.23
N GLU B 258 26.60 8.24 22.77
CA GLU B 258 26.27 8.25 21.35
C GLU B 258 25.01 9.07 21.16
N LEU B 259 25.08 10.00 20.23
CA LEU B 259 23.94 10.81 19.83
C LEU B 259 23.35 10.16 18.59
N VAL B 260 22.30 9.38 18.81
CA VAL B 260 21.60 8.73 17.72
C VAL B 260 20.64 9.73 17.09
N LEU B 261 20.67 9.84 15.77
CA LEU B 261 19.82 10.76 15.04
C LEU B 261 18.92 10.01 14.08
N ILE B 262 17.64 10.39 14.09
CA ILE B 262 16.57 9.69 13.40
C ILE B 262 15.77 10.72 12.63
N LEU B 263 15.42 10.39 11.39
CA LEU B 263 14.60 11.24 10.57
C LEU B 263 13.53 10.38 9.92
N SER B 264 12.29 10.61 10.32
CA SER B 264 11.17 9.78 9.88
C SER B 264 10.14 10.62 9.12
N GLY B 265 9.75 10.14 7.95
CA GLY B 265 8.76 10.86 7.19
C GLY B 265 8.30 10.08 5.99
N THR B 266 7.14 10.49 5.48
CA THR B 266 6.49 9.82 4.36
C THR B 266 7.17 10.16 3.04
N VAL B 267 7.17 9.20 2.11
CA VAL B 267 7.68 9.44 0.75
C VAL B 267 6.52 9.84 -0.16
N GLU B 268 6.84 10.61 -1.20
CA GLU B 268 5.81 11.21 -2.03
C GLU B 268 5.17 10.19 -2.96
N SER B 269 6.00 9.43 -3.67
CA SER B 269 5.52 8.63 -4.78
C SER B 269 5.01 7.26 -4.35
N THR B 270 5.09 6.92 -3.06
CA THR B 270 4.72 5.58 -2.61
C THR B 270 3.89 5.58 -1.33
N SER B 271 3.82 6.69 -0.60
CA SER B 271 3.09 6.77 0.65
C SER B 271 3.72 5.91 1.73
N ALA B 272 4.96 5.50 1.52
CA ALA B 272 5.68 4.72 2.52
C ALA B 272 6.36 5.65 3.51
N THR B 273 6.45 5.19 4.75
CA THR B 273 7.25 5.88 5.74
C THR B 273 8.70 5.46 5.63
N CYS B 274 9.59 6.44 5.63
CA CYS B 274 11.00 6.27 5.34
C CYS B 274 11.77 6.83 6.51
N GLN B 275 12.76 6.09 6.97
CA GLN B 275 13.49 6.40 8.19
C GLN B 275 14.97 6.35 7.90
N VAL B 276 15.62 7.49 8.07
CA VAL B 276 17.08 7.54 8.02
C VAL B 276 17.61 7.58 9.44
N ARG B 277 18.77 6.96 9.64
CA ARG B 277 19.42 6.96 10.94
C ARG B 277 20.91 7.18 10.75
N THR B 278 21.52 7.78 11.75
CA THR B 278 22.96 7.74 11.91
C THR B 278 23.28 8.12 13.34
N SER B 279 24.55 8.33 13.61
CA SER B 279 24.98 8.57 14.98
C SER B 279 26.16 9.52 15.02
N TYR B 280 26.42 10.02 16.22
CA TYR B 280 27.58 10.85 16.49
C TYR B 280 28.26 10.36 17.76
N LEU B 281 29.57 10.20 17.68
CA LEU B 281 30.37 9.80 18.83
C LEU B 281 30.91 11.03 19.54
N PRO B 282 31.32 10.86 20.79
CA PRO B 282 31.90 12.01 21.49
C PRO B 282 33.08 12.60 20.76
N GLU B 283 33.78 11.79 19.97
CA GLU B 283 34.94 12.28 19.24
C GLU B 283 34.52 12.95 17.94
N GLU B 284 33.36 12.57 17.40
CA GLU B 284 32.97 13.10 16.10
C GLU B 284 32.48 14.53 16.20
N ILE B 285 32.17 14.99 17.42
CA ILE B 285 31.58 16.31 17.57
C ILE B 285 32.68 17.36 17.61
N LEU B 286 32.40 18.50 16.98
CA LEU B 286 33.38 19.56 16.85
C LEU B 286 32.89 20.81 17.56
N TRP B 287 33.85 21.58 18.04
CA TRP B 287 33.60 22.75 18.87
C TRP B 287 33.85 24.01 18.07
N GLY B 288 32.91 24.95 18.15
CA GLY B 288 33.08 26.23 17.47
C GLY B 288 33.37 26.09 15.99
N TYR B 289 32.39 25.64 15.21
CA TYR B 289 32.54 25.50 13.76
C TYR B 289 31.23 25.86 13.07
N GLU B 290 31.33 26.17 11.79
CA GLU B 290 30.26 26.74 11.01
C GLU B 290 30.19 26.03 9.67
N PHE B 291 29.09 25.33 9.42
CA PHE B 291 28.85 24.78 8.09
C PHE B 291 28.87 25.90 7.07
N THR B 292 29.74 25.79 6.09
CA THR B 292 29.66 26.74 5.00
C THR B 292 28.28 26.64 4.38
N PRO B 293 27.57 27.76 4.22
CA PRO B 293 26.23 27.67 3.63
C PRO B 293 26.32 27.06 2.24
N ALA B 294 25.44 26.11 1.97
CA ALA B 294 25.56 25.25 0.80
C ALA B 294 24.58 25.62 -0.32
N ILE B 295 23.80 26.69 -0.16
CA ILE B 295 22.80 27.08 -1.14
C ILE B 295 23.22 28.39 -1.76
N SER B 296 23.16 28.46 -3.09
CA SER B 296 23.43 29.68 -3.83
C SER B 296 22.42 29.82 -4.94
N LEU B 297 22.22 31.06 -5.37
CA LEU B 297 21.25 31.33 -6.41
C LEU B 297 21.97 31.56 -7.74
N SER B 298 21.21 31.45 -8.83
CA SER B 298 21.77 31.41 -10.17
C SER B 298 21.00 32.35 -11.07
N ALA B 299 21.60 32.64 -12.23
CA ALA B 299 21.01 33.59 -13.16
C ALA B 299 19.62 33.14 -13.59
N SER B 300 19.45 31.85 -13.86
CA SER B 300 18.17 31.38 -14.38
C SER B 300 17.05 31.58 -13.36
N GLY B 301 17.40 31.69 -12.08
CA GLY B 301 16.55 32.36 -11.13
C GLY B 301 16.23 31.64 -9.83
N LYS B 302 16.54 30.35 -9.69
CA LYS B 302 16.12 29.60 -8.51
C LYS B 302 17.32 28.89 -7.90
N TYR B 303 17.10 28.22 -6.78
CA TYR B 303 18.19 27.95 -5.84
C TYR B 303 18.91 26.66 -6.20
N VAL B 304 20.22 26.65 -5.93
CA VAL B 304 21.09 25.54 -6.27
C VAL B 304 21.66 24.98 -4.98
N ALA B 305 21.62 23.67 -4.84
CA ALA B 305 22.19 22.98 -3.71
C ALA B 305 23.47 22.26 -4.14
N ASP B 306 24.62 22.84 -3.82
CA ASP B 306 25.92 22.34 -4.28
C ASP B 306 26.53 21.50 -3.17
N PHE B 307 26.50 20.18 -3.36
CA PHE B 307 26.87 19.25 -2.30
C PHE B 307 28.37 19.07 -2.14
N SER B 308 29.18 19.92 -2.75
CA SER B 308 30.61 19.90 -2.43
C SER B 308 30.89 20.59 -1.12
N LEU B 309 30.02 21.51 -0.74
CA LEU B 309 30.14 22.29 0.49
C LEU B 309 29.31 21.69 1.63
N PHE B 310 28.42 20.76 1.31
CA PHE B 310 27.51 20.17 2.29
C PHE B 310 28.24 19.82 3.58
N ASP B 311 29.33 19.09 3.48
CA ASP B 311 30.08 18.66 4.65
C ASP B 311 31.24 19.57 4.99
N GLN B 312 31.41 20.67 4.27
CA GLN B 312 32.48 21.60 4.55
C GLN B 312 32.16 22.44 5.78
N VAL B 313 33.19 22.75 6.58
CA VAL B 313 33.06 23.62 7.73
C VAL B 313 34.23 24.58 7.74
N VAL B 314 34.05 25.70 8.43
CA VAL B 314 35.16 26.57 8.79
C VAL B 314 34.89 27.16 10.17
N LYS B 315 35.94 27.67 10.78
CA LYS B 315 35.91 28.08 12.17
C LYS B 315 35.21 29.43 12.32
N VAL B 316 34.51 29.60 13.45
CA VAL B 316 33.87 30.87 13.77
C VAL B 316 34.86 31.74 14.53
N ARG C 7 9.93 36.54 -11.43
CA ARG C 7 10.92 36.62 -10.36
C ARG C 7 11.41 35.24 -9.96
N ARG C 8 12.51 35.24 -9.23
CA ARG C 8 12.98 34.03 -8.56
C ARG C 8 11.97 33.61 -7.51
N ARG C 9 11.70 32.32 -7.41
CA ARG C 9 10.74 31.84 -6.44
C ARG C 9 11.14 30.46 -5.95
N VAL C 10 10.64 30.12 -4.77
CA VAL C 10 10.87 28.81 -4.17
C VAL C 10 10.10 27.74 -4.92
N LEU C 11 8.78 27.84 -4.91
CA LEU C 11 7.92 26.83 -5.48
C LEU C 11 7.14 27.46 -6.63
N THR C 12 7.13 26.77 -7.76
CA THR C 12 6.35 27.22 -8.90
C THR C 12 4.90 27.36 -8.48
N LYS C 13 4.21 28.32 -9.08
CA LYS C 13 2.85 28.68 -8.70
C LYS C 13 1.94 27.47 -8.60
N ASP C 14 2.21 26.43 -9.38
CA ASP C 14 1.43 25.20 -9.29
C ASP C 14 1.92 24.27 -8.20
N GLY C 15 3.18 24.41 -7.81
CA GLY C 15 3.72 23.63 -6.71
C GLY C 15 4.82 22.68 -7.07
N ARG C 16 5.55 22.94 -8.15
CA ARG C 16 6.65 22.06 -8.54
C ARG C 16 7.94 22.55 -7.91
N SER C 17 8.86 21.62 -7.68
CA SER C 17 10.12 21.99 -7.11
C SER C 17 10.85 22.97 -8.02
N ASN C 18 11.57 23.88 -7.38
CA ASN C 18 12.30 24.89 -8.13
C ASN C 18 13.74 24.96 -7.64
N VAL C 19 14.40 23.83 -7.49
CA VAL C 19 15.81 23.75 -7.15
C VAL C 19 16.47 22.79 -8.11
N ARG C 20 17.78 22.92 -8.27
CA ARG C 20 18.60 21.88 -8.88
C ARG C 20 19.69 21.54 -7.90
N MET C 21 20.18 20.31 -7.99
CA MET C 21 21.29 19.86 -7.18
C MET C 21 22.49 19.65 -8.10
N GLU C 22 23.67 19.87 -7.58
CA GLU C 22 24.88 19.83 -8.37
C GLU C 22 26.03 19.21 -7.60
N HIS C 23 26.92 18.56 -8.35
CA HIS C 23 28.17 18.04 -7.81
C HIS C 23 27.92 17.00 -6.72
N ILE C 24 26.92 16.15 -6.95
CA ILE C 24 26.74 14.96 -6.14
C ILE C 24 27.81 13.95 -6.54
N ALA C 25 28.64 13.55 -5.59
CA ALA C 25 29.62 12.52 -5.85
C ALA C 25 28.98 11.14 -5.69
N ASP C 26 29.29 10.25 -6.63
CA ASP C 26 28.83 8.86 -6.56
C ASP C 26 27.32 8.79 -6.73
N LYS C 27 26.80 9.51 -7.72
CA LYS C 27 25.37 9.47 -8.03
C LYS C 27 24.99 8.17 -8.71
N ARG C 28 25.81 7.73 -9.66
CA ARG C 28 25.44 6.61 -10.51
C ARG C 28 25.33 5.32 -9.71
N PHE C 29 26.37 4.97 -8.97
CA PHE C 29 26.30 3.79 -8.12
C PHE C 29 25.09 3.85 -7.20
N LEU C 30 24.84 5.03 -6.64
CA LEU C 30 23.73 5.16 -5.70
C LEU C 30 22.40 4.90 -6.38
N TYR C 31 22.29 5.28 -7.65
CA TYR C 31 21.06 4.98 -8.38
C TYR C 31 20.98 3.50 -8.72
N LEU C 32 22.13 2.87 -8.95
CA LEU C 32 22.14 1.46 -9.28
C LEU C 32 21.74 0.61 -8.09
N LYS C 33 22.12 1.02 -6.89
CA LYS C 33 21.63 0.34 -5.70
C LYS C 33 20.11 0.39 -5.62
N ASP C 34 19.55 1.59 -5.62
CA ASP C 34 18.13 1.82 -5.50
C ASP C 34 17.52 1.87 -6.90
N LEU C 35 17.40 0.70 -7.52
CA LEU C 35 16.82 0.64 -8.84
C LEU C 35 15.34 0.99 -8.81
N TRP C 36 14.61 0.39 -7.89
CA TRP C 36 13.15 0.52 -7.88
C TRP C 36 12.72 1.98 -7.96
N THR C 37 13.19 2.76 -7.00
CA THR C 37 12.86 4.17 -6.97
C THR C 37 13.36 4.86 -8.23
N THR C 38 14.49 4.40 -8.75
CA THR C 38 15.09 5.08 -9.88
C THR C 38 14.23 4.94 -11.11
N PHE C 39 13.56 3.80 -11.23
CA PHE C 39 12.65 3.61 -12.35
C PHE C 39 11.36 4.34 -12.10
N ILE C 40 10.90 4.34 -10.85
CA ILE C 40 9.67 5.02 -10.54
C ILE C 40 9.81 6.52 -10.80
N ASP C 41 11.00 7.06 -10.62
CA ASP C 41 11.19 8.50 -10.73
C ASP C 41 11.70 8.93 -12.11
N MET C 42 11.91 8.00 -13.02
CA MET C 42 12.52 8.34 -14.29
C MET C 42 11.49 8.86 -15.27
N GLN C 43 11.98 9.49 -16.33
CA GLN C 43 11.08 10.08 -17.30
C GLN C 43 10.27 8.99 -18.00
N TRP C 44 9.17 9.42 -18.60
CA TRP C 44 8.26 8.47 -19.23
C TRP C 44 8.83 7.94 -20.53
N ARG C 45 9.42 8.83 -21.34
CA ARG C 45 9.99 8.39 -22.60
C ARG C 45 10.96 7.23 -22.39
N TYR C 46 12.04 7.49 -21.67
CA TYR C 46 13.01 6.46 -21.38
C TYR C 46 12.37 5.26 -20.71
N LYS C 47 11.25 5.46 -20.03
CA LYS C 47 10.63 4.33 -19.35
C LYS C 47 9.96 3.41 -20.35
N LEU C 48 9.15 3.96 -21.24
CA LEU C 48 8.59 3.17 -22.32
C LEU C 48 9.69 2.47 -23.09
N LEU C 49 10.74 3.21 -23.39
CA LEU C 49 11.83 2.65 -24.17
C LEU C 49 12.40 1.44 -23.46
N LEU C 50 12.58 1.56 -22.15
CA LEU C 50 13.21 0.49 -21.38
C LEU C 50 12.28 -0.70 -21.26
N PHE C 51 10.98 -0.44 -21.18
CA PHE C 51 9.97 -1.48 -21.15
C PHE C 51 10.05 -2.34 -22.41
N SER C 52 9.85 -1.70 -23.55
CA SER C 52 9.87 -2.40 -24.82
C SER C 52 11.22 -3.05 -25.06
N ALA C 53 12.29 -2.37 -24.70
CA ALA C 53 13.62 -2.92 -24.90
C ALA C 53 13.82 -4.16 -24.06
N THR C 54 13.47 -4.11 -22.79
CA THR C 54 13.52 -5.33 -21.98
C THR C 54 12.88 -6.48 -22.72
N PHE C 55 11.61 -6.34 -23.07
CA PHE C 55 10.91 -7.45 -23.70
C PHE C 55 11.63 -7.91 -24.97
N ALA C 56 11.66 -7.04 -25.97
CA ALA C 56 12.09 -7.46 -27.30
C ALA C 56 13.58 -7.76 -27.33
N GLY C 57 14.36 -7.19 -26.42
CA GLY C 57 15.78 -7.43 -26.43
C GLY C 57 16.15 -8.71 -25.74
N THR C 58 15.43 -9.07 -24.68
CA THR C 58 15.55 -10.43 -24.19
C THR C 58 15.24 -11.41 -25.32
N TRP C 59 14.13 -11.15 -26.03
CA TRP C 59 13.80 -11.97 -27.18
C TRP C 59 14.98 -12.09 -28.13
N PHE C 60 15.54 -10.96 -28.54
CA PHE C 60 16.58 -10.91 -29.56
C PHE C 60 17.85 -11.62 -29.09
N LEU C 61 18.29 -11.35 -27.87
CA LEU C 61 19.47 -12.00 -27.35
C LEU C 61 19.30 -13.50 -27.34
N PHE C 62 18.18 -13.98 -26.80
CA PHE C 62 18.01 -15.41 -26.70
C PHE C 62 17.82 -16.03 -28.09
N GLY C 63 17.32 -15.26 -29.04
CA GLY C 63 17.26 -15.74 -30.41
C GLY C 63 18.64 -15.98 -30.98
N VAL C 64 19.54 -15.03 -30.81
CA VAL C 64 20.92 -15.25 -31.23
C VAL C 64 21.50 -16.47 -30.53
N VAL C 65 21.20 -16.62 -29.25
CA VAL C 65 21.73 -17.73 -28.48
C VAL C 65 21.26 -19.06 -29.05
N TRP C 66 19.96 -19.13 -29.34
CA TRP C 66 19.38 -20.33 -29.90
C TRP C 66 19.97 -20.65 -31.26
N TYR C 67 20.17 -19.61 -32.07
CA TYR C 67 20.84 -19.80 -33.36
C TYR C 67 22.21 -20.40 -33.18
N LEU C 68 22.96 -19.94 -32.19
CA LEU C 68 24.29 -20.49 -31.96
C LEU C 68 24.20 -21.95 -31.55
N VAL C 69 23.28 -22.28 -30.65
CA VAL C 69 23.09 -23.67 -30.26
C VAL C 69 22.79 -24.50 -31.50
N ALA C 70 21.97 -23.96 -32.39
CA ALA C 70 21.66 -24.68 -33.62
C ALA C 70 22.93 -24.95 -34.42
N VAL C 71 23.72 -23.91 -34.66
CA VAL C 71 24.96 -24.08 -35.41
C VAL C 71 25.81 -25.17 -34.78
N ALA C 72 26.16 -24.99 -33.51
CA ALA C 72 27.08 -25.91 -32.86
C ALA C 72 26.61 -27.35 -32.98
N HIS C 73 25.31 -27.56 -33.18
CA HIS C 73 24.75 -28.88 -33.39
C HIS C 73 24.46 -29.15 -34.87
N GLY C 74 24.81 -28.20 -35.75
CA GLY C 74 24.70 -28.42 -37.18
C GLY C 74 23.30 -28.53 -37.71
N ASP C 75 22.32 -27.95 -37.02
CA ASP C 75 20.93 -28.13 -37.40
C ASP C 75 20.60 -27.40 -38.68
N LEU C 76 21.47 -26.49 -39.10
CA LEU C 76 21.18 -25.69 -40.28
C LEU C 76 21.03 -26.57 -41.51
N LEU C 77 20.22 -26.11 -42.46
CA LEU C 77 19.87 -26.93 -43.62
C LEU C 77 21.06 -27.10 -44.56
N GLU C 78 21.64 -26.00 -45.04
CA GLU C 78 22.67 -26.14 -46.06
C GLU C 78 24.01 -26.55 -45.48
N LEU C 79 24.09 -26.79 -44.17
CA LEU C 79 25.10 -27.70 -43.69
C LEU C 79 24.81 -29.13 -44.13
N GLY C 80 23.66 -29.36 -44.74
CA GLY C 80 23.29 -30.63 -45.29
C GLY C 80 23.15 -31.70 -44.23
N PRO C 81 22.26 -31.48 -43.27
CA PRO C 81 22.07 -32.47 -42.22
C PRO C 81 21.54 -33.77 -42.79
N PRO C 82 22.10 -34.91 -42.40
CA PRO C 82 21.57 -36.18 -42.89
C PRO C 82 20.11 -36.37 -42.50
N ALA C 83 19.46 -37.31 -43.20
CA ALA C 83 18.10 -37.66 -42.83
C ALA C 83 18.05 -38.28 -41.43
N ASN C 84 19.22 -38.58 -40.85
CA ASN C 84 19.33 -39.18 -39.53
C ASN C 84 19.16 -38.14 -38.42
N HIS C 85 19.16 -36.86 -38.79
CA HIS C 85 19.59 -35.82 -37.87
C HIS C 85 18.41 -35.27 -37.07
N THR C 86 18.45 -35.47 -35.75
CA THR C 86 17.51 -34.83 -34.86
C THR C 86 18.10 -33.52 -34.36
N PRO C 87 17.49 -32.39 -34.63
CA PRO C 87 18.07 -31.11 -34.21
C PRO C 87 17.86 -30.86 -32.74
N CYS C 88 18.65 -29.92 -32.20
CA CYS C 88 18.42 -29.47 -30.84
C CYS C 88 17.03 -28.86 -30.72
N VAL C 89 16.55 -28.26 -31.79
CA VAL C 89 15.24 -27.65 -31.84
C VAL C 89 14.62 -27.97 -33.20
N VAL C 90 13.30 -28.03 -33.23
CA VAL C 90 12.61 -28.36 -34.46
C VAL C 90 12.36 -27.09 -35.25
N GLN C 91 12.56 -27.18 -36.56
CA GLN C 91 12.12 -26.16 -37.49
C GLN C 91 12.88 -24.85 -37.28
N VAL C 92 14.05 -24.95 -36.66
CA VAL C 92 14.91 -23.79 -36.54
C VAL C 92 16.15 -24.00 -37.39
N HIS C 93 16.21 -23.26 -38.49
CA HIS C 93 17.34 -23.29 -39.40
C HIS C 93 17.72 -21.92 -39.88
N THR C 94 17.15 -20.88 -39.27
CA THR C 94 17.47 -19.51 -39.57
C THR C 94 17.38 -18.69 -38.30
N LEU C 95 18.25 -17.69 -38.20
CA LEU C 95 18.21 -16.81 -37.05
C LEU C 95 16.83 -16.20 -36.91
N THR C 96 16.13 -16.03 -38.03
CA THR C 96 14.76 -15.52 -37.97
C THR C 96 13.88 -16.44 -37.13
N GLY C 97 13.84 -17.73 -37.49
CA GLY C 97 13.05 -18.64 -36.71
C GLY C 97 13.55 -18.76 -35.28
N ALA C 98 14.85 -18.57 -35.10
CA ALA C 98 15.38 -18.53 -33.75
C ALA C 98 14.69 -17.46 -32.93
N PHE C 99 14.73 -16.23 -33.42
CA PHE C 99 14.05 -15.13 -32.74
C PHE C 99 12.58 -15.46 -32.56
N LEU C 100 11.98 -16.10 -33.55
CA LEU C 100 10.56 -16.38 -33.47
C LEU C 100 10.27 -17.38 -32.36
N PHE C 101 11.21 -18.28 -32.09
CA PHE C 101 11.00 -19.27 -31.04
C PHE C 101 11.25 -18.65 -29.69
N SER C 102 12.28 -17.80 -29.61
CA SER C 102 12.47 -16.99 -28.42
C SER C 102 11.18 -16.32 -28.05
N LEU C 103 10.54 -15.69 -29.02
CA LEU C 103 9.31 -14.98 -28.78
C LEU C 103 8.19 -15.92 -28.35
N GLU C 104 8.01 -17.02 -29.09
CA GLU C 104 6.88 -17.91 -28.83
C GLU C 104 6.97 -18.54 -27.45
N SER C 105 8.19 -18.74 -26.94
CA SER C 105 8.34 -19.44 -25.68
C SER C 105 8.38 -18.48 -24.51
N GLN C 106 9.01 -17.32 -24.70
CA GLN C 106 9.19 -16.39 -23.62
C GLN C 106 7.90 -15.68 -23.27
N THR C 107 7.14 -15.24 -24.27
CA THR C 107 5.77 -14.82 -24.07
C THR C 107 4.88 -15.96 -23.71
N THR C 108 5.27 -17.18 -24.06
CA THR C 108 4.42 -18.33 -23.88
C THR C 108 3.24 -18.27 -24.83
N ILE C 109 3.49 -17.83 -26.07
CA ILE C 109 2.49 -17.96 -27.13
C ILE C 109 2.47 -19.40 -27.64
N GLY C 110 3.64 -20.02 -27.77
CA GLY C 110 3.74 -21.45 -28.06
C GLY C 110 2.81 -21.99 -29.12
N TYR C 111 2.99 -21.55 -30.37
CA TYR C 111 2.19 -22.08 -31.46
C TYR C 111 2.33 -23.59 -31.58
N GLY C 112 3.54 -24.07 -31.88
CA GLY C 112 3.83 -25.48 -31.93
C GLY C 112 4.49 -25.93 -33.21
N PHE C 113 4.76 -25.01 -34.13
CA PHE C 113 5.46 -25.34 -35.35
C PHE C 113 6.96 -25.44 -35.10
N ARG C 114 7.41 -24.80 -34.04
CA ARG C 114 8.76 -24.96 -33.52
C ARG C 114 8.63 -25.34 -32.06
N TYR C 115 9.17 -26.49 -31.71
CA TYR C 115 9.21 -26.93 -30.32
C TYR C 115 10.57 -27.52 -30.03
N ILE C 116 10.82 -27.78 -28.75
CA ILE C 116 12.08 -28.37 -28.35
C ILE C 116 11.99 -29.88 -28.53
N SER C 117 13.13 -30.52 -28.77
CA SER C 117 13.20 -31.96 -28.82
C SER C 117 14.05 -32.51 -27.67
N GLU C 118 13.78 -33.75 -27.32
CA GLU C 118 14.44 -34.40 -26.19
C GLU C 118 15.92 -34.60 -26.39
N GLU C 119 16.48 -34.19 -27.54
CA GLU C 119 17.84 -34.60 -27.88
C GLU C 119 18.87 -33.84 -27.06
N CYS C 120 18.76 -32.52 -27.03
CA CYS C 120 19.81 -31.67 -26.49
C CYS C 120 19.46 -31.21 -25.09
N PRO C 121 20.22 -31.61 -24.05
CA PRO C 121 19.89 -31.14 -22.70
C PRO C 121 20.25 -29.69 -22.45
N LEU C 122 21.40 -29.25 -22.98
CA LEU C 122 21.79 -27.86 -22.86
C LEU C 122 20.67 -26.94 -23.36
N ALA C 123 20.02 -27.31 -24.46
CA ALA C 123 18.84 -26.59 -24.90
C ALA C 123 17.83 -26.45 -23.77
N ILE C 124 17.58 -27.53 -23.04
CA ILE C 124 16.59 -27.52 -21.97
C ILE C 124 16.97 -26.53 -20.90
N VAL C 125 18.18 -26.65 -20.35
CA VAL C 125 18.58 -25.72 -19.30
C VAL C 125 18.54 -24.29 -19.81
N LEU C 126 18.97 -24.10 -21.05
CA LEU C 126 18.96 -22.76 -21.63
C LEU C 126 17.56 -22.19 -21.62
N LEU C 127 16.57 -23.00 -21.98
CA LEU C 127 15.19 -22.54 -21.97
C LEU C 127 14.75 -22.20 -20.56
N ILE C 128 15.10 -23.05 -19.59
CA ILE C 128 14.67 -22.79 -18.22
C ILE C 128 15.25 -21.46 -17.75
N ALA C 129 16.50 -21.19 -18.11
CA ALA C 129 17.13 -19.94 -17.69
C ALA C 129 16.44 -18.77 -18.34
N GLN C 130 16.27 -18.82 -19.65
CA GLN C 130 15.54 -17.77 -20.33
C GLN C 130 14.23 -17.48 -19.61
N LEU C 131 13.50 -18.54 -19.26
CA LEU C 131 12.18 -18.36 -18.70
C LEU C 131 12.26 -17.66 -17.35
N VAL C 132 13.10 -18.18 -16.48
CA VAL C 132 13.19 -17.65 -15.12
C VAL C 132 13.62 -16.19 -15.14
N LEU C 133 14.71 -15.88 -15.83
CA LEU C 133 15.18 -14.51 -15.90
C LEU C 133 14.12 -13.57 -16.47
N THR C 134 13.54 -13.93 -17.62
CA THR C 134 12.59 -13.03 -18.25
C THR C 134 11.35 -12.86 -17.39
N THR C 135 10.98 -13.91 -16.64
CA THR C 135 9.92 -13.79 -15.67
C THR C 135 10.23 -12.70 -14.65
N ILE C 136 11.41 -12.78 -14.06
CA ILE C 136 11.89 -11.76 -13.14
C ILE C 136 11.72 -10.37 -13.72
N LEU C 137 12.33 -10.14 -14.88
CA LEU C 137 12.36 -8.79 -15.45
C LEU C 137 10.96 -8.29 -15.77
N GLU C 138 10.15 -9.12 -16.42
CA GLU C 138 8.75 -8.77 -16.63
C GLU C 138 8.12 -8.26 -15.34
N ILE C 139 8.27 -9.04 -14.27
CA ILE C 139 7.66 -8.67 -13.00
C ILE C 139 8.12 -7.29 -12.57
N PHE C 140 9.43 -7.09 -12.53
CA PHE C 140 9.97 -5.84 -12.03
C PHE C 140 9.41 -4.67 -12.81
N ILE C 141 9.48 -4.73 -14.14
CA ILE C 141 9.10 -3.60 -14.94
C ILE C 141 7.62 -3.30 -14.78
N THR C 142 6.79 -4.35 -14.75
CA THR C 142 5.37 -4.12 -14.62
C THR C 142 5.05 -3.49 -13.28
N GLY C 143 5.78 -3.89 -12.23
CA GLY C 143 5.55 -3.29 -10.93
C GLY C 143 5.89 -1.82 -10.91
N THR C 144 7.04 -1.47 -11.47
CA THR C 144 7.42 -0.07 -11.50
C THR C 144 6.42 0.74 -12.31
N PHE C 145 5.95 0.19 -13.42
CA PHE C 145 4.96 0.88 -14.23
C PHE C 145 3.66 1.11 -13.48
N LEU C 146 3.15 0.06 -12.83
CA LEU C 146 1.98 0.21 -11.97
C LEU C 146 2.16 1.35 -10.99
N ALA C 147 3.23 1.31 -10.21
CA ALA C 147 3.43 2.31 -9.17
C ALA C 147 3.55 3.70 -9.76
N LYS C 148 4.28 3.83 -10.87
CA LYS C 148 4.52 5.14 -11.45
C LYS C 148 3.23 5.76 -11.98
N ILE C 149 2.30 4.94 -12.46
CA ILE C 149 0.97 5.48 -12.69
C ILE C 149 0.34 5.89 -11.38
N ALA C 150 0.41 5.01 -10.37
CA ALA C 150 -0.42 5.17 -9.19
C ALA C 150 -0.11 6.44 -8.43
N ARG C 151 1.09 7.00 -8.62
CA ARG C 151 1.51 8.15 -7.83
C ARG C 151 0.39 9.18 -7.76
N PRO C 152 0.24 9.88 -6.63
CA PRO C 152 -0.85 10.86 -6.48
C PRO C 152 -0.45 12.29 -6.78
N LYS C 153 0.81 12.57 -7.11
CA LYS C 153 1.13 13.90 -7.60
C LYS C 153 0.12 14.37 -8.63
N LYS C 154 -0.02 13.62 -9.72
CA LYS C 154 -0.94 14.00 -10.77
C LYS C 154 -2.33 14.29 -10.21
N ARG C 155 -2.76 13.50 -9.23
CA ARG C 155 -4.02 13.78 -8.56
C ARG C 155 -4.06 15.20 -8.03
N ALA C 156 -2.93 15.70 -7.54
CA ALA C 156 -2.90 17.00 -6.88
C ALA C 156 -3.49 18.09 -7.75
N GLU C 157 -3.44 17.92 -9.07
CA GLU C 157 -3.84 19.01 -9.96
C GLU C 157 -5.33 19.27 -9.86
N THR C 158 -6.10 18.31 -9.35
CA THR C 158 -7.53 18.47 -9.25
C THR C 158 -7.93 19.13 -7.94
N ILE C 159 -6.95 19.62 -7.20
CA ILE C 159 -7.17 20.54 -6.09
C ILE C 159 -6.48 21.83 -6.46
N ARG C 160 -7.15 22.95 -6.21
CA ARG C 160 -6.66 24.23 -6.67
C ARG C 160 -6.74 25.27 -5.56
N PHE C 161 -5.64 25.96 -5.37
CA PHE C 161 -5.58 27.17 -4.56
C PHE C 161 -6.11 28.36 -5.35
N SER C 162 -6.47 29.41 -4.63
CA SER C 162 -6.73 30.68 -5.29
C SER C 162 -5.47 31.17 -5.98
N GLN C 163 -5.67 32.02 -7.00
CA GLN C 163 -4.53 32.66 -7.65
C GLN C 163 -3.96 33.77 -6.77
N HIS C 164 -4.81 34.41 -5.99
CA HIS C 164 -4.43 35.59 -5.22
C HIS C 164 -4.77 35.43 -3.75
N ALA C 165 -3.84 35.88 -2.91
CA ALA C 165 -4.06 36.04 -1.49
C ALA C 165 -4.47 37.47 -1.21
N VAL C 166 -5.42 37.64 -0.29
CA VAL C 166 -6.04 38.94 -0.08
C VAL C 166 -6.16 39.21 1.41
N VAL C 167 -5.96 40.47 1.80
CA VAL C 167 -5.89 40.86 3.20
C VAL C 167 -7.08 41.72 3.52
N ALA C 168 -7.75 41.43 4.64
CA ALA C 168 -8.88 42.26 5.04
C ALA C 168 -9.33 41.90 6.44
N TYR C 169 -10.36 42.61 6.91
CA TYR C 169 -10.86 42.42 8.26
C TYR C 169 -11.93 41.34 8.27
N HIS C 170 -11.58 40.19 8.83
CA HIS C 170 -12.51 39.10 9.04
C HIS C 170 -12.81 39.01 10.53
N ASN C 171 -14.07 39.13 10.87
CA ASN C 171 -14.49 39.16 12.27
C ASN C 171 -13.76 40.25 13.03
N GLY C 172 -13.36 41.30 12.31
CA GLY C 172 -12.68 42.43 12.90
C GLY C 172 -11.19 42.28 13.01
N LYS C 173 -10.65 41.09 12.79
CA LYS C 173 -9.23 40.83 12.87
C LYS C 173 -8.63 40.90 11.48
N LEU C 174 -7.47 41.53 11.37
CA LEU C 174 -6.78 41.54 10.10
C LEU C 174 -6.32 40.13 9.77
N CYS C 175 -6.74 39.63 8.62
CA CYS C 175 -6.44 38.26 8.23
C CYS C 175 -6.01 38.25 6.77
N LEU C 176 -4.96 37.47 6.51
CA LEU C 176 -4.58 37.12 5.14
C LEU C 176 -5.37 35.88 4.75
N MET C 177 -5.98 35.90 3.58
CA MET C 177 -6.96 34.91 3.19
C MET C 177 -6.62 34.33 1.84
N ILE C 178 -6.79 33.02 1.76
CA ILE C 178 -6.65 32.24 0.53
C ILE C 178 -7.86 31.34 0.42
N ARG C 179 -8.04 30.75 -0.75
CA ARG C 179 -9.16 29.86 -0.99
C ARG C 179 -8.68 28.59 -1.66
N VAL C 180 -9.24 27.46 -1.24
CA VAL C 180 -8.89 26.15 -1.77
C VAL C 180 -10.16 25.48 -2.27
N ALA C 181 -9.99 24.51 -3.16
CA ALA C 181 -11.13 23.74 -3.65
C ALA C 181 -10.66 22.47 -4.32
N ASN C 182 -11.62 21.58 -4.57
CA ASN C 182 -11.39 20.26 -5.14
C ASN C 182 -12.23 20.12 -6.38
N MET C 183 -11.59 19.81 -7.51
CA MET C 183 -12.30 19.71 -8.78
C MET C 183 -12.81 18.31 -9.07
N ARG C 184 -13.02 17.47 -8.06
CA ARG C 184 -13.51 16.11 -8.26
C ARG C 184 -14.42 15.68 -7.12
N LYS C 185 -15.21 14.63 -7.39
CA LYS C 185 -16.16 14.14 -6.41
C LYS C 185 -15.49 13.29 -5.36
N SER C 186 -14.43 12.59 -5.73
CA SER C 186 -13.64 11.85 -4.76
C SER C 186 -13.16 12.80 -3.67
N LEU C 187 -13.03 12.28 -2.46
CA LEU C 187 -12.74 13.14 -1.34
C LEU C 187 -11.27 13.08 -0.94
N LEU C 188 -10.82 14.19 -0.36
CA LEU C 188 -9.59 14.26 0.39
C LEU C 188 -9.98 14.27 1.85
N ILE C 189 -9.13 13.71 2.71
CA ILE C 189 -9.46 13.55 4.11
C ILE C 189 -8.22 13.80 4.97
N GLY C 190 -8.45 14.27 6.19
CA GLY C 190 -7.36 14.58 7.09
C GLY C 190 -6.49 15.69 6.59
N CYS C 191 -7.01 16.53 5.69
CA CYS C 191 -6.22 17.59 5.10
C CYS C 191 -5.81 18.59 6.17
N GLN C 192 -4.63 19.16 5.99
CA GLN C 192 -4.13 20.22 6.86
C GLN C 192 -3.32 21.21 6.04
N VAL C 193 -3.62 22.48 6.26
CA VAL C 193 -2.95 23.59 5.59
C VAL C 193 -1.87 24.11 6.52
N THR C 194 -0.68 24.27 5.97
CA THR C 194 0.41 24.88 6.72
C THR C 194 1.26 25.69 5.75
N GLY C 195 1.45 26.97 6.07
CA GLY C 195 2.28 27.83 5.27
C GLY C 195 3.63 27.98 5.94
N LYS C 196 4.63 28.21 5.13
CA LYS C 196 5.92 28.66 5.63
C LYS C 196 6.21 30.00 4.99
N LEU C 197 7.02 30.79 5.67
CA LEU C 197 7.42 32.11 5.21
C LEU C 197 8.92 32.07 5.00
N LEU C 198 9.35 32.49 3.80
CA LEU C 198 10.72 32.33 3.34
C LEU C 198 11.22 33.65 2.76
N GLN C 199 12.16 34.28 3.46
CA GLN C 199 12.76 35.50 2.93
C GLN C 199 14.24 35.32 2.65
N THR C 200 14.87 36.44 2.32
CA THR C 200 16.16 36.48 1.67
C THR C 200 17.21 37.05 2.62
N HIS C 201 18.26 36.28 2.86
CA HIS C 201 19.38 36.69 3.70
C HIS C 201 20.65 36.66 2.88
N GLN C 202 21.17 37.82 2.53
CA GLN C 202 22.41 37.91 1.75
C GLN C 202 23.57 38.12 2.70
N THR C 203 24.74 37.61 2.30
CA THR C 203 25.97 37.71 3.07
C THR C 203 26.95 38.59 2.32
N LYS C 204 28.19 38.60 2.81
CA LYS C 204 29.40 39.08 2.12
C LYS C 204 29.19 38.96 0.62
N GLU C 205 28.75 37.80 0.12
CA GLU C 205 28.98 37.41 -1.25
C GLU C 205 27.63 37.01 -1.86
N GLY C 206 27.59 36.89 -3.19
CA GLY C 206 26.49 36.18 -3.80
C GLY C 206 26.80 34.71 -3.83
N GLU C 207 27.57 34.24 -2.86
CA GLU C 207 28.08 32.88 -2.84
C GLU C 207 27.14 31.93 -2.15
N ASN C 208 26.34 32.41 -1.22
CA ASN C 208 25.56 31.52 -0.37
C ASN C 208 24.38 32.30 0.18
N ILE C 209 23.39 31.56 0.68
CA ILE C 209 22.21 32.16 1.29
C ILE C 209 21.70 31.22 2.37
N ARG C 210 21.36 31.79 3.51
CA ARG C 210 20.64 31.07 4.54
C ARG C 210 19.17 31.44 4.44
N LEU C 211 18.32 30.44 4.28
CA LEU C 211 16.90 30.64 4.25
C LEU C 211 16.34 30.35 5.62
N ASN C 212 15.72 31.37 6.22
CA ASN C 212 15.08 31.24 7.51
C ASN C 212 13.60 30.96 7.27
N GLN C 213 13.16 29.78 7.67
CA GLN C 213 11.75 29.39 7.58
C GLN C 213 11.04 30.00 8.78
N VAL C 214 9.77 30.34 8.61
CA VAL C 214 8.90 30.63 9.75
C VAL C 214 7.54 30.00 9.49
N ASN C 215 7.10 29.16 10.42
CA ASN C 215 5.76 28.60 10.29
C ASN C 215 4.73 29.71 10.28
N VAL C 216 3.71 29.53 9.46
CA VAL C 216 2.47 30.28 9.55
C VAL C 216 1.35 29.26 9.54
N THR C 217 0.48 29.35 10.53
CA THR C 217 -0.64 28.46 10.63
C THR C 217 -1.87 29.14 10.04
N PHE C 218 -2.75 28.34 9.47
CA PHE C 218 -3.95 28.85 8.81
C PHE C 218 -5.15 28.13 9.40
N GLN C 219 -6.19 28.91 9.66
CA GLN C 219 -7.33 28.44 10.40
C GLN C 219 -8.60 28.62 9.60
N VAL C 220 -9.62 27.88 10.00
CA VAL C 220 -10.90 27.87 9.30
C VAL C 220 -12.00 28.16 10.30
N ASP C 221 -12.16 27.26 11.27
CA ASP C 221 -13.15 27.39 12.33
C ASP C 221 -12.50 27.44 13.71
N THR C 222 -11.75 26.41 14.04
CA THR C 222 -11.10 26.28 15.34
C THR C 222 -9.58 26.25 15.18
N ALA C 223 -9.10 26.37 13.95
CA ALA C 223 -7.67 26.34 13.67
C ALA C 223 -7.09 24.96 13.95
N SER C 224 -7.82 23.91 13.56
CA SER C 224 -7.43 22.56 13.93
C SER C 224 -7.03 21.72 12.72
N ASP C 225 -8.02 21.48 11.88
CA ASP C 225 -7.89 20.80 10.59
C ASP C 225 -9.32 20.64 10.10
N SER C 226 -9.50 20.25 8.85
CA SER C 226 -10.84 20.04 8.37
C SER C 226 -10.99 18.63 7.81
N PRO C 227 -11.83 17.79 8.41
CA PRO C 227 -11.87 16.37 8.01
C PRO C 227 -12.03 16.16 6.52
N PHE C 228 -12.92 16.90 5.89
CA PHE C 228 -13.25 16.69 4.49
C PHE C 228 -13.30 18.04 3.79
N LEU C 229 -12.78 18.05 2.57
CA LEU C 229 -12.77 19.25 1.75
C LEU C 229 -13.97 19.21 0.81
N ILE C 230 -15.14 19.35 1.41
CA ILE C 230 -16.39 19.24 0.66
C ILE C 230 -16.53 20.38 -0.33
N LEU C 231 -16.34 21.61 0.13
CA LEU C 231 -16.64 22.78 -0.67
C LEU C 231 -15.46 23.72 -0.62
N PRO C 232 -15.37 24.69 -1.54
CA PRO C 232 -14.25 25.63 -1.51
C PRO C 232 -14.06 26.25 -0.14
N LEU C 233 -12.93 25.97 0.49
CA LEU C 233 -12.67 26.35 1.86
C LEU C 233 -11.82 27.61 1.90
N THR C 234 -12.26 28.55 2.73
CA THR C 234 -11.59 29.81 2.95
C THR C 234 -10.64 29.67 4.12
N PHE C 235 -9.34 29.71 3.85
CA PHE C 235 -8.35 29.63 4.89
C PHE C 235 -7.79 31.01 5.19
N TYR C 236 -7.77 31.37 6.47
CA TYR C 236 -7.36 32.70 6.88
C TYR C 236 -6.36 32.60 8.01
N HIS C 237 -5.45 33.57 8.04
CA HIS C 237 -4.40 33.65 9.04
C HIS C 237 -4.45 34.99 9.74
N VAL C 238 -4.29 34.96 11.06
CA VAL C 238 -4.44 36.13 11.90
C VAL C 238 -3.21 37.01 11.80
N VAL C 239 -3.36 38.20 11.28
CA VAL C 239 -2.27 39.19 11.27
C VAL C 239 -2.47 40.06 12.52
N ASP C 240 -1.98 39.55 13.64
CA ASP C 240 -1.71 40.36 14.81
C ASP C 240 -0.24 40.16 15.20
N GLU C 241 0.14 40.68 16.35
CA GLU C 241 1.56 40.78 16.66
C GLU C 241 2.21 39.43 16.89
N THR C 242 1.42 38.38 17.03
CA THR C 242 1.92 37.02 16.90
C THR C 242 2.36 36.70 15.48
N SER C 243 2.04 37.56 14.53
CA SER C 243 2.24 37.21 13.14
C SER C 243 3.68 37.47 12.74
N PRO C 244 4.38 36.51 12.13
CA PRO C 244 5.64 36.83 11.48
C PRO C 244 5.47 37.81 10.33
N LEU C 245 4.25 38.00 9.85
CA LEU C 245 3.95 38.94 8.78
C LEU C 245 3.76 40.36 9.30
N LYS C 246 3.67 40.53 10.62
CA LYS C 246 3.04 41.73 11.16
C LYS C 246 3.57 42.99 10.53
N ASP C 247 4.84 43.29 10.73
CA ASP C 247 5.40 44.53 10.23
C ASP C 247 6.20 44.33 8.96
N LEU C 248 5.93 43.28 8.21
CA LEU C 248 6.33 43.26 6.82
C LEU C 248 5.92 44.57 6.18
N PRO C 249 6.52 44.95 5.08
CA PRO C 249 5.96 46.08 4.35
C PRO C 249 4.63 45.63 3.79
N LEU C 250 3.58 46.00 4.47
CA LEU C 250 2.24 45.52 4.22
C LEU C 250 1.64 46.12 3.00
N ARG C 251 2.39 47.02 2.38
CA ARG C 251 1.90 47.80 1.27
C ARG C 251 2.02 47.04 -0.04
N SER C 252 1.56 47.67 -1.11
CA SER C 252 1.67 47.15 -2.47
C SER C 252 3.08 46.65 -2.78
N GLY C 253 3.19 45.36 -3.08
CA GLY C 253 4.25 44.84 -3.89
C GLY C 253 5.59 44.62 -3.22
N GLU C 254 6.04 45.51 -2.35
CA GLU C 254 7.41 45.47 -1.87
C GLU C 254 7.53 44.58 -0.65
N GLY C 255 8.74 44.13 -0.40
CA GLY C 255 9.05 43.01 0.46
C GLY C 255 9.68 41.91 -0.35
N ASP C 256 10.66 41.23 0.24
CA ASP C 256 11.42 40.19 -0.45
C ASP C 256 11.13 38.88 0.26
N PHE C 257 10.03 38.23 -0.12
CA PHE C 257 9.60 37.04 0.57
C PHE C 257 8.84 36.12 -0.36
N GLU C 258 8.48 34.96 0.19
CA GLU C 258 7.57 34.04 -0.45
C GLU C 258 6.77 33.34 0.63
N LEU C 259 5.45 33.33 0.45
CA LEU C 259 4.55 32.60 1.34
C LEU C 259 4.24 31.27 0.66
N VAL C 260 4.97 30.25 1.10
CA VAL C 260 4.75 28.91 0.60
C VAL C 260 3.55 28.30 1.31
N LEU C 261 2.64 27.73 0.53
CA LEU C 261 1.43 27.11 1.08
C LEU C 261 1.38 25.65 0.73
N ILE C 262 1.06 24.84 1.74
CA ILE C 262 1.12 23.39 1.69
C ILE C 262 -0.18 22.85 2.22
N LEU C 263 -0.71 21.84 1.55
CA LEU C 263 -1.93 21.17 1.97
C LEU C 263 -1.71 19.67 1.88
N SER C 264 -1.67 19.01 3.03
CA SER C 264 -1.34 17.60 3.10
C SER C 264 -2.50 16.81 3.69
N GLY C 265 -2.87 15.74 3.02
CA GLY C 265 -3.95 14.91 3.54
C GLY C 265 -4.12 13.65 2.75
N THR C 266 -4.80 12.69 3.36
CA THR C 266 -5.00 11.36 2.81
C THR C 266 -6.08 11.38 1.72
N VAL C 267 -5.92 10.53 0.72
CA VAL C 267 -6.95 10.35 -0.32
C VAL C 267 -7.87 9.21 0.07
N GLU C 268 -9.11 9.27 -0.40
CA GLU C 268 -10.15 8.33 0.03
C GLU C 268 -9.96 6.96 -0.59
N SER C 269 -9.80 6.92 -1.91
CA SER C 269 -9.89 5.68 -2.64
C SER C 269 -8.58 4.92 -2.69
N THR C 270 -7.49 5.46 -2.13
CA THR C 270 -6.19 4.82 -2.23
C THR C 270 -5.40 4.80 -0.94
N SER C 271 -5.81 5.57 0.07
CA SER C 271 -5.09 5.66 1.34
C SER C 271 -3.73 6.31 1.18
N ALA C 272 -3.50 6.98 0.06
CA ALA C 272 -2.25 7.68 -0.16
C ALA C 272 -2.31 9.07 0.43
N THR C 273 -1.17 9.55 0.90
CA THR C 273 -1.07 10.94 1.31
C THR C 273 -0.76 11.80 0.10
N CYS C 274 -1.49 12.90 -0.01
CA CYS C 274 -1.50 13.76 -1.18
C CYS C 274 -1.17 15.16 -0.70
N GLN C 275 -0.27 15.82 -1.41
CA GLN C 275 0.28 17.10 -1.00
C GLN C 275 0.19 18.08 -2.17
N VAL C 276 -0.57 19.14 -1.94
CA VAL C 276 -0.60 20.25 -2.89
C VAL C 276 0.29 21.35 -2.36
N ARG C 277 0.92 22.07 -3.28
CA ARG C 277 1.77 23.20 -2.91
C ARG C 277 1.53 24.34 -3.89
N THR C 278 1.71 25.55 -3.40
CA THR C 278 1.88 26.71 -4.25
C THR C 278 2.51 27.81 -3.42
N SER C 279 2.56 29.00 -3.97
CA SER C 279 3.24 30.10 -3.32
C SER C 279 2.57 31.42 -3.62
N TYR C 280 2.96 32.41 -2.83
CA TYR C 280 2.52 33.78 -3.02
C TYR C 280 3.71 34.70 -2.91
N LEU C 281 3.84 35.60 -3.88
CA LEU C 281 4.90 36.59 -3.90
C LEU C 281 4.41 37.86 -3.24
N PRO C 282 5.34 38.73 -2.84
CA PRO C 282 4.91 40.01 -2.25
C PRO C 282 4.03 40.80 -3.17
N GLU C 283 4.19 40.61 -4.47
CA GLU C 283 3.38 41.34 -5.44
C GLU C 283 2.02 40.68 -5.64
N GLU C 284 1.94 39.37 -5.40
CA GLU C 284 0.69 38.66 -5.69
C GLU C 284 -0.36 38.95 -4.63
N ILE C 285 0.04 39.50 -3.48
CA ILE C 285 -0.90 39.69 -2.39
C ILE C 285 -1.65 40.99 -2.59
N LEU C 286 -2.93 40.97 -2.26
CA LEU C 286 -3.82 42.10 -2.47
C LEU C 286 -4.35 42.61 -1.15
N TRP C 287 -4.61 43.91 -1.12
CA TRP C 287 -4.99 44.60 0.10
C TRP C 287 -6.47 44.94 0.04
N GLY C 288 -7.18 44.68 1.13
CA GLY C 288 -8.59 45.02 1.21
C GLY C 288 -9.41 44.47 0.06
N TYR C 289 -9.59 43.15 0.02
CA TYR C 289 -10.38 42.50 -1.01
C TYR C 289 -11.14 41.32 -0.42
N GLU C 290 -12.20 40.90 -1.12
CA GLU C 290 -13.17 39.95 -0.62
C GLU C 290 -13.46 38.95 -1.73
N PHE C 291 -13.11 37.69 -1.49
CA PHE C 291 -13.53 36.63 -2.40
C PHE C 291 -15.04 36.62 -2.49
N THR C 292 -15.56 36.76 -3.70
CA THR C 292 -16.98 36.58 -3.88
C THR C 292 -17.35 35.18 -3.40
N PRO C 293 -18.33 35.04 -2.52
CA PRO C 293 -18.67 33.69 -2.05
C PRO C 293 -19.08 32.82 -3.23
N ALA C 294 -18.54 31.62 -3.27
CA ALA C 294 -18.62 30.77 -4.44
C ALA C 294 -19.63 29.65 -4.32
N ILE C 295 -20.39 29.58 -3.23
CA ILE C 295 -21.34 28.51 -3.00
C ILE C 295 -22.74 29.09 -3.03
N SER C 296 -23.62 28.42 -3.75
CA SER C 296 -25.03 28.79 -3.80
C SER C 296 -25.87 27.54 -3.75
N LEU C 297 -27.11 27.71 -3.30
CA LEU C 297 -28.01 26.59 -3.18
C LEU C 297 -29.00 26.59 -4.33
N SER C 298 -29.63 25.43 -4.56
CA SER C 298 -30.43 25.19 -5.74
C SER C 298 -31.76 24.56 -5.35
N ALA C 299 -32.69 24.58 -6.30
CA ALA C 299 -34.03 24.08 -6.03
C ALA C 299 -34.01 22.62 -5.61
N SER C 300 -33.18 21.81 -6.27
CA SER C 300 -33.18 20.38 -5.97
C SER C 300 -32.74 20.11 -4.54
N GLY C 301 -31.99 21.04 -3.95
CA GLY C 301 -31.93 21.15 -2.52
C GLY C 301 -30.57 21.22 -1.85
N LYS C 302 -29.47 20.97 -2.57
CA LYS C 302 -28.16 20.91 -1.94
C LYS C 302 -27.18 21.82 -2.69
N TYR C 303 -25.95 21.91 -2.17
CA TYR C 303 -25.12 23.08 -2.43
C TYR C 303 -24.33 22.91 -3.73
N VAL C 304 -24.11 24.03 -4.41
CA VAL C 304 -23.44 24.06 -5.70
C VAL C 304 -22.18 24.89 -5.55
N ALA C 305 -21.08 24.35 -6.05
CA ALA C 305 -19.80 25.04 -6.05
C ALA C 305 -19.48 25.51 -7.48
N ASP C 306 -19.71 26.78 -7.76
CA ASP C 306 -19.56 27.34 -9.10
C ASP C 306 -18.19 27.98 -9.23
N PHE C 307 -17.29 27.30 -9.93
CA PHE C 307 -15.89 27.70 -9.98
C PHE C 307 -15.60 28.85 -10.93
N SER C 308 -16.62 29.54 -11.42
CA SER C 308 -16.36 30.77 -12.17
C SER C 308 -16.05 31.91 -11.22
N LEU C 309 -16.55 31.83 -10.00
CA LEU C 309 -16.37 32.84 -8.97
C LEU C 309 -15.22 32.52 -8.04
N PHE C 310 -14.73 31.28 -8.09
CA PHE C 310 -13.68 30.81 -7.19
C PHE C 310 -12.57 31.85 -7.03
N ASP C 311 -12.03 32.32 -8.15
CA ASP C 311 -10.93 33.28 -8.13
C ASP C 311 -11.39 34.71 -8.24
N GLN C 312 -12.69 34.96 -8.27
CA GLN C 312 -13.20 36.32 -8.35
C GLN C 312 -13.08 37.03 -7.01
N VAL C 313 -12.80 38.32 -7.06
CA VAL C 313 -12.73 39.16 -5.88
C VAL C 313 -13.44 40.48 -6.17
N VAL C 314 -13.88 41.15 -5.11
CA VAL C 314 -14.29 42.54 -5.20
C VAL C 314 -13.87 43.25 -3.93
N LYS C 315 -13.85 44.57 -4.00
CA LYS C 315 -13.30 45.39 -2.94
C LYS C 315 -14.26 45.51 -1.77
N VAL C 316 -13.70 45.59 -0.57
CA VAL C 316 -14.51 45.81 0.63
C VAL C 316 -14.66 47.31 0.87
N ARG D 7 -35.21 17.16 4.68
CA ARG D 7 -34.60 18.47 4.68
C ARG D 7 -33.28 18.47 3.93
N ARG D 8 -32.80 19.68 3.64
CA ARG D 8 -31.46 19.85 3.13
C ARG D 8 -30.46 19.44 4.20
N ARG D 9 -29.41 18.75 3.78
CA ARG D 9 -28.41 18.30 4.74
C ARG D 9 -27.04 18.28 4.09
N VAL D 10 -26.01 18.33 4.94
CA VAL D 10 -24.63 18.26 4.49
C VAL D 10 -24.29 16.85 4.04
N LEU D 11 -24.37 15.89 4.96
CA LEU D 11 -23.96 14.53 4.69
C LEU D 11 -25.18 13.63 4.83
N THR D 12 -25.37 12.78 3.84
CA THR D 12 -26.45 11.81 3.92
C THR D 12 -26.29 10.96 5.17
N LYS D 13 -27.41 10.55 5.74
CA LYS D 13 -27.45 9.86 7.01
C LYS D 13 -26.44 8.71 7.07
N ASP D 14 -26.16 8.09 5.94
CA ASP D 14 -25.17 7.03 5.90
C ASP D 14 -23.74 7.55 5.76
N GLY D 15 -23.59 8.76 5.23
CA GLY D 15 -22.30 9.40 5.15
C GLY D 15 -21.80 9.65 3.75
N ARG D 16 -22.69 9.79 2.78
CA ARG D 16 -22.28 10.05 1.41
C ARG D 16 -22.25 11.55 1.18
N SER D 17 -21.38 11.97 0.26
CA SER D 17 -21.30 13.37 -0.05
C SER D 17 -22.63 13.88 -0.57
N ASN D 18 -22.93 15.12 -0.23
CA ASN D 18 -24.17 15.73 -0.65
C ASN D 18 -23.92 17.10 -1.27
N VAL D 19 -22.95 17.20 -2.16
CA VAL D 19 -22.68 18.41 -2.92
C VAL D 19 -22.56 18.02 -4.38
N ARG D 20 -22.76 18.99 -5.26
CA ARG D 20 -22.35 18.88 -6.65
C ARG D 20 -21.47 20.06 -6.96
N MET D 21 -20.59 19.86 -7.93
CA MET D 21 -19.73 20.93 -8.40
C MET D 21 -20.15 21.28 -9.82
N GLU D 22 -19.98 22.55 -10.18
CA GLU D 22 -20.47 23.04 -11.45
C GLU D 22 -19.49 24.04 -12.05
N HIS D 23 -19.48 24.07 -13.38
CA HIS D 23 -18.74 25.08 -14.13
C HIS D 23 -17.24 24.99 -13.85
N ILE D 24 -16.74 23.76 -13.76
CA ILE D 24 -15.30 23.53 -13.75
C ILE D 24 -14.79 23.73 -15.16
N ALA D 25 -13.86 24.66 -15.34
CA ALA D 25 -13.24 24.84 -16.64
C ALA D 25 -12.09 23.86 -16.81
N ASP D 26 -12.01 23.25 -17.99
CA ASP D 26 -10.90 22.36 -18.33
C ASP D 26 -10.96 21.09 -17.48
N LYS D 27 -12.15 20.51 -17.36
CA LYS D 27 -12.31 19.27 -16.63
C LYS D 27 -11.75 18.09 -17.41
N ARG D 28 -12.04 18.05 -18.72
CA ARG D 28 -11.72 16.88 -19.52
C ARG D 28 -10.22 16.65 -19.60
N PHE D 29 -9.48 17.66 -20.03
CA PHE D 29 -8.03 17.55 -20.07
C PHE D 29 -7.48 17.11 -18.71
N LEU D 30 -8.02 17.68 -17.64
CA LEU D 30 -7.51 17.37 -16.32
C LEU D 30 -7.75 15.91 -15.98
N TYR D 31 -8.85 15.35 -16.45
CA TYR D 31 -9.10 13.93 -16.23
C TYR D 31 -8.19 13.08 -17.09
N LEU D 32 -7.86 13.58 -18.29
CA LEU D 32 -6.99 12.82 -19.17
C LEU D 32 -5.57 12.76 -18.63
N LYS D 33 -5.11 13.83 -17.98
CA LYS D 33 -3.81 13.75 -17.31
C LYS D 33 -3.81 12.66 -16.25
N ASP D 34 -4.73 12.74 -15.30
CA ASP D 34 -4.82 11.81 -14.19
C ASP D 34 -5.76 10.67 -14.57
N LEU D 35 -5.27 9.79 -15.43
CA LEU D 35 -6.08 8.66 -15.85
C LEU D 35 -6.32 7.70 -14.71
N TRP D 36 -5.27 7.35 -13.98
CA TRP D 36 -5.36 6.30 -12.97
C TRP D 36 -6.52 6.56 -12.02
N THR D 37 -6.50 7.71 -11.38
CA THR D 37 -7.57 8.06 -10.47
C THR D 37 -8.91 8.11 -11.18
N THR D 38 -8.90 8.51 -12.45
CA THR D 38 -10.14 8.69 -13.16
C THR D 38 -10.82 7.36 -13.39
N PHE D 39 -10.03 6.31 -13.58
CA PHE D 39 -10.59 4.99 -13.72
C PHE D 39 -11.00 4.44 -12.38
N ILE D 40 -10.20 4.72 -11.36
CA ILE D 40 -10.52 4.22 -10.05
C ILE D 40 -11.83 4.82 -9.56
N ASP D 41 -12.12 6.05 -9.96
CA ASP D 41 -13.31 6.73 -9.45
C ASP D 41 -14.51 6.62 -10.36
N MET D 42 -14.39 5.93 -11.49
CA MET D 42 -15.47 5.91 -12.46
C MET D 42 -16.51 4.85 -12.10
N GLN D 43 -17.67 4.96 -12.73
CA GLN D 43 -18.74 4.03 -12.43
C GLN D 43 -18.35 2.62 -12.83
N TRP D 44 -19.07 1.65 -12.26
CA TRP D 44 -18.75 0.26 -12.50
C TRP D 44 -19.18 -0.18 -13.88
N ARG D 45 -20.37 0.23 -14.30
CA ARG D 45 -20.85 -0.15 -15.62
C ARG D 45 -19.83 0.21 -16.69
N TYR D 46 -19.57 1.51 -16.85
CA TYR D 46 -18.59 1.96 -17.82
C TYR D 46 -17.25 1.30 -17.60
N LYS D 47 -16.96 0.86 -16.37
CA LYS D 47 -15.65 0.26 -16.13
C LYS D 47 -15.59 -1.12 -16.72
N LEU D 48 -16.59 -1.95 -16.45
CA LEU D 48 -16.67 -3.25 -17.10
C LEU D 48 -16.63 -3.09 -18.59
N LEU D 49 -17.39 -2.13 -19.10
CA LEU D 49 -17.47 -1.92 -20.54
C LEU D 49 -16.08 -1.64 -21.08
N LEU D 50 -15.34 -0.80 -20.38
CA LEU D 50 -14.03 -0.40 -20.87
C LEU D 50 -13.04 -1.53 -20.77
N PHE D 51 -13.18 -2.37 -19.75
CA PHE D 51 -12.36 -3.55 -19.58
C PHE D 51 -12.51 -4.48 -20.79
N SER D 52 -13.74 -4.94 -21.00
CA SER D 52 -14.01 -5.85 -22.10
C SER D 52 -13.67 -5.22 -23.43
N ALA D 53 -13.97 -3.93 -23.59
CA ALA D 53 -13.67 -3.26 -24.84
C ALA D 53 -12.18 -3.21 -25.09
N THR D 54 -11.40 -2.82 -24.10
CA THR D 54 -9.96 -2.89 -24.26
C THR D 54 -9.55 -4.22 -24.85
N PHE D 55 -9.87 -5.31 -24.14
CA PHE D 55 -9.43 -6.62 -24.60
C PHE D 55 -9.89 -6.89 -26.02
N ALA D 56 -11.20 -7.01 -26.21
CA ALA D 56 -11.73 -7.52 -27.46
C ALA D 56 -11.53 -6.53 -28.59
N GLY D 57 -11.38 -5.24 -28.30
CA GLY D 57 -11.21 -4.26 -29.34
C GLY D 57 -9.78 -4.18 -29.81
N THR D 58 -8.82 -4.35 -28.90
CA THR D 58 -7.47 -4.59 -29.36
C THR D 58 -7.44 -5.80 -30.28
N TRP D 59 -8.09 -6.87 -29.85
CA TRP D 59 -8.21 -8.04 -30.70
C TRP D 59 -8.73 -7.68 -32.09
N PHE D 60 -9.87 -6.99 -32.13
CA PHE D 60 -10.55 -6.67 -33.38
C PHE D 60 -9.71 -5.78 -34.28
N LEU D 61 -9.14 -4.72 -33.72
CA LEU D 61 -8.30 -3.83 -34.51
C LEU D 61 -7.14 -4.59 -35.13
N PHE D 62 -6.44 -5.38 -34.32
CA PHE D 62 -5.28 -6.05 -34.86
C PHE D 62 -5.69 -7.14 -35.83
N GLY D 63 -6.89 -7.68 -35.69
CA GLY D 63 -7.40 -8.60 -36.68
C GLY D 63 -7.58 -7.95 -38.03
N VAL D 64 -8.21 -6.76 -38.05
CA VAL D 64 -8.31 -6.03 -39.30
C VAL D 64 -6.92 -5.75 -39.87
N VAL D 65 -5.98 -5.40 -38.99
CA VAL D 65 -4.64 -5.09 -39.44
C VAL D 65 -3.99 -6.29 -40.11
N TRP D 66 -4.12 -7.43 -39.47
CA TRP D 66 -3.55 -8.66 -40.00
C TRP D 66 -4.19 -9.03 -41.33
N TYR D 67 -5.51 -8.84 -41.43
CA TYR D 67 -6.20 -9.06 -42.70
C TYR D 67 -5.62 -8.18 -43.80
N LEU D 68 -5.33 -6.92 -43.47
CA LEU D 68 -4.77 -6.03 -44.48
C LEU D 68 -3.38 -6.50 -44.90
N VAL D 69 -2.55 -6.88 -43.93
CA VAL D 69 -1.24 -7.42 -44.27
C VAL D 69 -1.39 -8.62 -45.19
N ALA D 70 -2.38 -9.47 -44.91
CA ALA D 70 -2.63 -10.61 -45.77
C ALA D 70 -2.93 -10.16 -47.20
N VAL D 71 -3.88 -9.24 -47.34
CA VAL D 71 -4.23 -8.74 -48.67
C VAL D 71 -3.00 -8.24 -49.40
N ALA D 72 -2.32 -7.26 -48.79
CA ALA D 72 -1.19 -6.63 -49.46
C ALA D 72 -0.17 -7.64 -49.93
N HIS D 73 -0.14 -8.81 -49.30
CA HIS D 73 0.73 -9.90 -49.71
C HIS D 73 -0.01 -10.96 -50.50
N GLY D 74 -1.29 -10.75 -50.78
CA GLY D 74 -2.05 -11.64 -51.65
C GLY D 74 -2.31 -13.02 -51.10
N ASP D 75 -2.31 -13.16 -49.78
CA ASP D 75 -2.40 -14.49 -49.18
C ASP D 75 -3.80 -15.07 -49.35
N LEU D 76 -4.77 -14.24 -49.72
CA LEU D 76 -6.14 -14.72 -49.83
C LEU D 76 -6.25 -15.81 -50.88
N LEU D 77 -7.22 -16.71 -50.67
CA LEU D 77 -7.34 -17.88 -51.52
C LEU D 77 -7.81 -17.52 -52.93
N GLU D 78 -8.96 -16.87 -53.04
CA GLU D 78 -9.51 -16.66 -54.38
C GLU D 78 -8.83 -15.52 -55.11
N LEU D 79 -7.81 -14.91 -54.52
CA LEU D 79 -6.79 -14.27 -55.34
C LEU D 79 -5.99 -15.31 -56.11
N GLY D 80 -6.21 -16.59 -55.82
CA GLY D 80 -5.58 -17.67 -56.53
C GLY D 80 -4.08 -17.69 -56.34
N PRO D 81 -3.62 -17.81 -55.10
CA PRO D 81 -2.20 -17.83 -54.85
C PRO D 81 -1.57 -19.07 -55.46
N PRO D 82 -0.44 -18.92 -56.16
CA PRO D 82 0.22 -20.10 -56.73
C PRO D 82 0.61 -21.09 -55.65
N ALA D 83 0.88 -22.33 -56.09
CA ALA D 83 1.39 -23.33 -55.15
C ALA D 83 2.76 -22.93 -54.61
N ASN D 84 3.37 -21.89 -55.18
CA ASN D 84 4.67 -21.39 -54.77
C ASN D 84 4.59 -20.53 -53.52
N HIS D 85 3.38 -20.17 -53.11
CA HIS D 85 3.18 -18.95 -52.33
C HIS D 85 3.27 -19.23 -50.84
N THR D 86 4.27 -18.62 -50.20
CA THR D 86 4.36 -18.62 -48.75
C THR D 86 3.67 -17.37 -48.22
N PRO D 87 2.62 -17.51 -47.41
CA PRO D 87 1.92 -16.32 -46.93
C PRO D 87 2.67 -15.64 -45.81
N CYS D 88 2.30 -14.37 -45.55
CA CYS D 88 2.83 -13.68 -44.39
C CYS D 88 2.44 -14.42 -43.12
N VAL D 89 1.29 -15.07 -43.13
CA VAL D 89 0.79 -15.84 -42.01
C VAL D 89 0.16 -17.11 -42.55
N VAL D 90 0.19 -18.16 -41.75
CA VAL D 90 -0.35 -19.43 -42.18
C VAL D 90 -1.83 -19.50 -41.85
N GLN D 91 -2.59 -20.02 -42.79
CA GLN D 91 -3.98 -20.39 -42.54
C GLN D 91 -4.85 -19.17 -42.27
N VAL D 92 -4.37 -18.01 -42.72
CA VAL D 92 -5.19 -16.81 -42.65
C VAL D 92 -5.57 -16.38 -44.05
N HIS D 93 -6.84 -16.57 -44.37
CA HIS D 93 -7.40 -16.18 -45.66
C HIS D 93 -8.78 -15.56 -45.50
N THR D 94 -9.17 -15.25 -44.27
CA THR D 94 -10.42 -14.59 -43.99
C THR D 94 -10.22 -13.69 -42.78
N LEU D 95 -10.92 -12.56 -42.81
CA LEU D 95 -10.86 -11.64 -41.68
C LEU D 95 -11.24 -12.36 -40.39
N THR D 96 -12.08 -13.38 -40.51
CA THR D 96 -12.44 -14.18 -39.34
C THR D 96 -11.20 -14.82 -38.74
N GLY D 97 -10.44 -15.56 -39.53
CA GLY D 97 -9.23 -16.16 -39.02
C GLY D 97 -8.22 -15.11 -38.58
N ALA D 98 -8.26 -13.95 -39.21
CA ALA D 98 -7.42 -12.86 -38.76
C ALA D 98 -7.70 -12.53 -37.32
N PHE D 99 -8.97 -12.23 -37.02
CA PHE D 99 -9.37 -11.95 -35.64
C PHE D 99 -8.99 -13.11 -34.74
N LEU D 100 -9.15 -14.33 -35.24
CA LEU D 100 -8.88 -15.49 -34.41
C LEU D 100 -7.40 -15.57 -34.07
N PHE D 101 -6.54 -15.11 -34.97
CA PHE D 101 -5.11 -15.15 -34.69
C PHE D 101 -4.72 -14.02 -33.77
N SER D 102 -5.30 -12.85 -33.98
CA SER D 102 -5.17 -11.77 -33.02
C SER D 102 -5.44 -12.28 -31.62
N LEU D 103 -6.55 -12.99 -31.48
CA LEU D 103 -6.94 -13.52 -30.19
C LEU D 103 -5.94 -14.55 -29.68
N GLU D 104 -5.58 -15.51 -30.51
CA GLU D 104 -4.73 -16.61 -30.06
C GLU D 104 -3.35 -16.12 -29.64
N SER D 105 -2.88 -15.03 -30.22
CA SER D 105 -1.53 -14.57 -29.94
C SER D 105 -1.51 -13.55 -28.81
N GLN D 106 -2.52 -12.69 -28.77
CA GLN D 106 -2.53 -11.62 -27.79
C GLN D 106 -2.85 -12.14 -26.40
N THR D 107 -3.83 -13.01 -26.29
CA THR D 107 -4.03 -13.78 -25.07
C THR D 107 -2.91 -14.75 -24.84
N THR D 108 -2.22 -15.15 -25.89
CA THR D 108 -1.22 -16.18 -25.80
C THR D 108 -1.88 -17.53 -25.54
N ILE D 109 -3.01 -17.77 -26.22
CA ILE D 109 -3.59 -19.11 -26.25
C ILE D 109 -2.81 -19.98 -27.23
N GLY D 110 -2.43 -19.43 -28.37
CA GLY D 110 -1.52 -20.09 -29.30
C GLY D 110 -1.79 -21.56 -29.58
N TYR D 111 -2.92 -21.85 -30.22
CA TYR D 111 -3.22 -23.23 -30.58
C TYR D 111 -2.13 -23.80 -31.47
N GLY D 112 -1.96 -23.25 -32.67
CA GLY D 112 -0.92 -23.64 -33.59
C GLY D 112 -1.39 -23.96 -34.98
N PHE D 113 -2.69 -23.83 -35.23
CA PHE D 113 -3.22 -24.04 -36.58
C PHE D 113 -2.98 -22.83 -37.44
N ARG D 114 -2.79 -21.68 -36.81
CA ARG D 114 -2.35 -20.46 -37.46
C ARG D 114 -1.11 -20.00 -36.71
N TYR D 115 0.00 -19.90 -37.43
CA TYR D 115 1.22 -19.36 -36.86
C TYR D 115 1.86 -18.43 -37.86
N ILE D 116 2.88 -17.70 -37.41
CA ILE D 116 3.60 -16.79 -38.29
C ILE D 116 4.64 -17.58 -39.06
N SER D 117 4.97 -17.10 -40.26
CA SER D 117 6.04 -17.67 -41.04
C SER D 117 7.19 -16.69 -41.19
N GLU D 118 8.38 -17.23 -41.42
CA GLU D 118 9.60 -16.44 -41.50
C GLU D 118 9.62 -15.50 -42.69
N GLU D 119 8.57 -15.48 -43.53
CA GLU D 119 8.66 -14.80 -44.80
C GLU D 119 8.60 -13.29 -44.62
N CYS D 120 7.61 -12.80 -43.89
CA CYS D 120 7.32 -11.37 -43.85
C CYS D 120 7.87 -10.76 -42.57
N PRO D 121 8.83 -9.84 -42.66
CA PRO D 121 9.35 -9.21 -41.43
C PRO D 121 8.39 -8.21 -40.82
N LEU D 122 7.73 -7.42 -41.66
CA LEU D 122 6.73 -6.48 -41.15
C LEU D 122 5.71 -7.19 -40.28
N ALA D 123 5.29 -8.38 -40.67
CA ALA D 123 4.45 -9.20 -39.80
C ALA D 123 5.06 -9.34 -38.42
N ILE D 124 6.35 -9.62 -38.37
CA ILE D 124 7.03 -9.84 -37.10
C ILE D 124 6.97 -8.59 -36.23
N VAL D 125 7.42 -7.46 -36.76
CA VAL D 125 7.39 -6.24 -35.96
C VAL D 125 5.97 -5.93 -35.53
N LEU D 126 5.01 -6.13 -36.43
CA LEU D 126 3.61 -5.87 -36.11
C LEU D 126 3.19 -6.70 -34.91
N LEU D 127 3.58 -7.96 -34.89
CA LEU D 127 3.23 -8.81 -33.76
C LEU D 127 3.88 -8.30 -32.48
N ILE D 128 5.15 -7.92 -32.56
CA ILE D 128 5.83 -7.45 -31.35
C ILE D 128 5.12 -6.23 -30.81
N ALA D 129 4.69 -5.33 -31.70
CA ALA D 129 4.00 -4.13 -31.26
C ALA D 129 2.68 -4.48 -30.61
N GLN D 130 1.87 -5.28 -31.29
CA GLN D 130 0.64 -5.74 -30.70
C GLN D 130 0.88 -6.25 -29.28
N LEU D 131 1.91 -7.07 -29.12
CA LEU D 131 2.14 -7.72 -27.84
C LEU D 131 2.47 -6.70 -26.78
N VAL D 132 3.44 -5.84 -27.06
CA VAL D 132 3.89 -4.88 -26.08
C VAL D 132 2.76 -3.95 -25.65
N LEU D 133 2.09 -3.33 -26.62
CA LEU D 133 0.99 -2.43 -26.29
C LEU D 133 -0.10 -3.14 -25.48
N THR D 134 -0.56 -4.29 -25.94
CA THR D 134 -1.65 -4.96 -25.25
C THR D 134 -1.23 -5.40 -23.86
N THR D 135 0.04 -5.74 -23.69
CA THR D 135 0.60 -6.02 -22.37
C THR D 135 0.40 -4.82 -21.46
N ILE D 136 0.85 -3.66 -21.92
CA ILE D 136 0.66 -2.41 -21.20
C ILE D 136 -0.78 -2.25 -20.75
N LEU D 137 -1.70 -2.26 -21.72
CA LEU D 137 -3.10 -1.96 -21.40
C LEU D 137 -3.69 -2.98 -20.42
N GLU D 138 -3.47 -4.26 -20.68
CA GLU D 138 -3.88 -5.28 -19.71
C GLU D 138 -3.43 -4.90 -18.31
N ILE D 139 -2.15 -4.58 -18.17
CA ILE D 139 -1.61 -4.26 -16.85
C ILE D 139 -2.40 -3.12 -16.24
N PHE D 140 -2.52 -2.02 -16.97
CA PHE D 140 -3.17 -0.84 -16.42
C PHE D 140 -4.56 -1.16 -15.92
N ILE D 141 -5.35 -1.79 -16.78
CA ILE D 141 -6.76 -2.01 -16.45
C ILE D 141 -6.87 -2.93 -15.25
N THR D 142 -6.05 -3.97 -15.20
CA THR D 142 -6.14 -4.90 -14.08
C THR D 142 -5.76 -4.22 -12.79
N GLY D 143 -4.77 -3.31 -12.85
CA GLY D 143 -4.40 -2.58 -11.66
C GLY D 143 -5.51 -1.70 -11.15
N THR D 144 -6.14 -0.95 -12.05
CA THR D 144 -7.24 -0.10 -11.63
C THR D 144 -8.37 -0.92 -11.06
N PHE D 145 -8.66 -2.06 -11.66
CA PHE D 145 -9.72 -2.93 -11.15
C PHE D 145 -9.41 -3.45 -9.76
N LEU D 146 -8.19 -3.94 -9.55
CA LEU D 146 -7.75 -4.35 -8.23
C LEU D 146 -7.99 -3.24 -7.22
N ALA D 147 -7.45 -2.06 -7.47
CA ALA D 147 -7.56 -0.97 -6.52
C ALA D 147 -9.00 -0.59 -6.26
N LYS D 148 -9.81 -0.54 -7.31
CA LYS D 148 -11.19 -0.09 -7.16
C LYS D 148 -12.00 -1.08 -6.33
N ILE D 149 -11.68 -2.36 -6.41
CA ILE D 149 -12.25 -3.26 -5.41
C ILE D 149 -11.71 -2.91 -4.04
N ALA D 150 -10.40 -2.73 -3.93
CA ALA D 150 -9.75 -2.71 -2.62
C ALA D 150 -10.24 -1.55 -1.76
N ARG D 151 -10.79 -0.52 -2.38
CA ARG D 151 -11.16 0.67 -1.63
C ARG D 151 -11.91 0.30 -0.36
N PRO D 152 -11.72 1.04 0.74
CA PRO D 152 -12.37 0.70 2.00
C PRO D 152 -13.66 1.45 2.28
N LYS D 153 -14.08 2.36 1.41
CA LYS D 153 -15.42 2.92 1.56
C LYS D 153 -16.44 1.83 1.84
N LYS D 154 -16.56 0.87 0.94
CA LYS D 154 -17.55 -0.19 1.11
C LYS D 154 -17.40 -0.85 2.48
N ARG D 155 -16.16 -1.02 2.94
CA ARG D 155 -15.94 -1.53 4.29
C ARG D 155 -16.69 -0.70 5.32
N ALA D 156 -16.76 0.62 5.11
CA ALA D 156 -17.33 1.51 6.11
C ALA D 156 -18.73 1.08 6.53
N GLU D 157 -19.45 0.40 5.65
CA GLU D 157 -20.84 0.10 5.93
C GLU D 157 -20.99 -0.88 7.08
N THR D 158 -19.92 -1.60 7.39
CA THR D 158 -19.98 -2.57 8.48
C THR D 158 -19.64 -1.94 9.82
N ILE D 159 -19.54 -0.62 9.84
CA ILE D 159 -19.53 0.15 11.08
C ILE D 159 -20.76 1.03 11.05
N ARG D 160 -21.45 1.11 12.18
CA ARG D 160 -22.73 1.78 12.22
C ARG D 160 -22.81 2.71 13.42
N PHE D 161 -23.22 3.94 13.15
CA PHE D 161 -23.62 4.89 14.18
C PHE D 161 -25.04 4.59 14.64
N SER D 162 -25.38 5.12 15.80
CA SER D 162 -26.77 5.12 16.21
C SER D 162 -27.60 5.93 15.23
N GLN D 163 -28.90 5.64 15.19
CA GLN D 163 -29.81 6.44 14.38
C GLN D 163 -30.09 7.77 15.06
N HIS D 164 -30.08 7.79 16.38
CA HIS D 164 -30.49 8.96 17.15
C HIS D 164 -29.42 9.36 18.15
N ALA D 165 -29.23 10.67 18.25
CA ALA D 165 -28.43 11.28 19.31
C ALA D 165 -29.36 11.71 20.43
N VAL D 166 -28.90 11.52 21.67
CA VAL D 166 -29.76 11.70 22.83
C VAL D 166 -29.00 12.47 23.91
N VAL D 167 -29.72 13.33 24.61
CA VAL D 167 -29.11 14.25 25.57
C VAL D 167 -29.56 13.86 26.96
N ALA D 168 -28.62 13.78 27.90
CA ALA D 168 -29.00 13.47 29.27
C ALA D 168 -27.82 13.69 30.21
N TYR D 169 -28.06 13.43 31.48
CA TYR D 169 -27.05 13.64 32.52
C TYR D 169 -26.21 12.38 32.68
N HIS D 170 -24.97 12.45 32.23
CA HIS D 170 -24.00 11.39 32.41
C HIS D 170 -22.98 11.87 33.42
N ASN D 171 -22.85 11.13 34.52
CA ASN D 171 -21.97 11.52 35.61
C ASN D 171 -22.32 12.92 36.12
N GLY D 172 -23.58 13.29 35.95
CA GLY D 172 -24.07 14.58 36.40
C GLY D 172 -23.89 15.70 35.42
N LYS D 173 -23.11 15.50 34.37
CA LYS D 173 -22.87 16.52 33.35
C LYS D 173 -23.82 16.31 32.19
N LEU D 174 -24.37 17.39 31.67
CA LEU D 174 -25.20 17.30 30.49
C LEU D 174 -24.33 16.89 29.32
N CYS D 175 -24.68 15.79 28.67
CA CYS D 175 -23.89 15.25 27.59
C CYS D 175 -24.81 14.85 26.45
N LEU D 176 -24.38 15.19 25.24
CA LEU D 176 -24.99 14.64 24.02
C LEU D 176 -24.30 13.33 23.71
N MET D 177 -25.07 12.30 23.44
CA MET D 177 -24.56 10.95 23.36
C MET D 177 -24.98 10.28 22.07
N ILE D 178 -24.03 9.56 21.49
CA ILE D 178 -24.23 8.73 20.31
C ILE D 178 -23.61 7.38 20.58
N ARG D 179 -23.91 6.42 19.74
CA ARG D 179 -23.37 5.08 19.89
C ARG D 179 -22.85 4.57 18.56
N VAL D 180 -21.71 3.88 18.63
CA VAL D 180 -21.05 3.34 17.46
C VAL D 180 -20.86 1.84 17.66
N ALA D 181 -20.68 1.12 16.56
CA ALA D 181 -20.41 -0.30 16.64
C ALA D 181 -19.87 -0.82 15.32
N ASN D 182 -19.35 -2.04 15.37
CA ASN D 182 -18.70 -2.70 14.25
C ASN D 182 -19.39 -4.02 14.00
N MET D 183 -19.88 -4.22 12.77
CA MET D 183 -20.62 -5.44 12.45
C MET D 183 -19.74 -6.56 11.94
N ARG D 184 -18.44 -6.56 12.25
CA ARG D 184 -17.53 -7.60 11.79
C ARG D 184 -16.47 -7.91 12.83
N LYS D 185 -15.84 -9.07 12.67
CA LYS D 185 -14.83 -9.53 13.62
C LYS D 185 -13.50 -8.84 13.38
N SER D 186 -13.22 -8.52 12.13
CA SER D 186 -12.02 -7.75 11.83
C SER D 186 -12.05 -6.44 12.60
N LEU D 187 -10.87 -5.96 12.97
CA LEU D 187 -10.81 -4.80 13.85
C LEU D 187 -10.51 -3.52 13.10
N LEU D 188 -10.98 -2.43 13.68
CA LEU D 188 -10.54 -1.08 13.36
C LEU D 188 -9.61 -0.65 14.47
N ILE D 189 -8.64 0.18 14.13
CA ILE D 189 -7.61 0.57 15.08
C ILE D 189 -7.25 2.04 14.90
N GLY D 190 -6.82 2.67 15.99
CA GLY D 190 -6.48 4.08 15.96
C GLY D 190 -7.67 4.96 15.63
N CYS D 191 -8.88 4.46 15.87
CA CYS D 191 -10.07 5.21 15.53
C CYS D 191 -10.15 6.48 16.36
N GLN D 192 -10.70 7.52 15.78
CA GLN D 192 -10.95 8.77 16.47
C GLN D 192 -12.24 9.39 15.95
N VAL D 193 -13.08 9.80 16.89
CA VAL D 193 -14.34 10.44 16.61
C VAL D 193 -14.15 11.94 16.71
N THR D 194 -14.62 12.64 15.70
CA THR D 194 -14.62 14.10 15.71
C THR D 194 -15.85 14.60 14.99
N GLY D 195 -16.63 15.43 15.68
CA GLY D 195 -17.81 16.03 15.10
C GLY D 195 -17.49 17.45 14.68
N LYS D 196 -18.19 17.92 13.68
CA LYS D 196 -18.21 19.32 13.33
C LYS D 196 -19.65 19.78 13.43
N LEU D 197 -19.81 21.07 13.69
CA LEU D 197 -21.13 21.69 13.80
C LEU D 197 -21.23 22.71 12.69
N LEU D 198 -22.32 22.62 11.92
CA LEU D 198 -22.50 23.36 10.68
C LEU D 198 -23.88 24.00 10.66
N GLN D 199 -23.92 25.33 10.76
CA GLN D 199 -25.19 26.03 10.66
C GLN D 199 -25.24 26.94 9.45
N THR D 200 -26.30 27.73 9.39
CA THR D 200 -26.75 28.39 8.20
C THR D 200 -26.57 29.90 8.35
N HIS D 201 -25.84 30.50 7.42
CA HIS D 201 -25.62 31.94 7.40
C HIS D 201 -26.10 32.48 6.06
N GLN D 202 -27.23 33.19 6.09
CA GLN D 202 -27.80 33.78 4.88
C GLN D 202 -27.35 35.23 4.77
N THR D 203 -27.21 35.69 3.54
CA THR D 203 -26.80 37.06 3.24
C THR D 203 -27.95 37.80 2.59
N LYS D 204 -27.64 38.99 2.06
CA LYS D 204 -28.45 39.77 1.11
C LYS D 204 -29.34 38.80 0.31
N GLU D 205 -28.77 37.74 -0.25
CA GLU D 205 -29.35 37.05 -1.39
C GLU D 205 -29.44 35.57 -1.06
N GLY D 206 -30.20 34.82 -1.86
CA GLY D 206 -30.04 33.38 -1.85
C GLY D 206 -28.94 32.98 -2.78
N GLU D 207 -27.95 33.87 -2.95
CA GLU D 207 -26.91 33.69 -3.94
C GLU D 207 -25.73 32.92 -3.40
N ASN D 208 -25.49 32.97 -2.10
CA ASN D 208 -24.27 32.44 -1.53
C ASN D 208 -24.51 32.15 -0.06
N ILE D 209 -23.63 31.33 0.52
CA ILE D 209 -23.69 30.99 1.93
C ILE D 209 -22.28 30.75 2.43
N ARG D 210 -21.97 31.29 3.60
CA ARG D 210 -20.76 30.96 4.30
C ARG D 210 -21.11 29.96 5.39
N LEU D 211 -20.44 28.81 5.35
CA LEU D 211 -20.62 27.79 6.37
C LEU D 211 -19.52 27.94 7.39
N ASN D 212 -19.91 28.19 8.62
CA ASN D 212 -18.98 28.29 9.74
C ASN D 212 -18.92 26.93 10.42
N GLN D 213 -17.76 26.30 10.37
CA GLN D 213 -17.53 25.03 11.04
C GLN D 213 -17.22 25.34 12.49
N VAL D 214 -17.58 24.43 13.40
CA VAL D 214 -17.07 24.46 14.76
C VAL D 214 -16.76 23.04 15.19
N ASN D 215 -15.51 22.81 15.60
CA ASN D 215 -15.18 21.50 16.12
C ASN D 215 -16.02 21.17 17.34
N VAL D 216 -16.42 19.91 17.43
CA VAL D 216 -16.93 19.34 18.65
C VAL D 216 -16.15 18.05 18.88
N THR D 217 -15.59 17.93 20.06
CA THR D 217 -14.84 16.75 20.42
C THR D 217 -15.74 15.81 21.21
N PHE D 218 -15.49 14.52 21.06
CA PHE D 218 -16.30 13.50 21.70
C PHE D 218 -15.39 12.58 22.47
N GLN D 219 -15.80 12.24 23.69
CA GLN D 219 -14.96 11.55 24.64
C GLN D 219 -15.62 10.26 25.08
N VAL D 220 -14.80 9.37 25.61
CA VAL D 220 -15.24 8.05 26.03
C VAL D 220 -14.81 7.84 27.48
N ASP D 221 -13.50 7.83 27.70
CA ASP D 221 -12.93 7.66 29.02
C ASP D 221 -12.09 8.85 29.43
N THR D 222 -11.07 9.16 28.63
CA THR D 222 -10.14 10.25 28.88
C THR D 222 -10.22 11.30 27.80
N ALA D 223 -11.10 11.10 26.83
CA ALA D 223 -11.26 12.04 25.73
C ALA D 223 -10.01 12.05 24.84
N SER D 224 -9.47 10.87 24.57
CA SER D 224 -8.20 10.77 23.88
C SER D 224 -8.33 10.12 22.50
N ASP D 225 -8.68 8.85 22.53
CA ASP D 225 -8.99 8.02 21.37
C ASP D 225 -9.18 6.63 21.94
N SER D 226 -9.69 5.71 21.14
CA SER D 226 -9.84 4.36 21.63
C SER D 226 -9.13 3.37 20.71
N PRO D 227 -8.08 2.68 21.19
CA PRO D 227 -7.27 1.85 20.30
C PRO D 227 -8.06 0.91 19.43
N PHE D 228 -9.03 0.23 20.01
CA PHE D 228 -9.77 -0.81 19.31
C PHE D 228 -11.25 -0.63 19.58
N LEU D 229 -12.04 -0.84 18.55
CA LEU D 229 -13.48 -0.74 18.65
C LEU D 229 -14.07 -2.14 18.85
N ILE D 230 -13.78 -2.67 20.05
CA ILE D 230 -14.18 -4.03 20.37
C ILE D 230 -15.70 -4.16 20.43
N LEU D 231 -16.35 -3.28 21.18
CA LEU D 231 -17.75 -3.41 21.49
C LEU D 231 -18.44 -2.09 21.22
N PRO D 232 -19.77 -2.08 21.10
CA PRO D 232 -20.48 -0.82 20.84
C PRO D 232 -20.08 0.27 21.81
N LEU D 233 -19.45 1.32 21.30
CA LEU D 233 -18.87 2.36 22.12
C LEU D 233 -19.80 3.55 22.20
N THR D 234 -19.99 4.02 23.43
CA THR D 234 -20.82 5.18 23.73
C THR D 234 -19.95 6.42 23.72
N PHE D 235 -20.16 7.29 22.75
CA PHE D 235 -19.42 8.53 22.68
C PHE D 235 -20.29 9.67 23.16
N TYR D 236 -19.74 10.48 24.06
CA TYR D 236 -20.49 11.55 24.69
C TYR D 236 -19.69 12.84 24.64
N HIS D 237 -20.41 13.94 24.54
CA HIS D 237 -19.83 15.27 24.47
C HIS D 237 -20.42 16.14 25.57
N VAL D 238 -19.54 16.92 26.21
CA VAL D 238 -19.89 17.71 27.38
C VAL D 238 -20.63 18.96 26.94
N VAL D 239 -21.89 19.09 27.32
CA VAL D 239 -22.64 20.32 27.10
C VAL D 239 -22.50 21.15 28.38
N ASP D 240 -21.40 21.87 28.46
CA ASP D 240 -21.26 23.00 29.36
C ASP D 240 -20.86 24.22 28.54
N GLU D 241 -20.52 25.31 29.21
CA GLU D 241 -20.40 26.59 28.51
C GLU D 241 -19.22 26.62 27.56
N THR D 242 -18.31 25.64 27.64
CA THR D 242 -17.36 25.40 26.58
C THR D 242 -18.03 24.89 25.31
N SER D 243 -19.30 24.53 25.39
CA SER D 243 -19.92 23.85 24.27
C SER D 243 -20.39 24.86 23.23
N PRO D 244 -20.04 24.68 21.96
CA PRO D 244 -20.71 25.44 20.91
C PRO D 244 -22.19 25.15 20.83
N LEU D 245 -22.65 24.07 21.45
CA LEU D 245 -24.05 23.71 21.48
C LEU D 245 -24.81 24.40 22.60
N LYS D 246 -24.09 25.06 23.51
CA LYS D 246 -24.65 25.36 24.81
C LYS D 246 -26.03 25.98 24.72
N ASP D 247 -26.13 27.16 24.15
CA ASP D 247 -27.41 27.86 24.11
C ASP D 247 -28.07 27.75 22.75
N LEU D 248 -27.74 26.73 21.99
CA LEU D 248 -28.62 26.34 20.91
C LEU D 248 -30.03 26.25 21.44
N PRO D 249 -31.04 26.31 20.58
CA PRO D 249 -32.37 26.01 21.09
C PRO D 249 -32.39 24.53 21.40
N LEU D 250 -32.24 24.23 22.66
CA LEU D 250 -32.02 22.88 23.16
C LEU D 250 -33.27 22.06 23.14
N ARG D 251 -34.35 22.70 22.71
CA ARG D 251 -35.66 22.10 22.77
C ARG D 251 -35.92 21.22 21.56
N SER D 252 -37.09 20.61 21.55
CA SER D 252 -37.57 19.79 20.44
C SER D 252 -37.40 20.49 19.10
N GLY D 253 -36.59 19.90 18.22
CA GLY D 253 -36.72 20.08 16.79
C GLY D 253 -36.11 21.34 16.21
N GLU D 254 -36.24 22.48 16.87
CA GLU D 254 -35.91 23.75 16.23
C GLU D 254 -34.44 24.08 16.43
N GLY D 255 -33.94 24.94 15.56
CA GLY D 255 -32.53 25.13 15.31
C GLY D 255 -32.21 24.74 13.90
N ASP D 256 -31.30 25.49 13.27
CA ASP D 256 -30.95 25.29 11.87
C ASP D 256 -29.49 24.88 11.82
N PHE D 257 -29.23 23.59 12.01
CA PHE D 257 -27.87 23.10 12.10
C PHE D 257 -27.78 21.68 11.62
N GLU D 258 -26.54 21.19 11.59
CA GLU D 258 -26.24 19.80 11.36
C GLU D 258 -25.00 19.44 12.17
N LEU D 259 -25.12 18.34 12.92
CA LEU D 259 -23.99 17.79 13.67
C LEU D 259 -23.41 16.67 12.82
N VAL D 260 -22.34 17.01 12.10
CA VAL D 260 -21.64 16.03 11.30
C VAL D 260 -20.72 15.22 12.20
N LEU D 261 -20.78 13.91 12.06
CA LEU D 261 -19.95 13.01 12.87
C LEU D 261 -19.05 12.18 11.98
N ILE D 262 -17.79 12.09 12.37
CA ILE D 262 -16.70 11.51 11.60
C ILE D 262 -15.96 10.55 12.49
N LEU D 263 -15.61 9.40 11.95
CA LEU D 263 -14.83 8.40 12.67
C LEU D 263 -13.75 7.90 11.74
N SER D 264 -12.50 8.22 12.05
CA SER D 264 -11.37 7.91 11.19
C SER D 264 -10.39 7.01 11.90
N GLY D 265 -9.99 5.93 11.23
CA GLY D 265 -9.03 5.03 11.84
C GLY D 265 -8.56 3.97 10.86
N THR D 266 -7.43 3.38 11.19
CA THR D 266 -6.77 2.39 10.35
C THR D 266 -7.49 1.04 10.44
N VAL D 267 -7.48 0.29 9.33
CA VAL D 267 -8.02 -1.08 9.32
C VAL D 267 -6.89 -2.06 9.58
N GLU D 268 -7.24 -3.22 10.15
CA GLU D 268 -6.24 -4.17 10.61
C GLU D 268 -5.60 -4.91 9.45
N SER D 269 -6.41 -5.47 8.57
CA SER D 269 -5.93 -6.41 7.59
C SER D 269 -5.37 -5.77 6.33
N THR D 270 -5.44 -4.44 6.22
CA THR D 270 -5.01 -3.76 5.00
C THR D 270 -4.16 -2.53 5.24
N SER D 271 -4.11 -2.01 6.46
CA SER D 271 -3.37 -0.80 6.77
C SER D 271 -3.97 0.43 6.11
N ALA D 272 -5.19 0.32 5.63
CA ALA D 272 -5.87 1.45 5.04
C ALA D 272 -6.56 2.28 6.10
N THR D 273 -6.62 3.58 5.87
CA THR D 273 -7.42 4.45 6.71
C THR D 273 -8.86 4.44 6.24
N CYS D 274 -9.77 4.29 7.18
CA CYS D 274 -11.18 4.06 6.94
C CYS D 274 -11.95 5.14 7.68
N GLN D 275 -12.90 5.74 7.00
CA GLN D 275 -13.63 6.90 7.50
C GLN D 275 -15.12 6.65 7.38
N VAL D 276 -15.80 6.63 8.51
CA VAL D 276 -17.25 6.61 8.52
C VAL D 276 -17.75 8.00 8.79
N ARG D 277 -18.89 8.34 8.20
CA ARG D 277 -19.52 9.63 8.41
C ARG D 277 -21.02 9.44 8.55
N THR D 278 -21.63 10.33 9.31
CA THR D 278 -23.07 10.52 9.28
C THR D 278 -23.37 11.87 9.89
N SER D 279 -24.66 12.13 10.12
CA SER D 279 -25.07 13.44 10.58
C SER D 279 -26.27 13.33 11.50
N TYR D 280 -26.52 14.43 12.20
CA TYR D 280 -27.69 14.57 13.03
C TYR D 280 -28.34 15.93 12.76
N LEU D 281 -29.64 15.91 12.56
CA LEU D 281 -30.42 17.11 12.35
C LEU D 281 -30.96 17.61 13.66
N PRO D 282 -31.37 18.88 13.72
CA PRO D 282 -31.96 19.38 14.96
C PRO D 282 -33.17 18.58 15.39
N GLU D 283 -33.86 17.97 14.43
CA GLU D 283 -35.04 17.18 14.75
C GLU D 283 -34.67 15.78 15.20
N GLU D 284 -33.51 15.28 14.76
CA GLU D 284 -33.15 13.90 15.05
C GLU D 284 -32.69 13.74 16.49
N ILE D 285 -32.38 14.85 17.16
CA ILE D 285 -31.82 14.76 18.51
C ILE D 285 -32.94 14.63 19.51
N LEU D 286 -32.71 13.82 20.54
CA LEU D 286 -33.71 13.51 21.54
C LEU D 286 -33.25 13.98 22.90
N TRP D 287 -34.22 14.34 23.73
CA TRP D 287 -33.98 14.95 25.02
C TRP D 287 -34.27 13.93 26.11
N GLY D 288 -33.37 13.84 27.08
CA GLY D 288 -33.58 12.94 28.21
C GLY D 288 -33.89 11.52 27.81
N TYR D 289 -32.91 10.80 27.26
CA TYR D 289 -33.08 9.42 26.85
C TYR D 289 -31.79 8.65 27.11
N GLU D 290 -31.91 7.33 27.20
CA GLU D 290 -30.86 6.44 27.64
C GLU D 290 -30.81 5.24 26.71
N PHE D 291 -29.70 5.10 26.00
CA PHE D 291 -29.47 3.88 25.23
C PHE D 291 -29.52 2.68 26.15
N THR D 292 -30.41 1.75 25.85
CA THR D 292 -30.38 0.51 26.59
C THR D 292 -29.00 -0.12 26.42
N PRO D 293 -28.32 -0.49 27.50
CA PRO D 293 -26.99 -1.08 27.35
C PRO D 293 -27.09 -2.33 26.49
N ALA D 294 -26.19 -2.45 25.53
CA ALA D 294 -26.30 -3.45 24.48
C ALA D 294 -25.36 -4.63 24.67
N ILE D 295 -24.60 -4.68 25.76
CA ILE D 295 -23.63 -5.74 25.99
C ILE D 295 -24.10 -6.57 27.17
N SER D 296 -24.05 -7.89 27.01
CA SER D 296 -24.37 -8.82 28.07
C SER D 296 -23.37 -9.96 28.03
N LEU D 297 -23.21 -10.61 29.18
CA LEU D 297 -22.28 -11.70 29.28
C LEU D 297 -23.01 -13.03 29.26
N SER D 298 -22.27 -14.10 28.98
CA SER D 298 -22.85 -15.40 28.68
C SER D 298 -22.12 -16.47 29.47
N ALA D 299 -22.75 -17.65 29.55
CA ALA D 299 -22.19 -18.75 30.32
C ALA D 299 -20.80 -19.13 29.84
N SER D 300 -20.60 -19.16 28.52
CA SER D 300 -19.32 -19.61 28.00
C SER D 300 -18.20 -18.67 28.41
N GLY D 301 -18.53 -17.42 28.72
CA GLY D 301 -17.68 -16.62 29.57
C GLY D 301 -17.31 -15.22 29.10
N LYS D 302 -17.59 -14.85 27.86
CA LYS D 302 -17.14 -13.57 27.32
C LYS D 302 -18.30 -12.82 26.71
N TYR D 303 -18.05 -11.60 26.26
CA TYR D 303 -19.11 -10.60 26.13
C TYR D 303 -19.81 -10.72 24.78
N VAL D 304 -21.11 -10.43 24.79
CA VAL D 304 -21.96 -10.55 23.62
C VAL D 304 -22.50 -9.16 23.28
N ALA D 305 -22.42 -8.80 22.01
CA ALA D 305 -22.94 -7.54 21.52
C ALA D 305 -24.21 -7.82 20.71
N ASP D 306 -25.37 -7.59 21.32
CA ASP D 306 -26.66 -7.93 20.72
C ASP D 306 -27.24 -6.68 20.07
N PHE D 307 -27.18 -6.62 18.74
CA PHE D 307 -27.50 -5.41 17.99
C PHE D 307 -29.00 -5.19 17.81
N SER D 308 -29.85 -5.93 18.53
CA SER D 308 -31.26 -5.58 18.52
C SER D 308 -31.54 -4.41 19.44
N LEU D 309 -30.69 -4.21 20.43
CA LEU D 309 -30.80 -3.13 21.40
C LEU D 309 -29.96 -1.93 21.03
N PHE D 310 -29.04 -2.09 20.08
CA PHE D 310 -28.10 -1.05 19.71
C PHE D 310 -28.79 0.30 19.57
N ASP D 311 -29.87 0.36 18.80
CA ASP D 311 -30.58 1.60 18.57
C ASP D 311 -31.77 1.80 19.50
N GLN D 312 -31.97 0.90 20.45
CA GLN D 312 -33.06 1.03 21.39
C GLN D 312 -32.74 2.09 22.44
N VAL D 313 -33.77 2.84 22.86
CA VAL D 313 -33.64 3.82 23.93
C VAL D 313 -34.85 3.68 24.85
N VAL D 314 -34.68 4.16 26.09
CA VAL D 314 -35.80 4.39 26.97
C VAL D 314 -35.52 5.63 27.80
N LYS D 315 -36.58 6.16 28.38
CA LYS D 315 -36.52 7.46 29.03
C LYS D 315 -35.87 7.36 30.40
N VAL D 316 -35.15 8.42 30.78
CA VAL D 316 -34.55 8.49 32.11
C VAL D 316 -35.54 9.12 33.08
C1 PIO E . -7.64 -20.87 10.61
O1 PIO E . -8.52 -21.70 9.90
P1 PIO E . -7.94 -23.15 9.43
C2 PIO E . -7.89 -21.07 12.09
O2 PIO E . -9.22 -20.73 12.38
C3 PIO E . -6.96 -20.15 12.87
O3 PIO E . -7.15 -20.38 14.24
C4 PIO E . -7.29 -18.71 12.54
O4 PIO E . -6.43 -17.86 13.25
P4 PIO E . -6.79 -17.56 14.82
C5 PIO E . -7.09 -18.46 11.05
O5 PIO E . -7.52 -17.16 10.75
P5 PIO E . -6.39 -16.05 10.34
C6 PIO E . -7.91 -19.42 10.22
O6 PIO E . -7.59 -19.26 8.87
O11 PIO E . -7.01 -23.69 10.40
O12 PIO E . -9.00 -24.17 9.45
O13 PIO E . -7.26 -23.04 7.94
C1A PIO E . -4.46 -25.57 9.48
O1A PIO E . -3.33 -25.87 9.30
C1B PIO E . -3.33 -21.72 5.65
O1B PIO E . -3.21 -20.79 6.36
C1C PIO E . -6.60 -24.16 7.47
C2A PIO E . -5.42 -26.61 10.08
C2B PIO E . -2.57 -21.75 4.34
C2C PIO E . -5.10 -24.10 7.78
O2C PIO E . -4.91 -24.29 9.15
C3A PIO E . -4.63 -27.82 10.55
C3C PIO E . -4.56 -22.74 7.35
O3C PIO E . -4.18 -22.78 6.01
O41 PIO E . -8.18 -17.17 15.04
O42 PIO E . -6.60 -18.71 15.70
O43 PIO E . -6.00 -16.48 15.41
C4A PIO E . -5.56 -28.75 11.34
O51 PIO E . -6.88 -14.67 10.34
O52 PIO E . -5.24 -16.03 11.24
O53 PIO E . -5.81 -16.22 9.02
H1 PIO E . -6.76 -21.10 10.40
H2 PIO E . -7.73 -21.96 12.33
H3 PIO E . -6.08 -20.33 12.64
H4 PIO E . -8.18 -18.53 12.77
H5 PIO E . -6.19 -18.54 10.84
H6 PIO E . -8.83 -19.25 10.35
H1C PIO E . -6.96 -24.92 7.88
H1CA PIO E . -6.71 -24.23 6.54
H3C PIO E . -3.82 -22.53 7.89
H3CA PIO E . -5.22 -22.08 7.48
H2A PIO E . -6.03 -26.87 9.44
H3A PIO E . -4.29 -28.29 9.81
H4A PIO E . -6.41 -28.34 11.42
H2AA PIO E . -5.86 -26.23 10.81
H3AA PIO E . -3.92 -27.55 11.10
H4AA PIO E . -5.19 -28.90 12.20
H2B PIO E . -3.09 -21.33 3.66
H2BA PIO E . -1.75 -21.28 4.44
H2C PIO E . -4.65 -24.78 7.30
HO2 PIO E . -9.23 -20.21 13.02
HO3 PIO E . -6.94 -21.16 14.42
HO6 PIO E . -7.27 -19.97 8.57
C1 PIO F . 22.65 -9.06 0.72
O1 PIO F . 22.85 -10.42 0.47
P1 PIO F . 23.65 -10.81 -0.90
C2 PIO F . 23.74 -8.58 1.64
O2 PIO F . 23.68 -9.31 2.83
C3 PIO F . 23.52 -7.11 1.96
O3 PIO F . 24.57 -6.65 2.77
C4 PIO F . 22.20 -6.95 2.69
O4 PIO F . 21.99 -5.60 2.96
P4 PIO F . 22.76 -4.95 4.27
C5 PIO F . 21.05 -7.44 1.83
O5 PIO F . 19.87 -7.41 2.56
P5 PIO F . 18.74 -6.29 2.15
C6 PIO F . 21.28 -8.88 1.38
O6 PIO F . 20.30 -9.25 0.47
O11 PIO F . 24.67 -9.81 -1.20
O12 PIO F . 24.46 -12.00 -0.71
O13 PIO F . 22.61 -10.98 -2.15
C1A PIO F . 25.49 -9.08 -4.32
O1A PIO F . 25.58 -8.43 -5.29
C1B PIO F . 20.06 -8.61 -5.37
O1B PIO F . 19.80 -7.78 -4.57
C1C PIO F . 23.16 -11.17 -3.41
C2A PIO F . 26.68 -9.92 -3.86
C2B PIO F . 19.23 -8.70 -6.65
C2C PIO F . 23.27 -9.85 -4.16
O2C PIO F . 24.30 -9.08 -3.58
C3A PIO F . 27.91 -9.59 -4.70
C3C PIO F . 21.96 -9.10 -4.08
O3C PIO F . 21.12 -9.50 -5.13
O41 PIO F . 22.63 -5.74 5.48
O42 PIO F . 24.21 -4.82 4.07
O43 PIO F . 22.30 -3.62 4.63
C4A PIO F . 29.14 -10.27 -4.11
O51 PIO F . 17.69 -6.12 3.15
O52 PIO F . 19.28 -4.96 1.94
O53 PIO F . 18.02 -6.59 0.92
H1 PIO F . 22.67 -8.58 -0.08
H2 PIO F . 24.57 -8.70 1.24
H3 PIO F . 23.49 -6.62 1.16
H4 PIO F . 22.22 -7.43 3.49
H5 PIO F . 20.97 -6.89 1.07
H6 PIO F . 21.25 -9.43 2.14
H1C PIO F . 24.01 -11.54 -3.32
H1CA PIO F . 22.62 -11.76 -3.92
H3C PIO F . 22.12 -8.18 -4.15
H3CA PIO F . 21.54 -9.27 -3.26
H2A PIO F . 26.48 -10.83 -3.97
H3A PIO F . 27.78 -9.89 -5.58
H4A PIO F . 28.88 -10.73 -3.32
H2AA PIO F . 26.87 -9.75 -2.96
H3AA PIO F . 28.04 -8.65 -4.70
H4AA PIO F . 29.78 -9.61 -3.89
H2B PIO F . 18.49 -9.28 -6.50
H2BA PIO F . 18.91 -7.84 -6.87
H2C PIO F . 23.49 -10.02 -5.06
HO2 PIO F . 23.74 -8.79 3.48
HO3 PIO F . 25.28 -7.01 2.51
HO6 PIO F . 20.64 -9.48 -0.25
C1 PIO G . 7.81 13.85 -18.66
O1 PIO G . 8.70 13.31 -19.56
P1 PIO G . 8.16 13.09 -21.10
C2 PIO G . 8.05 15.35 -18.57
O2 PIO G . 9.37 15.57 -18.17
C3 PIO G . 7.11 15.96 -17.56
O3 PIO G . 7.30 17.34 -17.54
C4 PIO G . 7.40 15.37 -16.19
O4 PIO G . 6.52 15.93 -15.26
P4 PIO G . 6.87 17.42 -14.67
C5 PIO G . 7.21 13.87 -16.20
O5 PIO G . 7.61 13.35 -14.97
P5 PIO G . 6.46 12.75 -13.98
C6 PIO G . 8.05 13.22 -17.29
O6 PIO G . 7.71 11.86 -17.37
O11 PIO G . 7.23 14.15 -21.47
O12 PIO G . 9.23 13.30 -22.06
O13 PIO G . 7.47 11.61 -21.25
C1A PIO G . 4.73 13.57 -23.54
O1A PIO G . 3.60 13.45 -23.88
C1B PIO G . 3.53 9.11 -20.45
O1B PIO G . 3.38 9.66 -19.41
C1C PIO G . 6.84 11.34 -22.47
C2A PIO G . 5.70 14.34 -24.43
C2B PIO G . 2.77 7.83 -20.73
C2C PIO G . 5.35 11.64 -22.38
O2C PIO G . 5.15 13.02 -22.32
C3A PIO G . 4.95 15.02 -25.57
C3C PIO G . 4.78 10.98 -21.12
O3C PIO G . 4.40 9.66 -21.40
O41 PIO G . 8.25 17.57 -14.22
O42 PIO G . 6.69 18.49 -15.65
O43 PIO G . 6.05 17.81 -13.53
C4A PIO G . 5.88 15.96 -26.32
O51 PIO G . 6.91 12.52 -12.62
O52 PIO G . 5.30 13.63 -13.83
O53 PIO G . 5.88 11.47 -14.39
H1 PIO G . 6.92 13.69 -18.93
H2 PIO G . 7.91 15.74 -19.42
H3 PIO G . 6.23 15.76 -17.80
H4 PIO G . 8.28 15.58 -15.95
H5 PIO G . 6.30 13.68 -16.35
H6 PIO G . 8.95 13.32 -17.07
H1C PIO G . 7.22 11.89 -23.13
H1CA PIO G . 6.97 10.43 -22.70
H3C PIO G . 4.02 11.46 -20.84
H3CA PIO G . 5.41 10.99 -20.43
H2A PIO G . 6.33 13.75 -24.79
H3A PIO G . 4.61 14.36 -26.16
H4A PIO G . 6.70 16.05 -25.83
H2AA PIO G . 6.14 15.00 -23.92
H3AA PIO G . 4.23 15.51 -25.22
H4AA PIO G . 5.47 16.80 -26.42
H2B PIO G . 3.21 7.11 -20.31
H2BA PIO G . 1.90 7.90 -20.35
H2C PIO G . 4.91 11.29 -23.13
HO2 PIO G . 9.37 16.16 -17.58
HO3 PIO G . 7.12 17.66 -18.29
HO6 PIO G . 7.37 11.70 -18.11
C1 PIO H . -22.50 2.46 -9.24
O1 PIO H . -22.67 2.46 -10.62
P1 PIO H . -23.49 1.19 -11.26
C2 PIO H . -23.59 3.31 -8.61
O2 PIO H . -23.50 4.61 -9.13
C3 PIO H . -23.40 3.35 -7.12
O3 PIO H . -24.45 4.09 -6.54
C4 PIO H . -22.08 4.01 -6.79
O4 PIO H . -21.90 4.04 -5.41
P4 PIO H . -22.67 5.22 -4.57
C5 PIO H . -20.93 3.22 -7.41
O5 PIO H . -19.74 3.93 -7.22
P5 PIO H . -18.65 3.29 -6.17
C6 PIO H . -21.13 3.06 -8.91
O6 PIO H . -20.14 2.20 -9.40
O11 PIO H . -24.54 0.74 -10.35
O12 PIO H . -24.27 1.60 -12.41
O13 PIO H . -22.46 -0.03 -11.62
C1A PIO H . -25.43 -2.43 -10.21
O1A PIO H . -25.55 -3.51 -9.73
C1B PIO H . -20.02 -3.66 -9.81
O1B PIO H . -19.78 -3.03 -8.84
C1C PIO H . -23.02 -1.23 -12.05
C2A PIO H . -26.59 -1.82 -10.98
C2B PIO H . -19.21 -4.92 -10.10
C2C PIO H . -23.19 -2.19 -10.88
O2C PIO H . -24.22 -1.74 -10.05
C3A PIO H . -27.83 -2.67 -10.82
C3C PIO H . -21.89 -2.28 -10.10
O3C PIO H . -21.05 -3.25 -10.66
O41 PIO H . -22.49 6.56 -5.12
O42 PIO H . -24.11 5.05 -4.50
O43 PIO H . -22.23 5.34 -3.18
C4A PIO H . -29.04 -1.95 -11.41
O51 PIO H . -17.59 4.22 -5.79
O52 PIO H . -19.22 2.86 -4.91
O53 PIO H . -17.93 2.12 -6.67
H1 PIO H . -22.55 1.58 -8.90
H2 PIO H . -24.43 2.94 -8.83
H3 PIO H . -23.40 2.48 -6.77
H4 PIO H . -22.07 4.88 -7.13
H5 PIO H . -20.87 2.39 -6.99
H6 PIO H . -21.07 3.89 -9.32
H1C PIO H . -23.87 -1.04 -12.42
H1CA PIO H . -22.48 -1.63 -12.71
H3C PIO H . -22.08 -2.51 -9.22
H3CA PIO H . -21.45 -1.45 -10.12
H2A PIO H . -26.37 -1.76 -11.89
H3A PIO H . -27.71 -3.49 -11.27
H4A PIO H . -28.78 -1.05 -11.63
H2AA PIO H . -26.76 -0.96 -10.65
H3AA PIO H . -27.99 -2.84 -9.91
H4AA PIO H . -29.74 -1.94 -10.78
H2B PIO H . -18.41 -4.68 -10.53
H2BA PIO H . -19.00 -5.35 -9.28
H2C PIO H . -23.41 -3.04 -11.21
HO2 PIO H . -23.57 5.15 -8.50
HO3 PIO H . -25.18 3.73 -6.74
HO6 PIO H . -20.50 1.50 -9.70
#